data_1B4N
#
_entry.id   1B4N
#
_cell.length_a   100.400
_cell.length_b   170.500
_cell.length_c   180.700
_cell.angle_alpha   90.00
_cell.angle_beta   90.00
_cell.angle_gamma   90.00
#
_symmetry.space_group_name_H-M   'P 21 21 21'
#
loop_
_entity.id
_entity.type
_entity.pdbx_description
1 polymer 'FORMALDEHYDE FERREDOXIN OXIDOREDUCTASE'
2 non-polymer 'CALCIUM ION'
3 non-polymer 'IRON/SULFUR CLUSTER'
4 non-polymer 'GLUTARIC ACID'
5 non-polymer 'TUNGSTOPTERIN COFACTOR'
6 water water
#
_entity_poly.entity_id   1
_entity_poly.type   'polypeptide(L)'
_entity_poly.pdbx_seq_one_letter_code
;MYGWWGRILRVNLTTGEVKVQEYPEEVAKKFIGGRGLAAWILWNEARGVEPLSPENKLIFAAGPFNGLPTPSGGKLVVAA
KSPLTGGYGDGNLGTMASVHLRRAGYDALVVEGKAKKPVYIYIEDDNVSILSAEGLWGKTTFETERELKEIHGKNVGVLT
IGPAGENLVKYAVVISQEGRAAGRPGMGAVMGSKKLKAVVIRGTKEIPVADKEELKKLSQEAYNEILNSPGYPFWKRQGT
MAAVEWCNTNYALPTRNFSDGYFEFARSIDGYTMEGMKVQQRGCPYCNMPCGNVVLDAEGQESELDYENVALLGSNLGIG
KLNEVSVLNRIADEMGMDTISLGVSIAHVMEAVERGILKEGPTFGDFKGAKQLALDIAYRKGELGNLAAEGVKAMAEKLG
THDFAMHVKGLEVSGYNCYIYPAMALAYGTSAIGAHHKEAWVIAWEIGTAPIEGEKAEKVEYKISYDPIKAQKVVELQRL
RGGLFEMLTACRLPWVEVGLSLDYYPKLLKAITGVTYTWDDLYKAADRVYSLIRAYWVREFNGKWDRKMDYPPKRWFTEG
LKSGPHKGEHLDEKKYDELLSEYYRIRGWDERGIPKKETLKELDLDFVIPELEKVTNLE
;
_entity_poly.pdbx_strand_id   A,B,C,D
#
loop_
_chem_comp.id
_chem_comp.type
_chem_comp.name
_chem_comp.formula
CA non-polymer 'CALCIUM ION' 'Ca 2'
GUA non-polymer 'GLUTARIC ACID' 'C5 H8 O4'
PTE non-polymer 'TUNGSTOPTERIN COFACTOR' 'C20 H29 Mg N10 O14 P2 S4 W'
SF4 non-polymer 'IRON/SULFUR CLUSTER' 'Fe4 S4'
#
# COMPACT_ATOMS: atom_id res chain seq x y z
N MET A 1 35.88 -25.10 -37.42
CA MET A 1 35.39 -25.71 -36.15
C MET A 1 33.90 -25.48 -36.06
N TYR A 2 33.16 -26.49 -35.63
CA TYR A 2 31.72 -26.36 -35.51
C TYR A 2 31.30 -26.54 -34.06
N GLY A 3 30.10 -26.08 -33.72
CA GLY A 3 29.64 -26.21 -32.35
C GLY A 3 30.42 -25.28 -31.43
N TRP A 4 31.57 -25.72 -30.96
CA TRP A 4 32.40 -24.91 -30.07
C TRP A 4 32.83 -23.64 -30.79
N TRP A 5 33.11 -22.60 -30.00
CA TRP A 5 33.58 -21.33 -30.56
C TRP A 5 35.07 -21.43 -30.50
N GLY A 6 35.55 -22.07 -29.44
CA GLY A 6 36.98 -22.22 -29.22
C GLY A 6 37.48 -20.98 -28.53
N ARG A 7 36.55 -20.22 -27.94
CA ARG A 7 36.87 -18.98 -27.24
C ARG A 7 36.39 -18.99 -25.79
N ILE A 8 37.20 -18.43 -24.92
CA ILE A 8 36.90 -18.33 -23.50
C ILE A 8 37.10 -16.88 -23.06
N LEU A 9 36.02 -16.22 -22.67
CA LEU A 9 36.07 -14.84 -22.22
C LEU A 9 36.75 -14.77 -20.85
N ARG A 10 37.79 -13.96 -20.74
CA ARG A 10 38.50 -13.83 -19.47
C ARG A 10 38.32 -12.44 -18.88
N VAL A 11 37.87 -12.40 -17.62
CA VAL A 11 37.63 -11.15 -16.91
C VAL A 11 38.43 -11.04 -15.61
N ASN A 12 39.36 -10.08 -15.57
CA ASN A 12 40.17 -9.86 -14.36
C ASN A 12 39.65 -8.65 -13.58
N LEU A 13 39.03 -8.89 -12.42
CA LEU A 13 38.47 -7.79 -11.63
C LEU A 13 39.50 -7.00 -10.86
N THR A 14 40.75 -7.45 -10.86
CA THR A 14 41.78 -6.71 -10.17
C THR A 14 42.40 -5.70 -11.11
N THR A 15 42.71 -6.14 -12.32
CA THR A 15 43.32 -5.29 -13.32
C THR A 15 42.27 -4.61 -14.17
N GLY A 16 41.04 -5.12 -14.10
CA GLY A 16 39.97 -4.55 -14.89
C GLY A 16 40.08 -4.92 -16.36
N GLU A 17 41.05 -5.77 -16.68
CA GLU A 17 41.28 -6.19 -18.05
C GLU A 17 40.33 -7.29 -18.51
N VAL A 18 39.83 -7.16 -19.74
CA VAL A 18 38.90 -8.13 -20.32
C VAL A 18 39.47 -8.63 -21.65
N LYS A 19 39.75 -9.93 -21.73
CA LYS A 19 40.29 -10.49 -22.97
C LYS A 19 39.61 -11.81 -23.29
N VAL A 20 39.73 -12.21 -24.54
CA VAL A 20 39.16 -13.46 -24.99
C VAL A 20 40.30 -14.45 -25.22
N GLN A 21 40.20 -15.60 -24.58
CA GLN A 21 41.19 -16.64 -24.73
C GLN A 21 40.73 -17.60 -25.83
N GLU A 22 41.65 -17.92 -26.75
CA GLU A 22 41.35 -18.86 -27.84
C GLU A 22 42.08 -20.14 -27.51
N TYR A 23 41.34 -21.21 -27.24
CA TYR A 23 41.99 -22.48 -26.95
C TYR A 23 41.90 -23.40 -28.17
N PRO A 24 42.70 -24.48 -28.19
CA PRO A 24 42.75 -25.45 -29.29
C PRO A 24 41.51 -26.33 -29.49
N GLU A 25 41.20 -26.63 -30.75
CA GLU A 25 40.05 -27.48 -31.04
C GLU A 25 40.21 -28.83 -30.37
N GLU A 26 41.41 -29.37 -30.40
CA GLU A 26 41.64 -30.68 -29.79
C GLU A 26 41.24 -30.67 -28.31
N VAL A 27 41.35 -29.52 -27.67
CA VAL A 27 40.99 -29.43 -26.25
C VAL A 27 39.49 -29.45 -26.07
N ALA A 28 38.78 -28.97 -27.08
CA ALA A 28 37.33 -28.95 -27.08
C ALA A 28 36.89 -30.41 -27.15
N LYS A 29 37.37 -31.12 -28.18
CA LYS A 29 37.05 -32.54 -28.39
C LYS A 29 37.48 -33.36 -27.18
N LYS A 30 38.62 -33.00 -26.61
CA LYS A 30 39.16 -33.68 -25.45
C LYS A 30 38.27 -33.57 -24.20
N PHE A 31 37.74 -32.37 -23.95
CA PHE A 31 36.89 -32.19 -22.76
C PHE A 31 35.45 -31.80 -23.02
N ILE A 32 35.09 -31.68 -24.28
CA ILE A 32 33.73 -31.35 -24.72
C ILE A 32 33.16 -30.03 -24.18
N GLY A 33 33.38 -29.74 -22.90
CA GLY A 33 32.86 -28.51 -22.34
C GLY A 33 32.45 -28.69 -20.91
N GLY A 34 31.75 -27.69 -20.38
CA GLY A 34 31.27 -27.72 -19.02
C GLY A 34 32.28 -28.10 -17.95
N ARG A 35 31.96 -29.14 -17.18
CA ARG A 35 32.82 -29.61 -16.10
C ARG A 35 34.16 -30.04 -16.66
N GLY A 36 34.13 -30.52 -17.91
CA GLY A 36 35.36 -30.94 -18.57
C GLY A 36 36.30 -29.77 -18.73
N LEU A 37 35.86 -28.76 -19.47
CA LEU A 37 36.65 -27.55 -19.69
C LEU A 37 37.03 -26.98 -18.33
N ALA A 38 36.06 -26.88 -17.44
CA ALA A 38 36.31 -26.34 -16.12
C ALA A 38 37.48 -27.10 -15.46
N ALA A 39 37.41 -28.42 -15.46
CA ALA A 39 38.46 -29.25 -14.87
C ALA A 39 39.81 -28.93 -15.50
N TRP A 40 39.80 -28.76 -16.81
CA TRP A 40 41.01 -28.43 -17.57
C TRP A 40 41.61 -27.10 -17.09
N ILE A 41 40.76 -26.08 -17.04
CA ILE A 41 41.17 -24.74 -16.60
C ILE A 41 41.67 -24.67 -15.15
N LEU A 42 41.00 -25.36 -14.24
CA LEU A 42 41.40 -25.33 -12.82
C LEU A 42 42.71 -26.05 -12.56
N TRP A 43 42.99 -27.09 -13.34
CA TRP A 43 44.23 -27.82 -13.16
C TRP A 43 45.35 -26.81 -13.43
N ASN A 44 45.27 -26.17 -14.59
CA ASN A 44 46.25 -25.19 -15.03
C ASN A 44 46.31 -23.86 -14.27
N GLU A 45 45.18 -23.18 -14.22
CA GLU A 45 45.05 -21.86 -13.58
C GLU A 45 44.83 -21.75 -12.07
N ALA A 46 44.40 -22.81 -11.40
CA ALA A 46 44.15 -22.72 -9.96
C ALA A 46 45.02 -23.68 -9.15
N ARG A 47 46.32 -23.51 -9.27
CA ARG A 47 47.26 -24.39 -8.58
C ARG A 47 47.64 -23.88 -7.19
N GLY A 48 47.31 -24.67 -6.18
CA GLY A 48 47.65 -24.33 -4.81
C GLY A 48 47.11 -23.02 -4.28
N VAL A 49 46.20 -22.38 -5.01
CA VAL A 49 45.63 -21.10 -4.57
C VAL A 49 44.55 -21.27 -3.49
N GLU A 50 44.38 -20.24 -2.67
CA GLU A 50 43.36 -20.23 -1.62
C GLU A 50 42.00 -20.08 -2.32
N PRO A 51 40.99 -20.89 -1.91
CA PRO A 51 39.66 -20.79 -2.55
C PRO A 51 38.97 -19.43 -2.48
N LEU A 52 39.32 -18.61 -1.50
CA LEU A 52 38.72 -17.30 -1.35
C LEU A 52 39.70 -16.16 -1.62
N SER A 53 40.89 -16.53 -2.08
CA SER A 53 41.90 -15.54 -2.40
C SER A 53 41.52 -15.08 -3.79
N PRO A 54 42.05 -13.93 -4.23
CA PRO A 54 41.71 -13.44 -5.56
C PRO A 54 42.31 -14.27 -6.71
N GLU A 55 43.19 -15.21 -6.37
CA GLU A 55 43.83 -16.05 -7.39
C GLU A 55 42.95 -17.19 -7.90
N ASN A 56 41.88 -17.48 -7.15
CA ASN A 56 40.95 -18.53 -7.54
C ASN A 56 40.21 -18.14 -8.81
N LYS A 57 39.77 -19.13 -9.57
CA LYS A 57 39.05 -18.86 -10.81
C LYS A 57 37.60 -19.33 -10.75
N LEU A 58 36.68 -18.46 -11.16
CA LEU A 58 35.27 -18.79 -11.18
C LEU A 58 34.97 -19.02 -12.63
N ILE A 59 34.56 -20.23 -12.95
CA ILE A 59 34.27 -20.54 -14.32
C ILE A 59 32.83 -20.87 -14.57
N PHE A 60 32.29 -20.21 -15.59
CA PHE A 60 30.93 -20.44 -16.01
C PHE A 60 31.21 -21.11 -17.34
N ALA A 61 31.17 -22.43 -17.31
CA ALA A 61 31.45 -23.25 -18.47
C ALA A 61 30.17 -23.77 -19.12
N ALA A 62 30.06 -23.51 -20.42
CA ALA A 62 28.91 -23.98 -21.17
C ALA A 62 29.35 -25.20 -22.00
N GLY A 63 28.53 -25.57 -22.98
CA GLY A 63 28.87 -26.70 -23.81
C GLY A 63 28.32 -26.51 -25.20
N PRO A 64 28.79 -27.30 -26.18
CA PRO A 64 28.34 -27.22 -27.58
C PRO A 64 26.83 -27.29 -27.69
N PHE A 65 26.20 -27.91 -26.70
CA PHE A 65 24.76 -28.06 -26.70
C PHE A 65 24.06 -26.73 -26.39
N ASN A 66 24.74 -25.90 -25.61
CA ASN A 66 24.22 -24.62 -25.16
C ASN A 66 24.18 -23.50 -26.21
N GLY A 67 23.15 -22.66 -26.11
CA GLY A 67 22.99 -21.57 -27.06
C GLY A 67 22.14 -22.02 -28.22
N LEU A 68 22.09 -23.33 -28.43
CA LEU A 68 21.31 -23.90 -29.52
C LEU A 68 20.09 -24.57 -28.94
N PRO A 69 19.03 -24.75 -29.75
CA PRO A 69 17.78 -25.38 -29.33
C PRO A 69 17.88 -26.90 -29.30
N THR A 70 18.35 -27.42 -28.17
CA THR A 70 18.49 -28.86 -27.98
C THR A 70 17.64 -29.17 -26.74
N PRO A 71 16.97 -30.35 -26.71
CA PRO A 71 16.12 -30.78 -25.60
C PRO A 71 16.66 -30.53 -24.20
N SER A 72 16.03 -29.60 -23.48
CA SER A 72 16.44 -29.25 -22.13
C SER A 72 17.95 -29.00 -21.99
N GLY A 73 18.53 -28.34 -22.98
CA GLY A 73 19.96 -28.06 -22.95
C GLY A 73 20.33 -26.61 -22.59
N GLY A 74 19.58 -26.02 -21.66
CA GLY A 74 19.88 -24.66 -21.26
C GLY A 74 20.56 -24.64 -19.91
N LYS A 75 21.42 -25.62 -19.67
CA LYS A 75 22.14 -25.73 -18.39
C LYS A 75 23.48 -25.00 -18.44
N LEU A 76 24.19 -24.99 -17.32
CA LEU A 76 25.47 -24.30 -17.24
C LEU A 76 26.22 -24.77 -16.00
N VAL A 77 27.54 -24.81 -16.09
CA VAL A 77 28.35 -25.25 -14.96
C VAL A 77 29.07 -24.05 -14.34
N VAL A 78 29.23 -24.08 -13.04
CA VAL A 78 29.94 -23.02 -12.32
C VAL A 78 31.01 -23.74 -11.52
N ALA A 79 32.29 -23.43 -11.75
CA ALA A 79 33.35 -24.12 -11.04
C ALA A 79 34.43 -23.21 -10.52
N ALA A 80 35.20 -23.74 -9.57
CA ALA A 80 36.29 -23.02 -8.94
C ALA A 80 36.82 -23.92 -7.83
N LYS A 81 37.99 -23.63 -7.30
CA LYS A 81 38.50 -24.43 -6.21
C LYS A 81 37.52 -24.13 -5.06
N SER A 82 36.97 -25.18 -4.45
CA SER A 82 35.98 -25.03 -3.38
C SER A 82 36.49 -24.58 -2.00
N PRO A 83 35.86 -23.53 -1.41
CA PRO A 83 36.21 -22.98 -0.09
C PRO A 83 35.65 -23.90 0.99
N LEU A 84 34.70 -24.73 0.58
CA LEU A 84 34.04 -25.69 1.46
C LEU A 84 34.84 -27.00 1.55
N THR A 85 35.25 -27.54 0.40
CA THR A 85 35.99 -28.81 0.37
C THR A 85 37.52 -28.66 0.28
N GLY A 86 37.96 -27.73 -0.55
CA GLY A 86 39.38 -27.52 -0.73
C GLY A 86 39.84 -28.22 -1.99
N GLY A 87 38.92 -28.94 -2.61
CA GLY A 87 39.25 -29.65 -3.83
C GLY A 87 38.49 -29.06 -4.98
N TYR A 88 38.14 -29.88 -5.97
CA TYR A 88 37.40 -29.38 -7.11
C TYR A 88 35.94 -29.27 -6.72
N GLY A 89 35.31 -28.18 -7.11
CA GLY A 89 33.91 -28.02 -6.79
C GLY A 89 33.21 -27.44 -7.99
N ASP A 90 32.00 -27.90 -8.28
CA ASP A 90 31.27 -27.33 -9.39
C ASP A 90 29.77 -27.56 -9.21
N GLY A 91 28.96 -26.90 -10.03
CA GLY A 91 27.53 -27.05 -9.92
C GLY A 91 26.89 -26.75 -11.25
N ASN A 92 25.60 -27.02 -11.34
CA ASN A 92 24.88 -26.82 -12.58
C ASN A 92 23.58 -26.07 -12.31
N LEU A 93 23.14 -25.28 -13.28
CA LEU A 93 21.89 -24.54 -13.14
C LEU A 93 21.32 -24.24 -14.50
N GLY A 94 19.99 -24.27 -14.60
CA GLY A 94 19.32 -23.95 -15.85
C GLY A 94 19.12 -22.45 -15.77
N THR A 95 19.39 -21.74 -16.87
CA THR A 95 19.26 -20.29 -16.87
C THR A 95 19.52 -19.76 -18.25
N MET A 96 18.92 -18.62 -18.58
CA MET A 96 19.11 -18.00 -19.89
C MET A 96 20.55 -17.53 -20.03
N ALA A 97 21.28 -17.47 -18.93
CA ALA A 97 22.67 -17.04 -18.98
C ALA A 97 23.42 -18.03 -19.89
N SER A 98 23.03 -19.29 -19.83
CA SER A 98 23.65 -20.35 -20.64
C SER A 98 23.40 -20.15 -22.13
N VAL A 99 22.16 -19.86 -22.49
CA VAL A 99 21.80 -19.62 -23.88
C VAL A 99 22.46 -18.36 -24.43
N HIS A 100 22.35 -17.26 -23.66
CA HIS A 100 22.91 -15.96 -24.05
C HIS A 100 24.43 -15.90 -24.06
N LEU A 101 25.10 -16.67 -23.21
CA LEU A 101 26.56 -16.65 -23.19
C LEU A 101 27.17 -17.29 -24.42
N ARG A 102 26.60 -18.43 -24.85
CA ARG A 102 27.11 -19.14 -26.00
C ARG A 102 26.71 -18.43 -27.29
N ARG A 103 25.58 -17.72 -27.26
CA ARG A 103 25.10 -16.97 -28.41
C ARG A 103 25.80 -15.61 -28.49
N ALA A 104 26.61 -15.34 -27.47
CA ALA A 104 27.39 -14.11 -27.39
C ALA A 104 28.80 -14.39 -27.92
N GLY A 105 29.02 -15.63 -28.34
CA GLY A 105 30.31 -16.02 -28.90
C GLY A 105 31.32 -16.66 -27.98
N TYR A 106 30.89 -17.14 -26.81
CA TYR A 106 31.83 -17.75 -25.87
C TYR A 106 31.37 -19.14 -25.44
N ASP A 107 32.34 -20.00 -25.14
CA ASP A 107 32.06 -21.35 -24.70
C ASP A 107 32.10 -21.33 -23.19
N ALA A 108 32.76 -20.33 -22.63
CA ALA A 108 32.87 -20.19 -21.18
C ALA A 108 33.29 -18.78 -20.80
N LEU A 109 33.24 -18.50 -19.50
CA LEU A 109 33.65 -17.21 -18.96
C LEU A 109 34.41 -17.49 -17.68
N VAL A 110 35.64 -16.99 -17.60
CA VAL A 110 36.44 -17.20 -16.41
C VAL A 110 36.63 -15.85 -15.75
N VAL A 111 36.61 -15.84 -14.43
CA VAL A 111 36.76 -14.61 -13.68
C VAL A 111 37.83 -14.75 -12.61
N GLU A 112 38.86 -13.90 -12.67
CA GLU A 112 39.92 -13.95 -11.68
C GLU A 112 40.11 -12.59 -11.00
N GLY A 113 40.98 -12.56 -10.00
CA GLY A 113 41.20 -11.32 -9.30
C GLY A 113 39.98 -11.00 -8.45
N LYS A 114 39.89 -9.75 -8.01
CA LYS A 114 38.79 -9.32 -7.19
C LYS A 114 38.68 -7.82 -7.29
N ALA A 115 37.45 -7.32 -7.31
CA ALA A 115 37.19 -5.90 -7.41
C ALA A 115 37.53 -5.21 -6.09
N LYS A 116 37.85 -3.92 -6.15
CA LYS A 116 38.18 -3.19 -4.94
C LYS A 116 36.86 -2.85 -4.27
N LYS A 117 35.78 -2.92 -5.05
CA LYS A 117 34.42 -2.64 -4.55
C LYS A 117 33.38 -3.44 -5.36
N PRO A 118 32.17 -3.62 -4.80
CA PRO A 118 31.10 -4.37 -5.48
C PRO A 118 30.91 -4.03 -6.95
N VAL A 119 30.92 -5.05 -7.80
CA VAL A 119 30.77 -4.89 -9.24
C VAL A 119 29.97 -6.03 -9.84
N TYR A 120 29.54 -5.83 -11.09
CA TYR A 120 28.82 -6.87 -11.82
C TYR A 120 29.36 -6.88 -13.24
N ILE A 121 29.35 -8.04 -13.87
CA ILE A 121 29.87 -8.11 -15.22
C ILE A 121 28.74 -8.00 -16.19
N TYR A 122 28.98 -7.23 -17.24
CA TYR A 122 27.97 -7.03 -18.27
C TYR A 122 28.50 -7.62 -19.57
N ILE A 123 27.69 -8.44 -20.23
CA ILE A 123 28.11 -9.07 -21.47
C ILE A 123 27.02 -9.07 -22.52
N GLU A 124 27.22 -8.31 -23.58
CA GLU A 124 26.27 -8.27 -24.69
C GLU A 124 27.11 -8.48 -25.96
N ASP A 125 27.17 -9.72 -26.43
CA ASP A 125 27.96 -10.08 -27.61
C ASP A 125 29.45 -9.72 -27.43
N ASP A 126 29.99 -8.79 -28.22
CA ASP A 126 31.40 -8.42 -28.06
C ASP A 126 31.63 -7.27 -27.10
N ASN A 127 30.54 -6.74 -26.57
CA ASN A 127 30.61 -5.63 -25.62
C ASN A 127 30.60 -6.16 -24.18
N VAL A 128 31.76 -6.12 -23.54
CA VAL A 128 31.90 -6.62 -22.17
C VAL A 128 32.48 -5.52 -21.27
N SER A 129 31.78 -5.23 -20.18
CA SER A 129 32.20 -4.19 -19.25
C SER A 129 32.03 -4.63 -17.82
N ILE A 130 32.85 -4.07 -16.94
CA ILE A 130 32.80 -4.34 -15.51
C ILE A 130 32.19 -3.07 -14.90
N LEU A 131 30.93 -3.17 -14.50
CA LEU A 131 30.19 -2.06 -13.95
C LEU A 131 30.04 -2.08 -12.44
N SER A 132 29.79 -0.90 -11.88
CA SER A 132 29.62 -0.76 -10.42
C SER A 132 28.31 -1.36 -9.94
N ALA A 133 28.38 -2.09 -8.84
CA ALA A 133 27.19 -2.72 -8.27
C ALA A 133 26.96 -2.26 -6.84
N GLU A 134 27.67 -1.22 -6.43
CA GLU A 134 27.57 -0.67 -5.07
C GLU A 134 26.17 -0.53 -4.53
N GLY A 135 25.21 -0.29 -5.44
CA GLY A 135 23.83 -0.13 -5.04
C GLY A 135 23.07 -1.43 -4.94
N LEU A 136 23.63 -2.50 -5.49
CA LEU A 136 22.97 -3.80 -5.44
C LEU A 136 23.43 -4.58 -4.22
N TRP A 137 24.68 -4.40 -3.82
CA TRP A 137 25.20 -5.13 -2.68
C TRP A 137 24.24 -5.12 -1.50
N GLY A 138 24.01 -6.29 -0.92
CA GLY A 138 23.11 -6.41 0.21
C GLY A 138 21.73 -6.89 -0.20
N LYS A 139 21.39 -6.74 -1.47
CA LYS A 139 20.07 -7.17 -1.96
C LYS A 139 19.96 -8.66 -2.26
N THR A 140 18.75 -9.18 -2.08
CA THR A 140 18.51 -10.60 -2.33
C THR A 140 18.73 -10.90 -3.80
N THR A 141 18.83 -12.18 -4.13
CA THR A 141 19.02 -12.60 -5.50
C THR A 141 17.84 -12.16 -6.36
N PHE A 142 16.63 -12.38 -5.87
CA PHE A 142 15.42 -12.03 -6.59
C PHE A 142 15.37 -10.57 -7.01
N GLU A 143 15.61 -9.70 -6.04
CA GLU A 143 15.59 -8.26 -6.25
C GLU A 143 16.68 -7.82 -7.19
N THR A 144 17.89 -8.31 -6.94
CA THR A 144 19.05 -8.00 -7.77
C THR A 144 18.72 -8.20 -9.26
N GLU A 145 18.28 -9.41 -9.59
CA GLU A 145 17.95 -9.75 -10.97
C GLU A 145 16.86 -8.88 -11.54
N ARG A 146 15.85 -8.61 -10.71
CA ARG A 146 14.70 -7.78 -11.05
C ARG A 146 15.13 -6.34 -11.39
N GLU A 147 15.94 -5.75 -10.53
CA GLU A 147 16.43 -4.40 -10.76
C GLU A 147 17.26 -4.33 -12.04
N LEU A 148 18.14 -5.32 -12.24
CA LEU A 148 19.00 -5.38 -13.44
C LEU A 148 18.18 -5.53 -14.73
N LYS A 149 17.11 -6.30 -14.70
CA LYS A 149 16.28 -6.43 -15.88
C LYS A 149 15.46 -5.14 -16.09
N GLU A 150 15.20 -4.42 -15.01
CA GLU A 150 14.43 -3.17 -15.10
C GLU A 150 15.29 -2.14 -15.82
N ILE A 151 16.59 -2.38 -15.80
CA ILE A 151 17.56 -1.51 -16.44
C ILE A 151 17.78 -1.92 -17.90
N HIS A 152 18.39 -3.10 -18.07
CA HIS A 152 18.75 -3.60 -19.39
C HIS A 152 17.66 -4.28 -20.22
N GLY A 153 16.61 -4.78 -19.56
CA GLY A 153 15.55 -5.42 -20.30
C GLY A 153 15.39 -6.88 -19.91
N LYS A 154 14.27 -7.49 -20.29
CA LYS A 154 14.00 -8.89 -19.95
C LYS A 154 14.83 -9.91 -20.73
N ASN A 155 15.24 -9.54 -21.95
CA ASN A 155 16.04 -10.42 -22.81
C ASN A 155 17.51 -10.54 -22.43
N VAL A 156 17.76 -10.92 -21.18
CA VAL A 156 19.12 -11.10 -20.71
C VAL A 156 19.11 -12.23 -19.69
N GLY A 157 20.22 -12.93 -19.58
CA GLY A 157 20.31 -14.01 -18.61
C GLY A 157 21.02 -13.39 -17.44
N VAL A 158 20.57 -13.65 -16.22
CA VAL A 158 21.21 -13.05 -15.07
C VAL A 158 21.62 -14.05 -14.02
N LEU A 159 22.83 -13.86 -13.50
CA LEU A 159 23.40 -14.73 -12.46
C LEU A 159 23.75 -13.83 -11.29
N THR A 160 23.36 -14.24 -10.09
CA THR A 160 23.60 -13.41 -8.92
C THR A 160 23.90 -14.19 -7.65
N ILE A 161 24.34 -13.47 -6.64
CA ILE A 161 24.56 -14.06 -5.34
C ILE A 161 23.73 -13.21 -4.40
N GLY A 162 23.42 -13.76 -3.23
CA GLY A 162 22.65 -13.02 -2.25
C GLY A 162 23.57 -12.74 -1.08
N PRO A 163 23.05 -12.16 0.01
CA PRO A 163 23.89 -11.87 1.17
C PRO A 163 24.77 -13.04 1.60
N ALA A 164 24.23 -14.25 1.52
CA ALA A 164 24.98 -15.45 1.89
C ALA A 164 26.28 -15.51 1.10
N GLY A 165 26.18 -15.35 -0.23
CA GLY A 165 27.37 -15.34 -1.06
C GLY A 165 28.28 -14.22 -0.60
N GLU A 166 27.69 -13.04 -0.39
CA GLU A 166 28.38 -11.83 0.05
C GLU A 166 29.13 -12.02 1.36
N ASN A 167 28.48 -12.68 2.31
CA ASN A 167 29.10 -12.92 3.61
C ASN A 167 29.97 -14.16 3.61
N LEU A 168 30.24 -14.66 2.41
CA LEU A 168 31.08 -15.84 2.22
C LEU A 168 30.66 -17.07 3.01
N VAL A 169 29.35 -17.32 3.08
CA VAL A 169 28.85 -18.49 3.78
C VAL A 169 29.39 -19.65 2.93
N LYS A 170 30.15 -20.54 3.57
CA LYS A 170 30.82 -21.67 2.91
C LYS A 170 30.12 -22.41 1.77
N TYR A 171 28.81 -22.63 1.90
CA TYR A 171 28.06 -23.33 0.86
C TYR A 171 27.12 -22.39 0.11
N ALA A 172 27.60 -21.17 -0.17
CA ALA A 172 26.79 -20.21 -0.90
C ALA A 172 26.75 -20.62 -2.37
N VAL A 173 25.61 -20.43 -3.01
CA VAL A 173 25.45 -20.81 -4.40
C VAL A 173 25.15 -19.60 -5.28
N VAL A 174 25.00 -19.85 -6.57
CA VAL A 174 24.71 -18.80 -7.54
C VAL A 174 23.26 -19.04 -7.95
N ILE A 175 22.48 -17.96 -8.06
CA ILE A 175 21.06 -18.07 -8.40
C ILE A 175 20.68 -17.40 -9.70
N SER A 176 19.59 -17.89 -10.30
CA SER A 176 19.05 -17.34 -11.54
C SER A 176 17.54 -17.58 -11.60
N GLN A 177 16.81 -16.65 -12.21
CA GLN A 177 15.37 -16.74 -12.34
C GLN A 177 14.70 -17.25 -11.08
N GLU A 178 15.03 -16.64 -9.95
CA GLU A 178 14.46 -17.03 -8.65
C GLU A 178 14.15 -18.51 -8.55
N GLY A 179 15.11 -19.32 -8.13
CA GLY A 179 14.83 -20.74 -8.03
C GLY A 179 15.93 -21.64 -8.55
N ARG A 180 16.53 -21.30 -9.69
CA ARG A 180 17.62 -22.13 -10.22
C ARG A 180 18.90 -21.80 -9.47
N ALA A 181 19.57 -22.83 -8.95
CA ALA A 181 20.82 -22.60 -8.23
C ALA A 181 21.96 -23.43 -8.82
N ALA A 182 23.19 -23.09 -8.44
CA ALA A 182 24.36 -23.82 -8.91
C ALA A 182 25.60 -23.61 -8.04
N GLY A 183 26.24 -24.71 -7.64
CA GLY A 183 27.45 -24.59 -6.86
C GLY A 183 27.46 -24.90 -5.39
N ARG A 184 26.86 -26.03 -4.99
CA ARG A 184 26.85 -26.38 -3.57
C ARG A 184 28.19 -26.23 -2.85
N PRO A 185 29.31 -26.63 -3.48
CA PRO A 185 30.60 -26.49 -2.79
C PRO A 185 31.07 -25.07 -2.47
N GLY A 186 30.24 -24.07 -2.77
CA GLY A 186 30.61 -22.71 -2.45
C GLY A 186 30.98 -21.83 -3.62
N MET A 187 30.39 -22.08 -4.77
CA MET A 187 30.70 -21.28 -5.95
C MET A 187 30.24 -19.85 -5.69
N GLY A 188 29.23 -19.73 -4.83
CA GLY A 188 28.68 -18.43 -4.49
C GLY A 188 29.60 -17.62 -3.61
N ALA A 189 30.26 -18.31 -2.67
CA ALA A 189 31.19 -17.66 -1.77
C ALA A 189 32.46 -17.26 -2.51
N VAL A 190 32.74 -17.95 -3.61
CA VAL A 190 33.91 -17.60 -4.38
C VAL A 190 33.53 -16.33 -5.15
N MET A 191 32.37 -16.36 -5.79
CA MET A 191 31.90 -15.19 -6.53
C MET A 191 31.87 -14.01 -5.56
N GLY A 192 31.50 -14.30 -4.33
CA GLY A 192 31.44 -13.26 -3.31
C GLY A 192 32.79 -12.74 -2.88
N SER A 193 33.76 -13.63 -2.72
CA SER A 193 35.09 -13.21 -2.31
C SER A 193 35.68 -12.24 -3.34
N LYS A 194 35.13 -12.27 -4.56
CA LYS A 194 35.62 -11.40 -5.64
C LYS A 194 34.82 -10.10 -5.73
N LYS A 195 33.88 -9.93 -4.80
CA LYS A 195 33.03 -8.76 -4.75
C LYS A 195 32.22 -8.65 -6.03
N LEU A 196 32.01 -9.79 -6.70
CA LEU A 196 31.24 -9.85 -7.94
C LEU A 196 29.80 -10.12 -7.54
N LYS A 197 28.93 -9.14 -7.74
CA LYS A 197 27.54 -9.32 -7.33
C LYS A 197 26.64 -10.04 -8.33
N ALA A 198 26.95 -9.92 -9.61
CA ALA A 198 26.11 -10.56 -10.60
C ALA A 198 26.78 -10.60 -11.95
N VAL A 199 26.05 -11.16 -12.91
CA VAL A 199 26.51 -11.31 -14.27
C VAL A 199 25.25 -11.21 -15.15
N VAL A 200 25.28 -10.30 -16.11
CA VAL A 200 24.19 -10.07 -17.05
C VAL A 200 24.75 -10.38 -18.44
N ILE A 201 24.10 -11.28 -19.17
CA ILE A 201 24.58 -11.67 -20.49
C ILE A 201 23.50 -11.63 -21.55
N ARG A 202 23.86 -11.20 -22.75
CA ARG A 202 22.94 -11.11 -23.89
C ARG A 202 23.68 -11.55 -25.16
N GLY A 203 23.14 -12.56 -25.85
CA GLY A 203 23.77 -13.05 -27.06
C GLY A 203 22.83 -13.03 -28.23
N THR A 204 23.37 -12.77 -29.43
CA THR A 204 22.57 -12.69 -30.66
C THR A 204 23.28 -13.30 -31.85
N LYS A 205 24.50 -13.75 -31.65
CA LYS A 205 25.25 -14.32 -32.75
C LYS A 205 24.67 -15.65 -33.18
N GLU A 206 24.89 -15.98 -34.44
CA GLU A 206 24.43 -17.24 -34.98
C GLU A 206 25.56 -18.22 -34.69
N ILE A 207 25.22 -19.35 -34.05
CA ILE A 207 26.23 -20.34 -33.72
C ILE A 207 26.38 -21.33 -34.88
N PRO A 208 27.64 -21.58 -35.29
CA PRO A 208 27.95 -22.51 -36.39
C PRO A 208 27.63 -23.96 -36.08
N VAL A 209 26.74 -24.53 -36.88
CA VAL A 209 26.34 -25.90 -36.69
C VAL A 209 26.72 -26.67 -37.95
N ALA A 210 27.39 -27.81 -37.77
CA ALA A 210 27.82 -28.67 -38.88
C ALA A 210 26.63 -29.11 -39.74
N ASP A 211 25.65 -29.76 -39.11
CA ASP A 211 24.46 -30.20 -39.81
C ASP A 211 23.21 -29.58 -39.18
N LYS A 212 22.77 -28.45 -39.74
CA LYS A 212 21.59 -27.74 -39.23
C LYS A 212 20.30 -28.54 -39.31
N GLU A 213 20.05 -29.17 -40.45
CA GLU A 213 18.84 -29.94 -40.67
C GLU A 213 18.66 -31.12 -39.71
N GLU A 214 19.76 -31.80 -39.41
CA GLU A 214 19.72 -32.96 -38.51
C GLU A 214 19.53 -32.55 -37.06
N LEU A 215 19.96 -31.34 -36.71
CA LEU A 215 19.80 -30.85 -35.35
C LEU A 215 18.32 -30.63 -35.11
N LYS A 216 17.66 -29.99 -36.07
CA LYS A 216 16.23 -29.74 -35.94
C LYS A 216 15.52 -31.07 -35.94
N LYS A 217 15.98 -31.99 -36.78
CA LYS A 217 15.36 -33.31 -36.86
C LYS A 217 15.47 -34.08 -35.55
N LEU A 218 16.69 -34.20 -35.03
CA LEU A 218 16.91 -34.92 -33.78
C LEU A 218 16.16 -34.28 -32.62
N SER A 219 16.32 -32.97 -32.46
CA SER A 219 15.67 -32.21 -31.40
C SER A 219 14.17 -32.38 -31.44
N GLN A 220 13.58 -32.06 -32.58
CA GLN A 220 12.14 -32.18 -32.74
C GLN A 220 11.67 -33.59 -32.39
N GLU A 221 12.49 -34.58 -32.72
CA GLU A 221 12.18 -35.98 -32.44
C GLU A 221 12.26 -36.29 -30.95
N ALA A 222 13.30 -35.76 -30.30
CA ALA A 222 13.51 -35.98 -28.89
C ALA A 222 12.39 -35.39 -28.05
N TYR A 223 11.89 -34.22 -28.46
CA TYR A 223 10.81 -33.55 -27.76
C TYR A 223 9.58 -34.43 -27.76
N ASN A 224 9.14 -34.83 -28.96
CA ASN A 224 7.96 -35.68 -29.12
C ASN A 224 8.08 -36.97 -28.31
N GLU A 225 9.28 -37.54 -28.25
CA GLU A 225 9.46 -38.75 -27.48
C GLU A 225 9.13 -38.45 -26.01
N ILE A 226 9.59 -37.29 -25.55
CA ILE A 226 9.37 -36.82 -24.18
C ILE A 226 7.87 -36.59 -23.90
N LEU A 227 7.23 -35.95 -24.87
CA LEU A 227 5.81 -35.61 -24.77
C LEU A 227 4.89 -36.82 -24.68
N ASN A 228 5.25 -37.90 -25.38
CA ASN A 228 4.43 -39.10 -25.42
C ASN A 228 4.88 -40.19 -24.45
N SER A 229 5.95 -39.93 -23.71
CA SER A 229 6.46 -40.89 -22.75
C SER A 229 5.38 -41.14 -21.72
N PRO A 230 5.29 -42.37 -21.19
CA PRO A 230 4.26 -42.65 -20.19
C PRO A 230 4.48 -41.88 -18.87
N GLY A 231 5.70 -41.40 -18.66
CA GLY A 231 6.02 -40.68 -17.44
C GLY A 231 5.80 -39.19 -17.48
N TYR A 232 5.50 -38.66 -18.66
CA TYR A 232 5.28 -37.24 -18.81
C TYR A 232 4.19 -36.70 -17.86
N PRO A 233 2.96 -37.21 -17.99
CA PRO A 233 1.88 -36.74 -17.11
C PRO A 233 2.21 -36.64 -15.63
N PHE A 234 2.77 -37.68 -15.04
CA PHE A 234 3.09 -37.64 -13.62
C PHE A 234 4.24 -36.69 -13.30
N TRP A 235 5.24 -36.68 -14.17
CA TRP A 235 6.39 -35.79 -13.95
C TRP A 235 5.87 -34.35 -13.87
N LYS A 236 5.03 -34.01 -14.83
CA LYS A 236 4.43 -32.70 -14.95
C LYS A 236 3.67 -32.30 -13.70
N ARG A 237 3.17 -33.29 -12.98
CA ARG A 237 2.41 -33.02 -11.76
C ARG A 237 3.29 -32.84 -10.54
N GLN A 238 4.25 -33.72 -10.32
CA GLN A 238 5.12 -33.63 -9.14
C GLN A 238 6.62 -33.35 -9.35
N GLY A 239 7.12 -33.49 -10.57
CA GLY A 239 8.55 -33.27 -10.77
C GLY A 239 9.38 -34.12 -9.82
N THR A 240 10.40 -33.56 -9.18
CA THR A 240 11.22 -34.35 -8.26
C THR A 240 10.55 -34.60 -6.93
N MET A 241 9.46 -33.88 -6.66
CA MET A 241 8.75 -34.04 -5.39
C MET A 241 8.23 -35.45 -5.17
N ALA A 242 8.05 -36.18 -6.27
CA ALA A 242 7.55 -37.55 -6.19
C ALA A 242 8.50 -38.50 -5.47
N ALA A 243 9.71 -38.04 -5.13
CA ALA A 243 10.67 -38.92 -4.45
C ALA A 243 10.46 -38.93 -2.94
N VAL A 244 9.67 -37.98 -2.44
CA VAL A 244 9.39 -37.91 -1.01
C VAL A 244 8.70 -39.16 -0.51
N GLU A 245 7.55 -39.49 -1.08
CA GLU A 245 6.82 -40.68 -0.67
C GLU A 245 7.66 -41.91 -1.00
N TRP A 246 8.33 -41.87 -2.15
CA TRP A 246 9.18 -42.97 -2.59
C TRP A 246 10.31 -43.26 -1.61
N CYS A 247 10.97 -42.20 -1.15
CA CYS A 247 12.06 -42.40 -0.22
C CYS A 247 11.56 -42.86 1.15
N ASN A 248 10.38 -42.38 1.55
CA ASN A 248 9.83 -42.77 2.84
C ASN A 248 9.48 -44.25 2.78
N THR A 249 8.88 -44.64 1.66
CA THR A 249 8.46 -46.01 1.41
C THR A 249 9.65 -46.96 1.45
N ASN A 250 10.84 -46.42 1.25
CA ASN A 250 12.03 -47.24 1.24
C ASN A 250 13.00 -46.93 2.36
N TYR A 251 12.53 -46.19 3.34
CA TYR A 251 13.37 -45.86 4.47
C TYR A 251 14.65 -45.18 4.04
N ALA A 252 14.54 -44.30 3.05
CA ALA A 252 15.71 -43.57 2.56
C ALA A 252 15.52 -42.07 2.73
N LEU A 253 14.41 -41.66 3.32
CA LEU A 253 14.14 -40.25 3.54
C LEU A 253 14.86 -39.80 4.78
N PRO A 254 15.85 -38.88 4.63
CA PRO A 254 16.60 -38.40 5.79
C PRO A 254 15.67 -37.71 6.77
N THR A 255 15.70 -38.13 8.03
CA THR A 255 14.85 -37.55 9.04
C THR A 255 15.70 -37.24 10.25
N ARG A 256 15.59 -36.00 10.73
CA ARG A 256 16.37 -35.54 11.88
C ARG A 256 17.82 -35.95 11.77
N ASN A 257 18.56 -35.18 10.97
CA ASN A 257 19.98 -35.42 10.70
C ASN A 257 20.29 -36.86 10.28
N PHE A 258 19.48 -37.37 9.36
CA PHE A 258 19.69 -38.71 8.84
C PHE A 258 19.61 -39.75 9.94
N SER A 259 19.03 -39.39 11.06
CA SER A 259 18.89 -40.31 12.19
C SER A 259 18.17 -41.58 11.72
N ASP A 260 17.02 -41.42 11.07
CA ASP A 260 16.25 -42.53 10.55
C ASP A 260 16.01 -42.26 9.07
N GLY A 261 15.38 -43.20 8.39
CA GLY A 261 15.12 -43.00 6.97
C GLY A 261 13.63 -42.87 6.73
N TYR A 262 12.87 -42.76 7.81
CA TYR A 262 11.41 -42.62 7.74
C TYR A 262 10.88 -41.44 8.55
N PHE A 263 10.11 -40.56 7.90
CA PHE A 263 9.53 -39.39 8.56
C PHE A 263 8.02 -39.61 8.68
N GLU A 264 7.52 -39.62 9.92
CA GLU A 264 6.11 -39.84 10.20
C GLU A 264 5.18 -38.82 9.56
N PHE A 265 5.73 -37.69 9.15
CA PHE A 265 4.92 -36.64 8.54
C PHE A 265 5.33 -36.41 7.10
N ALA A 266 5.65 -37.49 6.41
CA ALA A 266 6.04 -37.39 5.02
C ALA A 266 4.89 -36.81 4.22
N ARG A 267 3.70 -37.38 4.40
CA ARG A 267 2.51 -36.96 3.67
C ARG A 267 2.22 -35.46 3.59
N SER A 268 2.54 -34.70 4.64
CA SER A 268 2.25 -33.25 4.66
C SER A 268 3.35 -32.38 4.01
N ILE A 269 4.37 -33.03 3.45
CA ILE A 269 5.45 -32.34 2.77
C ILE A 269 5.74 -33.10 1.48
N ASP A 270 4.86 -34.02 1.12
CA ASP A 270 5.06 -34.82 -0.07
C ASP A 270 4.61 -34.17 -1.37
N GLY A 271 4.67 -34.93 -2.46
CA GLY A 271 4.30 -34.43 -3.77
C GLY A 271 2.85 -34.06 -4.05
N TYR A 272 1.91 -34.78 -3.45
CA TYR A 272 0.50 -34.52 -3.65
C TYR A 272 0.14 -33.23 -2.96
N THR A 273 0.79 -33.03 -1.82
CA THR A 273 0.58 -31.83 -1.04
C THR A 273 1.09 -30.65 -1.88
N MET A 274 2.32 -30.78 -2.37
CA MET A 274 2.91 -29.74 -3.20
C MET A 274 1.96 -29.43 -4.37
N GLU A 275 1.31 -30.44 -4.93
CA GLU A 275 0.39 -30.27 -6.04
C GLU A 275 -0.78 -29.35 -5.68
N GLY A 276 -1.45 -29.63 -4.56
CA GLY A 276 -2.57 -28.81 -4.14
C GLY A 276 -2.17 -27.43 -3.65
N MET A 277 -0.87 -27.14 -3.70
CA MET A 277 -0.32 -25.85 -3.27
C MET A 277 0.38 -25.15 -4.43
N LYS A 278 0.37 -25.74 -5.61
CA LYS A 278 1.05 -25.17 -6.75
C LYS A 278 0.30 -24.00 -7.37
N VAL A 279 1.00 -22.91 -7.61
CA VAL A 279 0.40 -21.73 -8.23
C VAL A 279 1.10 -21.38 -9.52
N GLN A 280 2.22 -22.04 -9.79
CA GLN A 280 2.97 -21.75 -11.00
C GLN A 280 3.97 -22.83 -11.36
N GLN A 281 4.36 -22.86 -12.62
CA GLN A 281 5.35 -23.82 -13.10
C GLN A 281 6.33 -23.16 -14.06
N ARG A 282 7.60 -23.16 -13.68
CA ARG A 282 8.66 -22.58 -14.49
C ARG A 282 9.62 -23.69 -14.92
N GLY A 283 10.52 -23.37 -15.83
CA GLY A 283 11.49 -24.36 -16.30
C GLY A 283 12.75 -23.72 -16.83
N CYS A 284 13.77 -24.51 -17.13
CA CYS A 284 15.00 -23.95 -17.68
C CYS A 284 14.76 -23.78 -19.18
N PRO A 285 15.63 -23.02 -19.87
CA PRO A 285 15.42 -22.83 -21.31
C PRO A 285 15.42 -24.10 -22.14
N TYR A 286 14.62 -24.09 -23.21
CA TYR A 286 14.54 -25.21 -24.13
C TYR A 286 14.09 -26.53 -23.53
N CYS A 287 13.20 -26.46 -22.55
CA CYS A 287 12.73 -27.68 -21.94
C CYS A 287 11.22 -27.78 -22.09
N ASN A 288 10.76 -28.89 -22.65
CA ASN A 288 9.33 -29.06 -22.84
C ASN A 288 8.67 -29.88 -21.74
N MET A 289 9.42 -30.08 -20.64
CA MET A 289 8.91 -30.82 -19.47
C MET A 289 9.32 -30.12 -18.17
N PRO A 290 8.92 -28.84 -18.02
CA PRO A 290 9.22 -27.99 -16.86
C PRO A 290 8.92 -28.65 -15.52
N CYS A 291 9.86 -28.47 -14.60
CA CYS A 291 9.71 -29.05 -13.28
C CYS A 291 10.01 -28.00 -12.20
N GLY A 292 9.89 -26.72 -12.56
CA GLY A 292 10.11 -25.64 -11.62
C GLY A 292 8.77 -25.34 -10.97
N ASN A 293 8.39 -26.21 -10.06
CA ASN A 293 7.10 -26.11 -9.38
C ASN A 293 7.07 -25.12 -8.23
N VAL A 294 6.39 -24.01 -8.48
CA VAL A 294 6.27 -22.96 -7.49
C VAL A 294 4.97 -22.98 -6.70
N VAL A 295 5.12 -22.91 -5.38
CA VAL A 295 3.98 -22.89 -4.46
C VAL A 295 3.97 -21.57 -3.66
N LEU A 296 2.97 -21.41 -2.80
CA LEU A 296 2.89 -20.23 -1.93
C LEU A 296 3.28 -20.76 -0.56
N ASP A 297 4.26 -20.13 0.08
CA ASP A 297 4.70 -20.58 1.38
C ASP A 297 3.76 -20.08 2.51
N ALA A 298 4.11 -20.43 3.74
CA ALA A 298 3.30 -20.05 4.91
C ALA A 298 3.04 -18.56 5.04
N GLU A 299 3.78 -17.75 4.29
CA GLU A 299 3.62 -16.31 4.37
C GLU A 299 3.06 -15.78 3.08
N GLY A 300 2.41 -16.66 2.33
CA GLY A 300 1.81 -16.29 1.06
C GLY A 300 2.79 -15.91 -0.04
N GLN A 301 4.07 -16.24 0.16
CA GLN A 301 5.14 -15.93 -0.78
C GLN A 301 5.48 -17.09 -1.72
N GLU A 302 5.81 -16.77 -2.97
CA GLU A 302 6.14 -17.79 -3.96
C GLU A 302 7.45 -18.46 -3.62
N SER A 303 7.45 -19.80 -3.70
CA SER A 303 8.64 -20.59 -3.40
C SER A 303 8.73 -21.80 -4.31
N GLU A 304 9.81 -21.88 -5.09
CA GLU A 304 10.05 -22.98 -6.04
C GLU A 304 10.62 -24.21 -5.35
N LEU A 305 9.80 -25.24 -5.19
CA LEU A 305 10.21 -26.45 -4.48
C LEU A 305 10.80 -27.58 -5.29
N ASP A 306 11.84 -28.20 -4.73
CA ASP A 306 12.50 -29.35 -5.34
C ASP A 306 12.68 -30.38 -4.23
N TYR A 307 12.68 -31.65 -4.61
CA TYR A 307 12.79 -32.71 -3.62
C TYR A 307 13.92 -32.49 -2.63
N GLU A 308 15.13 -32.33 -3.16
CA GLU A 308 16.29 -32.14 -2.34
C GLU A 308 16.07 -31.02 -1.32
N ASN A 309 15.43 -29.93 -1.72
CA ASN A 309 15.17 -28.82 -0.78
C ASN A 309 14.25 -29.24 0.35
N VAL A 310 13.11 -29.80 -0.01
CA VAL A 310 12.10 -30.25 0.94
C VAL A 310 12.61 -31.35 1.87
N ALA A 311 13.49 -32.22 1.40
CA ALA A 311 13.99 -33.28 2.24
C ALA A 311 14.97 -32.77 3.30
N LEU A 312 15.90 -31.92 2.91
CA LEU A 312 16.89 -31.40 3.84
C LEU A 312 16.37 -30.31 4.74
N LEU A 313 15.33 -29.62 4.29
CA LEU A 313 14.77 -28.52 5.08
C LEU A 313 13.45 -28.94 5.71
N GLY A 314 13.01 -30.15 5.37
CA GLY A 314 11.76 -30.67 5.90
C GLY A 314 11.95 -31.84 6.84
N SER A 315 11.81 -33.06 6.32
CA SER A 315 11.98 -34.26 7.13
C SER A 315 13.32 -34.29 7.85
N ASN A 316 14.37 -33.77 7.21
CA ASN A 316 15.68 -33.78 7.83
C ASN A 316 15.73 -32.88 9.06
N LEU A 317 14.84 -31.90 9.12
CA LEU A 317 14.78 -30.96 10.24
C LEU A 317 13.58 -31.25 11.14
N GLY A 318 12.88 -32.34 10.87
CA GLY A 318 11.73 -32.69 11.69
C GLY A 318 10.53 -31.77 11.52
N ILE A 319 10.52 -31.02 10.41
CA ILE A 319 9.42 -30.12 10.13
C ILE A 319 8.53 -30.73 9.05
N GLY A 320 7.32 -31.13 9.43
CA GLY A 320 6.40 -31.75 8.49
C GLY A 320 5.24 -30.92 7.96
N LYS A 321 5.52 -29.69 7.55
CA LYS A 321 4.51 -28.80 6.99
C LYS A 321 5.14 -28.07 5.80
N LEU A 322 4.67 -28.41 4.60
CA LEU A 322 5.21 -27.85 3.36
C LEU A 322 5.24 -26.33 3.30
N ASN A 323 4.14 -25.70 3.72
CA ASN A 323 4.08 -24.25 3.69
C ASN A 323 5.20 -23.62 4.49
N GLU A 324 5.60 -24.29 5.57
CA GLU A 324 6.67 -23.82 6.42
C GLU A 324 8.05 -24.10 5.80
N VAL A 325 8.25 -25.32 5.33
CA VAL A 325 9.50 -25.72 4.70
C VAL A 325 9.73 -24.76 3.55
N SER A 326 8.66 -24.51 2.79
CA SER A 326 8.71 -23.61 1.66
C SER A 326 9.23 -22.25 2.04
N VAL A 327 9.02 -21.84 3.29
CA VAL A 327 9.52 -20.55 3.74
C VAL A 327 11.03 -20.59 3.86
N LEU A 328 11.54 -21.71 4.38
CA LEU A 328 12.98 -21.91 4.52
C LEU A 328 13.60 -21.99 3.12
N ASN A 329 12.87 -22.64 2.22
CA ASN A 329 13.29 -22.81 0.85
C ASN A 329 13.50 -21.44 0.22
N ARG A 330 12.47 -20.59 0.28
CA ARG A 330 12.53 -19.26 -0.29
C ARG A 330 13.69 -18.44 0.30
N ILE A 331 13.97 -18.60 1.59
CA ILE A 331 15.05 -17.86 2.21
C ILE A 331 16.40 -18.25 1.60
N ALA A 332 16.66 -19.55 1.53
CA ALA A 332 17.91 -20.06 0.95
C ALA A 332 18.07 -19.51 -0.47
N ASP A 333 16.96 -19.45 -1.20
CA ASP A 333 16.99 -18.95 -2.56
C ASP A 333 17.37 -17.47 -2.64
N GLU A 334 16.72 -16.60 -1.85
CA GLU A 334 17.05 -15.17 -1.93
C GLU A 334 18.36 -14.78 -1.26
N MET A 335 18.81 -15.55 -0.28
CA MET A 335 20.06 -15.27 0.40
C MET A 335 21.18 -15.84 -0.46
N GLY A 336 20.81 -16.77 -1.33
CA GLY A 336 21.76 -17.43 -2.21
C GLY A 336 22.60 -18.46 -1.50
N MET A 337 21.96 -19.48 -0.93
CA MET A 337 22.70 -20.53 -0.24
C MET A 337 22.04 -21.90 -0.45
N ASP A 338 22.88 -22.90 -0.67
CA ASP A 338 22.46 -24.29 -0.91
C ASP A 338 21.44 -24.82 0.10
N THR A 339 20.31 -25.31 -0.41
CA THR A 339 19.24 -25.86 0.43
C THR A 339 19.70 -27.06 1.26
N ILE A 340 20.41 -27.97 0.58
CA ILE A 340 20.92 -29.22 1.18
C ILE A 340 21.88 -29.01 2.34
N SER A 341 22.99 -28.32 2.08
CA SER A 341 23.99 -28.06 3.11
C SER A 341 23.43 -27.17 4.21
N LEU A 342 22.54 -26.25 3.84
CA LEU A 342 21.93 -25.38 4.83
C LEU A 342 21.10 -26.27 5.75
N GLY A 343 20.18 -27.01 5.16
CA GLY A 343 19.31 -27.91 5.91
C GLY A 343 20.07 -28.97 6.69
N VAL A 344 21.26 -29.34 6.21
CA VAL A 344 22.06 -30.33 6.89
C VAL A 344 22.84 -29.67 8.04
N SER A 345 23.35 -28.46 7.83
CA SER A 345 24.09 -27.76 8.89
C SER A 345 23.16 -27.35 10.04
N ILE A 346 21.90 -27.10 9.71
CA ILE A 346 20.93 -26.73 10.72
C ILE A 346 20.48 -27.98 11.46
N ALA A 347 20.39 -29.10 10.74
CA ALA A 347 19.99 -30.37 11.33
C ALA A 347 21.12 -30.79 12.27
N HIS A 348 22.36 -30.56 11.84
CA HIS A 348 23.49 -30.91 12.68
C HIS A 348 23.38 -30.12 13.97
N VAL A 349 23.06 -28.83 13.81
CA VAL A 349 22.90 -27.94 14.94
C VAL A 349 21.77 -28.42 15.85
N MET A 350 20.65 -28.82 15.26
CA MET A 350 19.51 -29.29 16.01
C MET A 350 19.82 -30.51 16.90
N GLU A 351 20.65 -31.43 16.41
CA GLU A 351 21.00 -32.61 17.19
C GLU A 351 21.96 -32.27 18.33
N ALA A 352 22.96 -31.43 18.06
CA ALA A 352 23.91 -31.04 19.08
C ALA A 352 23.20 -30.33 20.24
N VAL A 353 22.02 -29.77 19.98
CA VAL A 353 21.26 -29.09 21.03
C VAL A 353 20.52 -30.11 21.87
N GLU A 354 19.89 -31.08 21.22
CA GLU A 354 19.16 -32.11 21.93
C GLU A 354 20.11 -32.97 22.76
N ARG A 355 21.34 -33.06 22.29
CA ARG A 355 22.37 -33.83 22.97
C ARG A 355 22.96 -32.98 24.08
N GLY A 356 22.43 -31.79 24.26
CA GLY A 356 22.93 -30.91 25.29
C GLY A 356 24.32 -30.42 24.98
N ILE A 357 24.88 -30.84 23.84
CA ILE A 357 26.23 -30.41 23.46
C ILE A 357 26.27 -28.88 23.24
N LEU A 358 25.23 -28.34 22.61
CA LEU A 358 25.14 -26.90 22.39
C LEU A 358 24.14 -26.33 23.40
N LYS A 359 24.56 -25.28 24.11
CA LYS A 359 23.70 -24.68 25.11
C LYS A 359 22.43 -24.10 24.53
N GLU A 360 22.54 -23.53 23.33
CA GLU A 360 21.37 -22.93 22.71
C GLU A 360 21.31 -23.10 21.20
N GLY A 361 20.09 -23.09 20.69
CA GLY A 361 19.88 -23.25 19.28
C GLY A 361 18.54 -23.93 19.11
N PRO A 362 18.00 -24.01 17.88
CA PRO A 362 16.71 -24.67 17.70
C PRO A 362 16.89 -26.17 17.78
N THR A 363 15.79 -26.87 18.03
CA THR A 363 15.82 -28.32 18.11
C THR A 363 14.94 -28.83 16.97
N PHE A 364 14.87 -30.14 16.81
CA PHE A 364 14.06 -30.70 15.74
C PHE A 364 12.59 -30.28 15.88
N GLY A 365 11.97 -29.92 14.77
CA GLY A 365 10.57 -29.53 14.81
C GLY A 365 10.30 -28.04 15.00
N ASP A 366 11.33 -27.33 15.48
CA ASP A 366 11.28 -25.89 15.75
C ASP A 366 11.37 -25.11 14.44
N PHE A 367 10.24 -24.80 13.83
CA PHE A 367 10.24 -24.07 12.57
C PHE A 367 10.79 -22.66 12.76
N LYS A 368 10.17 -21.89 13.66
CA LYS A 368 10.59 -20.52 13.95
C LYS A 368 12.07 -20.45 14.26
N GLY A 369 12.53 -21.37 15.09
CA GLY A 369 13.94 -21.38 15.45
C GLY A 369 14.83 -21.65 14.25
N ALA A 370 14.38 -22.53 13.38
CA ALA A 370 15.14 -22.89 12.18
C ALA A 370 15.20 -21.71 11.22
N LYS A 371 14.07 -21.04 11.05
CA LYS A 371 14.00 -19.88 10.16
C LYS A 371 15.01 -18.83 10.61
N GLN A 372 15.08 -18.63 11.92
CA GLN A 372 16.00 -17.64 12.48
C GLN A 372 17.47 -17.98 12.25
N LEU A 373 17.85 -19.23 12.48
CA LEU A 373 19.23 -19.63 12.27
C LEU A 373 19.61 -19.50 10.80
N ALA A 374 18.69 -19.82 9.90
CA ALA A 374 18.95 -19.73 8.47
C ALA A 374 19.31 -18.31 8.10
N LEU A 375 18.57 -17.34 8.63
CA LEU A 375 18.83 -15.92 8.33
C LEU A 375 20.13 -15.49 8.97
N ASP A 376 20.39 -16.01 10.17
CA ASP A 376 21.62 -15.67 10.88
C ASP A 376 22.79 -16.28 10.16
N ILE A 377 22.57 -17.44 9.55
CA ILE A 377 23.62 -18.09 8.79
C ILE A 377 23.93 -17.19 7.59
N ALA A 378 22.89 -16.73 6.89
CA ALA A 378 23.07 -15.88 5.72
C ALA A 378 23.80 -14.59 6.01
N TYR A 379 23.49 -13.95 7.14
CA TYR A 379 24.13 -12.69 7.50
C TYR A 379 25.24 -12.93 8.51
N ARG A 380 25.50 -14.19 8.81
CA ARG A 380 26.54 -14.53 9.77
C ARG A 380 26.33 -13.69 11.02
N LYS A 381 25.14 -13.77 11.60
CA LYS A 381 24.81 -13.02 12.81
C LYS A 381 24.83 -13.91 14.02
N GLY A 382 25.74 -13.61 14.95
CA GLY A 382 25.85 -14.41 16.16
C GLY A 382 26.95 -15.41 16.02
N GLU A 383 27.35 -16.01 17.13
CA GLU A 383 28.40 -17.01 17.09
C GLU A 383 27.91 -18.27 16.38
N LEU A 384 26.70 -18.69 16.72
CA LEU A 384 26.11 -19.89 16.14
C LEU A 384 25.95 -19.76 14.63
N GLY A 385 25.27 -18.70 14.19
CA GLY A 385 25.09 -18.50 12.77
C GLY A 385 26.40 -18.54 12.03
N ASN A 386 27.41 -17.90 12.60
CA ASN A 386 28.71 -17.88 11.94
C ASN A 386 29.35 -19.26 11.87
N LEU A 387 29.03 -20.13 12.82
CA LEU A 387 29.58 -21.49 12.84
C LEU A 387 28.86 -22.37 11.82
N ALA A 388 27.53 -22.42 11.90
CA ALA A 388 26.74 -23.23 10.99
C ALA A 388 26.93 -22.82 9.54
N ALA A 389 27.49 -21.63 9.33
CA ALA A 389 27.73 -21.09 8.00
C ALA A 389 29.00 -21.68 7.37
N GLU A 390 29.76 -22.43 8.17
CA GLU A 390 31.00 -23.04 7.74
C GLU A 390 30.87 -24.50 7.31
N GLY A 391 29.66 -25.05 7.38
CA GLY A 391 29.46 -26.45 7.01
C GLY A 391 29.64 -27.37 8.20
N VAL A 392 29.13 -28.61 8.09
CA VAL A 392 29.22 -29.59 9.19
C VAL A 392 30.62 -30.13 9.45
N LYS A 393 31.43 -30.27 8.41
CA LYS A 393 32.78 -30.77 8.62
C LYS A 393 33.51 -29.80 9.55
N ALA A 394 33.59 -28.54 9.16
CA ALA A 394 34.26 -27.51 9.97
C ALA A 394 33.59 -27.29 11.32
N MET A 395 32.26 -27.17 11.30
CA MET A 395 31.49 -26.97 12.53
C MET A 395 31.72 -28.09 13.53
N ALA A 396 31.86 -29.30 13.01
CA ALA A 396 32.10 -30.50 13.82
C ALA A 396 33.49 -30.48 14.46
N GLU A 397 34.49 -30.06 13.69
CA GLU A 397 35.85 -30.00 14.21
C GLU A 397 35.87 -29.15 15.48
N LYS A 398 35.14 -28.04 15.44
CA LYS A 398 35.06 -27.10 16.55
C LYS A 398 34.27 -27.66 17.72
N LEU A 399 33.09 -28.19 17.43
CA LEU A 399 32.23 -28.73 18.47
C LEU A 399 32.64 -30.08 19.02
N GLY A 400 33.19 -30.93 18.16
CA GLY A 400 33.58 -32.25 18.61
C GLY A 400 32.36 -33.14 18.44
N THR A 401 31.72 -33.01 17.28
CA THR A 401 30.52 -33.76 16.95
C THR A 401 30.65 -34.47 15.61
N HIS A 402 31.81 -35.07 15.34
CA HIS A 402 31.99 -35.77 14.08
C HIS A 402 31.12 -37.01 14.00
N ASP A 403 30.52 -37.39 15.13
CA ASP A 403 29.64 -38.55 15.17
C ASP A 403 28.50 -38.40 14.18
N PHE A 404 27.82 -37.27 14.25
CA PHE A 404 26.69 -37.01 13.36
C PHE A 404 26.98 -35.93 12.33
N ALA A 405 28.23 -35.84 11.89
CA ALA A 405 28.61 -34.87 10.88
C ALA A 405 28.39 -35.55 9.53
N MET A 406 27.27 -35.25 8.89
CA MET A 406 26.91 -35.86 7.61
C MET A 406 27.47 -35.21 6.35
N HIS A 407 28.67 -35.61 5.98
CA HIS A 407 29.33 -35.08 4.81
C HIS A 407 30.33 -36.11 4.31
N VAL A 408 30.94 -35.81 3.17
CA VAL A 408 31.99 -36.64 2.59
C VAL A 408 32.89 -35.64 1.87
N LYS A 409 34.18 -35.66 2.17
CA LYS A 409 35.13 -34.72 1.55
C LYS A 409 34.80 -33.24 1.88
N GLY A 410 33.91 -33.01 2.85
CA GLY A 410 33.56 -31.65 3.21
C GLY A 410 32.15 -31.24 2.83
N LEU A 411 31.67 -31.77 1.71
CA LEU A 411 30.33 -31.45 1.22
C LEU A 411 29.26 -32.24 1.97
N GLU A 412 28.19 -31.56 2.38
CA GLU A 412 27.10 -32.20 3.12
C GLU A 412 26.34 -33.17 2.22
N VAL A 413 25.95 -34.32 2.80
CA VAL A 413 25.21 -35.37 2.06
C VAL A 413 23.82 -34.96 1.61
N SER A 414 23.38 -35.45 0.44
CA SER A 414 22.07 -35.15 -0.13
C SER A 414 20.91 -35.79 0.61
N GLY A 415 19.78 -35.90 -0.08
CA GLY A 415 18.58 -36.45 0.51
C GLY A 415 18.25 -37.93 0.41
N TYR A 416 19.28 -38.78 0.48
CA TYR A 416 19.06 -40.23 0.42
C TYR A 416 19.86 -40.87 1.53
N ASN A 417 19.20 -41.29 2.59
CA ASN A 417 19.87 -41.93 3.70
C ASN A 417 20.23 -43.38 3.29
N CYS A 418 21.52 -43.69 3.28
CA CYS A 418 21.97 -45.01 2.84
C CYS A 418 22.44 -45.97 3.92
N TYR A 419 21.65 -46.19 4.97
CA TYR A 419 22.02 -47.12 6.03
C TYR A 419 22.12 -48.51 5.43
N ILE A 420 21.15 -48.82 4.59
CA ILE A 420 21.06 -50.13 3.95
C ILE A 420 21.20 -50.06 2.43
N TYR A 421 21.84 -49.00 1.93
CA TYR A 421 22.04 -48.83 0.48
C TYR A 421 23.50 -48.64 0.10
N PRO A 422 24.24 -49.74 -0.06
CA PRO A 422 25.65 -49.75 -0.41
C PRO A 422 26.05 -48.98 -1.67
N ALA A 423 25.36 -49.22 -2.78
CA ALA A 423 25.70 -48.54 -4.04
C ALA A 423 25.52 -47.03 -3.96
N MET A 424 24.45 -46.59 -3.29
CA MET A 424 24.20 -45.17 -3.14
C MET A 424 25.31 -44.62 -2.24
N ALA A 425 25.55 -45.32 -1.14
CA ALA A 425 26.59 -44.91 -0.20
C ALA A 425 27.90 -44.73 -0.96
N LEU A 426 28.28 -45.73 -1.75
CA LEU A 426 29.51 -45.66 -2.53
C LEU A 426 29.46 -44.48 -3.51
N ALA A 427 28.25 -44.13 -3.96
CA ALA A 427 28.11 -43.03 -4.89
C ALA A 427 28.42 -41.71 -4.18
N TYR A 428 28.03 -41.61 -2.91
CA TYR A 428 28.30 -40.42 -2.11
C TYR A 428 29.77 -40.45 -1.77
N GLY A 429 30.24 -41.63 -1.39
CA GLY A 429 31.62 -41.79 -1.01
C GLY A 429 32.60 -41.46 -2.11
N THR A 430 32.22 -41.64 -3.37
CA THR A 430 33.16 -41.36 -4.44
C THR A 430 32.87 -40.14 -5.28
N SER A 431 31.77 -39.43 -4.99
CA SER A 431 31.42 -38.23 -5.76
C SER A 431 32.66 -37.41 -6.02
N ALA A 432 32.81 -36.96 -7.27
CA ALA A 432 33.99 -36.19 -7.67
C ALA A 432 34.15 -34.88 -6.93
N ILE A 433 33.05 -34.32 -6.43
CA ILE A 433 33.11 -33.04 -5.75
C ILE A 433 32.79 -33.11 -4.25
N GLY A 434 32.45 -34.29 -3.75
CA GLY A 434 32.10 -34.44 -2.34
C GLY A 434 30.72 -35.06 -2.30
N ALA A 435 30.22 -35.39 -1.11
CA ALA A 435 28.90 -36.01 -0.99
C ALA A 435 27.88 -35.27 -1.87
N HIS A 436 27.23 -36.02 -2.75
CA HIS A 436 26.21 -35.47 -3.65
C HIS A 436 25.69 -36.65 -4.49
N HIS A 437 24.44 -36.56 -4.93
CA HIS A 437 23.81 -37.62 -5.72
C HIS A 437 23.87 -37.29 -7.20
N LYS A 438 24.39 -36.11 -7.50
CA LYS A 438 24.50 -35.63 -8.87
C LYS A 438 25.03 -36.72 -9.81
N GLU A 439 26.28 -37.11 -9.58
CA GLU A 439 26.96 -38.10 -10.42
C GLU A 439 26.43 -39.54 -10.44
N ALA A 440 25.94 -40.04 -9.32
CA ALA A 440 25.45 -41.42 -9.30
C ALA A 440 24.16 -41.63 -8.51
N TRP A 441 23.02 -41.50 -9.17
CA TRP A 441 21.75 -41.73 -8.48
C TRP A 441 21.45 -43.23 -8.65
N VAL A 442 22.29 -44.05 -8.03
CA VAL A 442 22.17 -45.51 -8.11
C VAL A 442 21.11 -46.13 -7.22
N ILE A 443 20.65 -45.36 -6.24
CA ILE A 443 19.66 -45.87 -5.30
C ILE A 443 18.40 -46.42 -5.95
N ALA A 444 17.91 -45.76 -7.00
CA ALA A 444 16.71 -46.23 -7.70
C ALA A 444 16.92 -47.63 -8.29
N TRP A 445 18.08 -47.81 -8.94
CA TRP A 445 18.42 -49.09 -9.54
C TRP A 445 18.67 -50.11 -8.45
N GLU A 446 19.25 -49.65 -7.34
CA GLU A 446 19.57 -50.51 -6.22
C GLU A 446 18.34 -51.08 -5.52
N ILE A 447 17.19 -50.43 -5.69
CA ILE A 447 15.96 -50.90 -5.07
C ILE A 447 15.07 -51.60 -6.09
N GLY A 448 14.99 -51.08 -7.31
CA GLY A 448 14.15 -51.72 -8.31
C GLY A 448 12.96 -50.92 -8.74
N THR A 449 12.62 -49.89 -7.97
CA THR A 449 11.51 -49.01 -8.29
C THR A 449 12.01 -47.57 -8.43
N ALA A 450 11.17 -46.70 -8.96
CA ALA A 450 11.54 -45.32 -9.16
C ALA A 450 10.38 -44.39 -8.81
N PRO A 451 10.69 -43.17 -8.32
CA PRO A 451 9.69 -42.17 -7.93
C PRO A 451 8.65 -41.88 -9.01
N ILE A 452 9.07 -41.86 -10.27
CA ILE A 452 8.16 -41.56 -11.36
C ILE A 452 7.03 -42.58 -11.48
N GLU A 453 7.13 -43.67 -10.73
CA GLU A 453 6.12 -44.72 -10.80
C GLU A 453 4.90 -44.54 -9.88
N TYR A 462 13.26 -56.14 -0.37
CA TYR A 462 14.63 -55.60 -0.70
C TYR A 462 15.72 -56.18 0.21
N LYS A 463 16.84 -56.60 -0.38
CA LYS A 463 17.96 -57.20 0.36
C LYS A 463 19.30 -56.49 0.16
N ILE A 464 19.97 -56.19 1.27
CA ILE A 464 21.27 -55.52 1.21
C ILE A 464 22.23 -56.46 0.49
N SER A 465 23.17 -55.90 -0.27
CA SER A 465 24.13 -56.72 -1.00
C SER A 465 25.27 -55.85 -1.54
N TYR A 466 26.50 -56.37 -1.48
CA TYR A 466 27.65 -55.61 -1.96
C TYR A 466 28.25 -56.21 -3.21
N ASP A 467 27.41 -56.85 -4.01
CA ASP A 467 27.87 -57.44 -5.24
C ASP A 467 28.80 -56.40 -5.87
N PRO A 468 30.00 -56.81 -6.30
CA PRO A 468 30.94 -55.85 -6.90
C PRO A 468 30.45 -55.25 -8.23
N ILE A 469 29.27 -55.66 -8.69
CA ILE A 469 28.71 -55.13 -9.92
C ILE A 469 28.10 -53.77 -9.63
N LYS A 470 27.87 -53.50 -8.34
CA LYS A 470 27.29 -52.25 -7.90
C LYS A 470 28.28 -51.16 -8.23
N ALA A 471 29.54 -51.40 -7.89
CA ALA A 471 30.62 -50.44 -8.17
C ALA A 471 30.62 -50.13 -9.66
N GLN A 472 30.38 -51.16 -10.48
CA GLN A 472 30.34 -51.00 -11.93
C GLN A 472 29.24 -50.03 -12.35
N LYS A 473 28.08 -50.14 -11.71
CA LYS A 473 26.94 -49.27 -12.02
C LYS A 473 27.29 -47.83 -11.69
N VAL A 474 27.76 -47.61 -10.47
CA VAL A 474 28.15 -46.28 -10.05
C VAL A 474 29.02 -45.67 -11.15
N VAL A 475 30.15 -46.31 -11.45
CA VAL A 475 31.08 -45.87 -12.49
C VAL A 475 30.37 -45.58 -13.82
N GLU A 476 29.47 -46.47 -14.23
CA GLU A 476 28.75 -46.27 -15.49
C GLU A 476 27.85 -45.06 -15.38
N LEU A 477 27.18 -44.91 -14.23
CA LEU A 477 26.29 -43.78 -13.99
C LEU A 477 27.11 -42.49 -13.96
N GLN A 478 28.19 -42.49 -13.16
CA GLN A 478 29.03 -41.32 -13.08
C GLN A 478 29.42 -40.89 -14.49
N ARG A 479 29.83 -41.83 -15.33
CA ARG A 479 30.23 -41.49 -16.71
C ARG A 479 29.18 -40.69 -17.46
N LEU A 480 27.90 -40.94 -17.16
CA LEU A 480 26.83 -40.24 -17.85
C LEU A 480 26.38 -38.98 -17.13
N ARG A 481 26.05 -39.14 -15.86
CA ARG A 481 25.56 -38.03 -15.05
C ARG A 481 26.65 -37.04 -14.62
N GLY A 482 27.73 -37.55 -14.06
CA GLY A 482 28.79 -36.67 -13.61
C GLY A 482 29.79 -36.43 -14.73
N GLY A 483 29.45 -36.90 -15.92
CA GLY A 483 30.34 -36.75 -17.04
C GLY A 483 29.66 -36.18 -18.27
N LEU A 484 29.13 -37.04 -19.12
CA LEU A 484 28.50 -36.59 -20.35
C LEU A 484 27.58 -35.37 -20.18
N PHE A 485 26.61 -35.47 -19.28
CA PHE A 485 25.66 -34.39 -19.06
C PHE A 485 26.23 -33.16 -18.40
N GLU A 486 27.36 -33.30 -17.72
CA GLU A 486 27.99 -32.16 -17.07
C GLU A 486 29.00 -31.52 -18.04
N MET A 487 28.99 -31.98 -19.30
CA MET A 487 29.90 -31.46 -20.31
C MET A 487 29.20 -30.93 -21.54
N LEU A 488 28.00 -31.43 -21.83
CA LEU A 488 27.29 -30.97 -23.02
C LEU A 488 26.96 -29.47 -23.11
N THR A 489 26.33 -28.87 -22.08
CA THR A 489 25.90 -29.53 -20.85
C THR A 489 24.37 -29.45 -20.96
N ALA A 490 23.67 -30.53 -20.63
CA ALA A 490 22.21 -30.53 -20.73
C ALA A 490 21.58 -31.26 -19.56
N CYS A 491 20.27 -31.09 -19.43
CA CYS A 491 19.56 -31.75 -18.36
C CYS A 491 19.48 -33.25 -18.58
N ARG A 492 19.71 -34.00 -17.51
CA ARG A 492 19.70 -35.46 -17.55
C ARG A 492 18.36 -36.07 -17.14
N LEU A 493 17.41 -35.22 -16.75
CA LEU A 493 16.10 -35.70 -16.32
C LEU A 493 15.24 -36.25 -17.45
N PRO A 494 15.36 -35.69 -18.67
CA PRO A 494 14.52 -36.27 -19.73
C PRO A 494 14.78 -37.76 -19.83
N TRP A 495 16.05 -38.13 -19.63
CA TRP A 495 16.47 -39.52 -19.67
C TRP A 495 16.14 -40.27 -18.37
N VAL A 496 16.67 -39.77 -17.27
CA VAL A 496 16.43 -40.38 -15.96
C VAL A 496 14.97 -40.50 -15.61
N GLU A 497 14.18 -39.49 -15.94
CA GLU A 497 12.76 -39.49 -15.57
C GLU A 497 11.73 -40.05 -16.56
N VAL A 498 11.67 -39.49 -17.76
CA VAL A 498 10.70 -39.99 -18.72
C VAL A 498 11.31 -41.01 -19.69
N GLY A 499 12.58 -41.31 -19.51
CA GLY A 499 13.22 -42.30 -20.36
C GLY A 499 13.60 -41.90 -21.78
N LEU A 500 13.93 -40.62 -22.00
CA LEU A 500 14.32 -40.20 -23.34
C LEU A 500 15.51 -41.08 -23.72
N SER A 501 15.58 -41.48 -24.99
CA SER A 501 16.67 -42.33 -25.46
C SER A 501 18.03 -41.63 -25.43
N LEU A 502 19.02 -42.28 -24.82
CA LEU A 502 20.37 -41.70 -24.74
C LEU A 502 21.04 -41.63 -26.10
N ASP A 503 20.41 -42.20 -27.12
CA ASP A 503 21.01 -42.20 -28.46
C ASP A 503 20.99 -40.83 -29.11
N TYR A 504 20.05 -39.99 -28.70
CA TYR A 504 19.92 -38.65 -29.25
C TYR A 504 21.16 -37.81 -29.05
N TYR A 505 21.85 -38.03 -27.95
CA TYR A 505 23.05 -37.26 -27.61
C TYR A 505 24.25 -37.43 -28.55
N PRO A 506 24.70 -38.67 -28.79
CA PRO A 506 25.86 -38.81 -29.68
C PRO A 506 25.51 -38.30 -31.07
N LYS A 507 24.25 -38.50 -31.45
CA LYS A 507 23.78 -38.06 -32.76
C LYS A 507 23.64 -36.54 -32.83
N LEU A 508 23.18 -35.93 -31.73
CA LEU A 508 23.03 -34.46 -31.66
C LEU A 508 24.42 -33.81 -31.58
N LEU A 509 25.32 -34.44 -30.84
CA LEU A 509 26.68 -33.95 -30.69
C LEU A 509 27.37 -33.90 -32.05
N LYS A 510 27.05 -34.86 -32.91
CA LYS A 510 27.65 -34.91 -34.25
C LYS A 510 26.98 -33.90 -35.17
N ALA A 511 25.68 -33.70 -35.00
CA ALA A 511 24.98 -32.75 -35.85
C ALA A 511 25.49 -31.33 -35.57
N ILE A 512 25.85 -31.07 -34.31
CA ILE A 512 26.33 -29.76 -33.91
C ILE A 512 27.81 -29.53 -34.23
N THR A 513 28.69 -30.23 -33.54
CA THR A 513 30.14 -30.09 -33.73
C THR A 513 30.66 -30.75 -35.01
N GLY A 514 29.88 -31.67 -35.56
CA GLY A 514 30.30 -32.36 -36.78
C GLY A 514 31.24 -33.49 -36.48
N VAL A 515 31.59 -33.65 -35.20
CA VAL A 515 32.49 -34.71 -34.80
C VAL A 515 31.69 -35.93 -34.41
N THR A 516 32.18 -37.12 -34.79
CA THR A 516 31.50 -38.36 -34.43
C THR A 516 32.10 -38.89 -33.14
N TYR A 517 31.24 -39.12 -32.16
CA TYR A 517 31.65 -39.64 -30.86
C TYR A 517 30.98 -40.98 -30.62
N THR A 518 31.77 -42.02 -30.36
CA THR A 518 31.20 -43.35 -30.10
C THR A 518 31.00 -43.35 -28.60
N TRP A 519 30.04 -44.12 -28.11
CA TRP A 519 29.79 -44.15 -26.68
C TRP A 519 31.08 -44.43 -25.94
N ASP A 520 32.00 -45.12 -26.61
CA ASP A 520 33.28 -45.44 -25.98
C ASP A 520 34.17 -44.20 -25.90
N ASP A 521 34.06 -43.35 -26.91
CA ASP A 521 34.83 -42.12 -26.95
C ASP A 521 34.37 -41.27 -25.78
N LEU A 522 33.06 -41.20 -25.60
CA LEU A 522 32.45 -40.42 -24.53
C LEU A 522 32.82 -40.97 -23.15
N TYR A 523 32.81 -42.30 -22.98
CA TYR A 523 33.16 -42.86 -21.68
C TYR A 523 34.58 -42.47 -21.32
N LYS A 524 35.45 -42.43 -22.32
CA LYS A 524 36.85 -42.07 -22.11
C LYS A 524 36.99 -40.63 -21.61
N ALA A 525 36.29 -39.71 -22.25
CA ALA A 525 36.33 -38.30 -21.84
C ALA A 525 35.84 -38.21 -20.40
N ALA A 526 34.70 -38.84 -20.14
CA ALA A 526 34.12 -38.83 -18.81
C ALA A 526 35.10 -39.42 -17.79
N ASP A 527 35.74 -40.52 -18.16
CA ASP A 527 36.70 -41.16 -17.25
C ASP A 527 37.95 -40.32 -17.15
N ARG A 528 38.20 -39.54 -18.20
CA ARG A 528 39.35 -38.65 -18.28
C ARG A 528 39.08 -37.52 -17.27
N VAL A 529 37.94 -36.86 -17.43
CA VAL A 529 37.56 -35.77 -16.55
C VAL A 529 37.61 -36.25 -15.09
N TYR A 530 37.19 -37.48 -14.83
CA TYR A 530 37.19 -37.98 -13.45
C TYR A 530 38.58 -38.19 -12.86
N SER A 531 39.54 -38.57 -13.70
CA SER A 531 40.91 -38.81 -13.26
C SER A 531 41.68 -37.50 -13.12
N LEU A 532 41.29 -36.51 -13.92
CA LEU A 532 41.91 -35.21 -13.84
C LEU A 532 41.39 -34.48 -12.60
N ILE A 533 40.10 -34.65 -12.30
CA ILE A 533 39.49 -34.03 -11.12
C ILE A 533 40.09 -34.66 -9.88
N ARG A 534 40.21 -35.98 -9.88
CA ARG A 534 40.79 -36.68 -8.74
C ARG A 534 42.22 -36.21 -8.57
N ALA A 535 42.90 -36.07 -9.71
CA ALA A 535 44.28 -35.60 -9.72
C ALA A 535 44.31 -34.25 -9.01
N TYR A 536 43.41 -33.36 -9.41
CA TYR A 536 43.31 -32.02 -8.82
C TYR A 536 43.19 -32.09 -7.30
N TRP A 537 42.29 -32.93 -6.82
CA TRP A 537 42.11 -33.07 -5.39
C TRP A 537 43.42 -33.46 -4.70
N VAL A 538 44.12 -34.42 -5.29
CA VAL A 538 45.38 -34.91 -4.74
C VAL A 538 46.47 -33.83 -4.74
N ARG A 539 46.70 -33.22 -5.90
CA ARG A 539 47.69 -32.16 -6.00
C ARG A 539 47.38 -31.11 -4.92
N GLU A 540 46.15 -30.61 -4.94
CA GLU A 540 45.70 -29.60 -4.00
C GLU A 540 45.72 -30.04 -2.55
N PHE A 541 45.58 -31.33 -2.30
CA PHE A 541 45.60 -31.82 -0.93
C PHE A 541 47.03 -32.07 -0.47
N ASN A 542 47.97 -31.81 -1.36
CA ASN A 542 49.40 -31.98 -1.09
C ASN A 542 49.81 -33.42 -0.83
N GLY A 543 49.21 -34.35 -1.55
CA GLY A 543 49.55 -35.75 -1.37
C GLY A 543 48.94 -36.36 -0.14
N LYS A 544 48.22 -35.57 0.66
CA LYS A 544 47.56 -36.07 1.85
C LYS A 544 46.24 -36.68 1.37
N TRP A 545 46.30 -37.97 1.02
CA TRP A 545 45.13 -38.66 0.48
C TRP A 545 45.19 -40.17 0.68
N ASP A 546 44.04 -40.79 0.91
CA ASP A 546 43.94 -42.24 1.08
C ASP A 546 42.49 -42.66 0.81
N ARG A 547 42.24 -43.96 0.75
CA ARG A 547 40.90 -44.47 0.48
C ARG A 547 39.77 -43.95 1.39
N LYS A 548 40.12 -43.41 2.55
CA LYS A 548 39.11 -42.89 3.47
C LYS A 548 38.38 -41.67 2.90
N MET A 549 39.06 -40.92 2.04
CA MET A 549 38.44 -39.74 1.44
C MET A 549 37.15 -40.15 0.74
N ASP A 550 37.12 -41.39 0.27
CA ASP A 550 35.98 -41.94 -0.45
C ASP A 550 35.03 -42.72 0.46
N TYR A 551 35.10 -42.47 1.76
CA TYR A 551 34.24 -43.17 2.69
C TYR A 551 32.94 -42.42 3.02
N PRO A 552 31.83 -43.16 3.21
CA PRO A 552 30.56 -42.53 3.53
C PRO A 552 30.58 -42.11 5.02
N PRO A 553 29.62 -41.26 5.45
CA PRO A 553 29.57 -40.82 6.85
C PRO A 553 29.59 -41.96 7.82
N LYS A 554 30.50 -41.87 8.78
CA LYS A 554 30.63 -42.91 9.80
C LYS A 554 29.31 -43.39 10.40
N ARG A 555 28.31 -42.52 10.44
CA ARG A 555 27.02 -42.90 11.02
C ARG A 555 26.31 -44.06 10.32
N TRP A 556 26.56 -44.20 9.01
CA TRP A 556 25.93 -45.28 8.25
C TRP A 556 26.56 -46.62 8.63
N PHE A 557 27.54 -46.58 9.52
CA PHE A 557 28.23 -47.77 9.98
C PHE A 557 27.92 -48.11 11.43
N THR A 558 28.12 -47.16 12.34
CA THR A 558 27.90 -47.37 13.77
C THR A 558 26.47 -47.27 14.26
N GLU A 559 25.56 -46.78 13.43
CA GLU A 559 24.15 -46.64 13.81
C GLU A 559 23.29 -47.30 12.76
N GLY A 560 22.02 -47.53 13.08
CA GLY A 560 21.12 -48.15 12.12
C GLY A 560 19.75 -47.52 12.01
N LEU A 561 19.01 -47.91 10.98
CA LEU A 561 17.67 -47.37 10.79
C LEU A 561 16.98 -47.45 12.14
N LYS A 562 16.15 -46.47 12.46
CA LYS A 562 15.49 -46.47 13.76
C LYS A 562 14.05 -46.99 13.79
N SER A 563 13.53 -47.38 12.64
CA SER A 563 12.16 -47.90 12.56
C SER A 563 11.94 -48.79 11.33
N GLY A 564 10.78 -49.46 11.30
CA GLY A 564 10.46 -50.31 10.17
C GLY A 564 11.14 -51.66 10.06
N PRO A 565 10.73 -52.48 9.07
CA PRO A 565 11.28 -53.83 8.82
C PRO A 565 12.81 -53.92 8.85
N HIS A 566 13.49 -52.84 8.49
CA HIS A 566 14.95 -52.86 8.49
C HIS A 566 15.55 -52.14 9.70
N LYS A 567 14.76 -52.05 10.77
CA LYS A 567 15.20 -51.41 12.00
C LYS A 567 16.52 -52.03 12.47
N GLY A 568 17.45 -51.20 12.88
CA GLY A 568 18.73 -51.70 13.37
C GLY A 568 19.77 -52.04 12.34
N GLU A 569 19.36 -52.19 11.08
CA GLU A 569 20.28 -52.54 9.98
C GLU A 569 21.18 -51.38 9.54
N HIS A 570 22.30 -51.70 8.89
CA HIS A 570 23.19 -50.65 8.41
C HIS A 570 24.23 -51.14 7.42
N LEU A 571 25.27 -50.33 7.19
CA LEU A 571 26.33 -50.69 6.27
C LEU A 571 27.48 -51.34 7.03
N ASP A 572 28.19 -52.24 6.36
CA ASP A 572 29.30 -52.93 6.98
C ASP A 572 30.62 -52.40 6.42
N GLU A 573 31.52 -51.99 7.32
CA GLU A 573 32.81 -51.43 6.94
C GLU A 573 33.65 -52.28 5.99
N LYS A 574 33.73 -53.57 6.27
CA LYS A 574 34.53 -54.48 5.45
C LYS A 574 34.00 -54.60 4.05
N LYS A 575 32.72 -54.96 3.94
CA LYS A 575 32.11 -55.14 2.65
C LYS A 575 32.06 -53.85 1.84
N TYR A 576 31.97 -52.70 2.52
CA TYR A 576 31.96 -51.44 1.79
C TYR A 576 33.36 -51.24 1.20
N ASP A 577 34.37 -51.42 2.04
CA ASP A 577 35.76 -51.28 1.62
C ASP A 577 36.06 -52.19 0.45
N GLU A 578 35.66 -53.46 0.55
CA GLU A 578 35.88 -54.41 -0.55
C GLU A 578 35.24 -53.86 -1.83
N LEU A 579 34.09 -53.19 -1.68
CA LEU A 579 33.36 -52.60 -2.81
C LEU A 579 34.08 -51.37 -3.35
N LEU A 580 34.80 -50.67 -2.49
CA LEU A 580 35.54 -49.49 -2.90
C LEU A 580 36.65 -49.95 -3.85
N SER A 581 37.32 -51.04 -3.47
CA SER A 581 38.40 -51.61 -4.28
C SER A 581 37.93 -51.97 -5.69
N GLU A 582 36.70 -52.48 -5.79
CA GLU A 582 36.15 -52.85 -7.08
C GLU A 582 36.06 -51.59 -7.93
N TYR A 583 35.62 -50.52 -7.27
CA TYR A 583 35.46 -49.21 -7.91
C TYR A 583 36.84 -48.77 -8.40
N TYR A 584 37.85 -48.84 -7.53
CA TYR A 584 39.22 -48.46 -7.90
C TYR A 584 39.76 -49.38 -9.00
N ARG A 585 39.43 -50.67 -8.89
CA ARG A 585 39.88 -51.63 -9.89
C ARG A 585 39.30 -51.28 -11.26
N ILE A 586 38.03 -50.86 -11.28
CA ILE A 586 37.38 -50.52 -12.54
C ILE A 586 37.86 -49.18 -13.12
N ARG A 587 38.24 -48.25 -12.24
CA ARG A 587 38.70 -46.91 -12.66
C ARG A 587 40.18 -46.87 -12.97
N GLY A 588 40.94 -47.79 -12.39
CA GLY A 588 42.37 -47.82 -12.63
C GLY A 588 43.11 -46.97 -11.63
N TRP A 589 42.63 -46.95 -10.39
CA TRP A 589 43.26 -46.16 -9.32
C TRP A 589 43.92 -47.08 -8.30
N ASP A 590 44.91 -46.56 -7.58
CA ASP A 590 45.56 -47.40 -6.59
C ASP A 590 44.63 -47.53 -5.41
N GLU A 591 45.05 -48.28 -4.41
CA GLU A 591 44.23 -48.52 -3.23
C GLU A 591 44.17 -47.32 -2.29
N ARG A 592 44.79 -46.22 -2.73
CA ARG A 592 44.79 -44.99 -1.97
C ARG A 592 43.70 -44.09 -2.55
N GLY A 593 43.30 -44.39 -3.78
CA GLY A 593 42.26 -43.62 -4.45
C GLY A 593 42.83 -42.71 -5.51
N ILE A 594 44.12 -42.90 -5.79
CA ILE A 594 44.86 -42.09 -6.75
C ILE A 594 45.06 -42.81 -8.07
N PRO A 595 44.93 -42.09 -9.20
CA PRO A 595 45.14 -42.76 -10.49
C PRO A 595 46.57 -43.29 -10.62
N LYS A 596 46.76 -44.23 -11.55
CA LYS A 596 48.08 -44.81 -11.78
C LYS A 596 48.62 -44.23 -13.07
N LYS A 597 49.94 -44.22 -13.19
CA LYS A 597 50.60 -43.69 -14.37
C LYS A 597 50.08 -44.34 -15.65
N GLU A 598 49.73 -45.61 -15.59
CA GLU A 598 49.22 -46.28 -16.77
C GLU A 598 47.85 -45.70 -17.13
N THR A 599 47.03 -45.44 -16.11
CA THR A 599 45.70 -44.86 -16.30
C THR A 599 45.78 -43.42 -16.79
N LEU A 600 46.64 -42.62 -16.16
CA LEU A 600 46.80 -41.24 -16.56
C LEU A 600 47.31 -41.21 -17.99
N LYS A 601 48.27 -42.08 -18.30
CA LYS A 601 48.83 -42.16 -19.64
C LYS A 601 47.73 -42.59 -20.60
N GLU A 602 47.09 -43.70 -20.25
CA GLU A 602 46.01 -44.28 -21.03
C GLU A 602 44.89 -43.29 -21.38
N LEU A 603 44.61 -42.35 -20.49
CA LEU A 603 43.55 -41.36 -20.70
C LEU A 603 44.02 -40.01 -21.28
N ASP A 604 45.21 -39.98 -21.87
CA ASP A 604 45.73 -38.75 -22.46
C ASP A 604 46.09 -37.70 -21.42
N LEU A 605 46.34 -38.13 -20.19
CA LEU A 605 46.67 -37.20 -19.12
C LEU A 605 48.08 -37.41 -18.56
N ASP A 606 49.08 -37.36 -19.43
CA ASP A 606 50.46 -37.54 -18.98
C ASP A 606 50.94 -36.36 -18.14
N PHE A 607 50.69 -35.13 -18.62
CA PHE A 607 51.11 -33.93 -17.91
C PHE A 607 50.78 -33.88 -16.43
N VAL A 608 49.86 -34.75 -16.00
CA VAL A 608 49.45 -34.81 -14.60
C VAL A 608 50.47 -35.55 -13.71
N ILE A 609 51.09 -36.58 -14.29
CA ILE A 609 52.07 -37.41 -13.58
C ILE A 609 53.21 -36.68 -12.84
N PRO A 610 54.01 -35.88 -13.57
CA PRO A 610 55.10 -35.19 -12.88
C PRO A 610 54.62 -34.36 -11.68
N GLU A 611 53.44 -33.77 -11.83
CA GLU A 611 52.83 -32.93 -10.79
C GLU A 611 52.41 -33.71 -9.56
N LEU A 612 51.73 -34.83 -9.77
CA LEU A 612 51.31 -35.64 -8.63
C LEU A 612 52.55 -36.31 -8.09
N GLU A 613 53.52 -36.54 -8.96
CA GLU A 613 54.75 -37.18 -8.52
C GLU A 613 55.52 -36.30 -7.54
N LYS A 614 55.28 -35.00 -7.60
CA LYS A 614 55.96 -34.07 -6.70
C LYS A 614 55.36 -34.07 -5.30
N VAL A 615 54.11 -34.52 -5.17
CA VAL A 615 53.46 -34.53 -3.85
C VAL A 615 53.43 -35.90 -3.18
N THR A 616 53.42 -36.97 -3.97
CA THR A 616 53.45 -38.36 -3.44
C THR A 616 53.95 -39.35 -4.48
N ASN A 617 54.12 -40.59 -4.02
CA ASN A 617 54.58 -41.70 -4.87
C ASN A 617 53.37 -42.19 -5.64
N LEU A 618 53.50 -42.26 -6.97
CA LEU A 618 52.41 -42.73 -7.82
C LEU A 618 52.58 -44.22 -8.05
N GLU A 619 51.56 -44.85 -8.64
CA GLU A 619 51.62 -46.27 -8.93
C GLU A 619 51.25 -46.52 -10.38
N MET B 1 -37.89 -21.23 37.67
CA MET B 1 -37.39 -21.97 36.48
C MET B 1 -35.90 -21.77 36.28
N TYR B 2 -35.18 -22.88 36.15
CA TYR B 2 -33.74 -22.83 35.99
C TYR B 2 -33.32 -23.19 34.55
N GLY B 3 -32.09 -22.82 34.18
CA GLY B 3 -31.59 -23.13 32.85
C GLY B 3 -32.24 -22.26 31.78
N TRP B 4 -33.53 -22.50 31.53
CA TRP B 4 -34.27 -21.72 30.55
C TRP B 4 -34.64 -20.38 31.18
N TRP B 5 -34.86 -19.36 30.36
CA TRP B 5 -35.27 -18.05 30.85
C TRP B 5 -36.77 -18.04 30.68
N GLY B 6 -37.24 -18.83 29.72
CA GLY B 6 -38.66 -18.88 29.44
C GLY B 6 -39.00 -17.61 28.68
N ARG B 7 -37.95 -16.91 28.25
CA ARG B 7 -38.10 -15.65 27.53
C ARG B 7 -37.60 -15.66 26.09
N ILE B 8 -38.42 -15.08 25.20
CA ILE B 8 -38.09 -15.01 23.80
C ILE B 8 -38.16 -13.56 23.31
N LEU B 9 -37.10 -13.10 22.65
CA LEU B 9 -37.02 -11.73 22.14
C LEU B 9 -37.71 -11.61 20.78
N ARG B 10 -38.61 -10.66 20.65
CA ARG B 10 -39.33 -10.48 19.40
C ARG B 10 -39.04 -9.09 18.83
N VAL B 11 -38.70 -9.05 17.55
CA VAL B 11 -38.41 -7.80 16.89
C VAL B 11 -39.27 -7.77 15.65
N ASN B 12 -39.96 -6.65 15.44
CA ASN B 12 -40.80 -6.52 14.27
C ASN B 12 -40.17 -5.42 13.42
N LEU B 13 -39.43 -5.84 12.40
CA LEU B 13 -38.75 -4.91 11.52
C LEU B 13 -39.72 -3.95 10.85
N THR B 14 -40.92 -4.45 10.50
CA THR B 14 -41.93 -3.65 9.82
C THR B 14 -42.39 -2.44 10.61
N THR B 15 -42.85 -2.67 11.84
CA THR B 15 -43.34 -1.61 12.71
C THR B 15 -42.28 -1.13 13.69
N GLY B 16 -41.17 -1.84 13.78
CA GLY B 16 -40.11 -1.45 14.68
C GLY B 16 -40.37 -1.80 16.14
N GLU B 17 -41.53 -2.38 16.42
CA GLU B 17 -41.85 -2.76 17.79
C GLU B 17 -40.94 -3.87 18.31
N VAL B 18 -40.52 -3.74 19.57
CA VAL B 18 -39.63 -4.73 20.18
C VAL B 18 -40.18 -5.15 21.55
N LYS B 19 -40.36 -6.45 21.76
CA LYS B 19 -40.87 -6.93 23.05
C LYS B 19 -40.24 -8.25 23.44
N VAL B 20 -40.66 -8.77 24.60
CA VAL B 20 -40.17 -10.04 25.12
C VAL B 20 -41.36 -10.92 25.44
N GLN B 21 -41.47 -12.05 24.76
CA GLN B 21 -42.56 -12.97 25.01
C GLN B 21 -42.15 -14.00 26.05
N GLU B 22 -43.05 -14.26 26.99
CA GLU B 22 -42.80 -15.26 28.01
C GLU B 22 -43.47 -16.57 27.56
N TYR B 23 -42.71 -17.66 27.55
CA TYR B 23 -43.34 -18.91 27.15
C TYR B 23 -43.28 -19.87 28.34
N PRO B 24 -44.33 -20.68 28.52
CA PRO B 24 -44.53 -21.67 29.59
C PRO B 24 -43.29 -22.49 29.94
N GLU B 25 -43.35 -23.24 31.03
CA GLU B 25 -42.20 -24.05 31.38
C GLU B 25 -42.37 -25.45 30.82
N GLU B 26 -43.57 -25.80 30.39
CA GLU B 26 -43.77 -27.13 29.84
C GLU B 26 -43.36 -27.04 28.40
N VAL B 27 -43.53 -25.85 27.82
CA VAL B 27 -43.15 -25.67 26.44
C VAL B 27 -41.63 -25.83 26.38
N ALA B 28 -40.91 -25.23 27.32
CA ALA B 28 -39.45 -25.37 27.35
C ALA B 28 -39.11 -26.83 27.64
N LYS B 29 -39.70 -27.40 28.69
CA LYS B 29 -39.46 -28.79 29.06
C LYS B 29 -39.78 -29.73 27.91
N LYS B 30 -40.88 -29.44 27.23
CA LYS B 30 -41.37 -30.22 26.12
C LYS B 30 -40.48 -30.20 24.89
N PHE B 31 -40.08 -29.01 24.47
CA PHE B 31 -39.25 -28.85 23.28
C PHE B 31 -37.77 -28.53 23.56
N ILE B 32 -37.44 -28.41 24.83
CA ILE B 32 -36.09 -28.13 25.29
C ILE B 32 -35.40 -26.91 24.71
N GLY B 33 -35.45 -26.74 23.39
CA GLY B 33 -34.81 -25.57 22.81
C GLY B 33 -34.32 -25.75 21.39
N GLY B 34 -33.43 -24.84 20.98
CA GLY B 34 -32.86 -24.87 19.64
C GLY B 34 -33.88 -25.16 18.56
N ARG B 35 -33.74 -26.31 17.91
CA ARG B 35 -34.65 -26.74 16.86
C ARG B 35 -36.03 -27.09 17.43
N GLY B 36 -36.03 -27.65 18.65
CA GLY B 36 -37.29 -28.00 19.27
C GLY B 36 -38.15 -26.76 19.35
N LEU B 37 -37.63 -25.75 20.03
CA LEU B 37 -38.30 -24.48 20.20
C LEU B 37 -38.66 -23.82 18.87
N ALA B 38 -37.77 -23.90 17.89
CA ALA B 38 -38.01 -23.28 16.58
C ALA B 38 -39.19 -23.87 15.83
N ALA B 39 -39.36 -25.19 15.95
CA ALA B 39 -40.45 -25.88 15.28
C ALA B 39 -41.78 -25.50 15.92
N TRP B 40 -41.80 -25.42 17.24
CA TRP B 40 -43.02 -25.04 17.93
C TRP B 40 -43.44 -23.65 17.40
N ILE B 41 -42.47 -22.73 17.34
CA ILE B 41 -42.70 -21.37 16.85
C ILE B 41 -43.14 -21.31 15.39
N LEU B 42 -42.41 -21.99 14.51
CA LEU B 42 -42.76 -21.98 13.10
C LEU B 42 -44.13 -22.58 12.84
N TRP B 43 -44.47 -23.64 13.56
CA TRP B 43 -45.76 -24.28 13.36
C TRP B 43 -46.89 -23.29 13.60
N ASN B 44 -46.78 -22.58 14.73
CA ASN B 44 -47.77 -21.60 15.15
C ASN B 44 -47.76 -20.26 14.44
N GLU B 45 -46.56 -19.77 14.14
CA GLU B 45 -46.44 -18.46 13.51
C GLU B 45 -46.14 -18.35 12.02
N ALA B 46 -45.67 -19.42 11.39
CA ALA B 46 -45.39 -19.32 9.96
C ALA B 46 -46.32 -20.24 9.20
N ARG B 47 -47.62 -20.02 9.38
CA ARG B 47 -48.66 -20.81 8.75
C ARG B 47 -49.09 -20.24 7.41
N GLY B 48 -48.74 -20.96 6.34
CA GLY B 48 -49.09 -20.55 4.99
C GLY B 48 -48.34 -19.38 4.40
N VAL B 49 -47.32 -18.90 5.11
CA VAL B 49 -46.53 -17.76 4.66
C VAL B 49 -45.57 -18.02 3.50
N GLU B 50 -45.23 -16.95 2.79
CA GLU B 50 -44.30 -17.02 1.67
C GLU B 50 -42.94 -16.95 2.34
N PRO B 51 -42.08 -17.95 2.07
CA PRO B 51 -40.75 -17.94 2.70
C PRO B 51 -39.97 -16.63 2.58
N LEU B 52 -40.27 -15.85 1.54
CA LEU B 52 -39.56 -14.59 1.32
C LEU B 52 -40.44 -13.35 1.60
N SER B 53 -41.66 -13.57 2.10
CA SER B 53 -42.56 -12.48 2.44
C SER B 53 -42.26 -12.04 3.87
N PRO B 54 -42.72 -10.82 4.25
CA PRO B 54 -42.49 -10.29 5.60
C PRO B 54 -43.08 -11.14 6.72
N GLU B 55 -44.11 -11.91 6.39
CA GLU B 55 -44.78 -12.76 7.39
C GLU B 55 -43.91 -13.91 7.91
N ASN B 56 -42.87 -14.28 7.17
CA ASN B 56 -42.00 -15.37 7.58
C ASN B 56 -41.20 -14.96 8.84
N LYS B 57 -40.97 -15.95 9.70
CA LYS B 57 -40.25 -15.73 10.95
C LYS B 57 -38.81 -16.22 10.91
N LEU B 58 -37.87 -15.35 11.26
CA LEU B 58 -36.46 -15.71 11.29
C LEU B 58 -36.14 -15.95 12.75
N ILE B 59 -35.83 -17.20 13.08
CA ILE B 59 -35.55 -17.56 14.46
C ILE B 59 -34.10 -17.89 14.77
N PHE B 60 -33.63 -17.35 15.88
CA PHE B 60 -32.28 -17.64 16.37
C PHE B 60 -32.60 -18.26 17.73
N ALA B 61 -32.63 -19.59 17.75
CA ALA B 61 -32.96 -20.34 18.94
C ALA B 61 -31.78 -21.00 19.61
N ALA B 62 -31.63 -20.74 20.89
CA ALA B 62 -30.55 -21.31 21.66
C ALA B 62 -31.20 -22.35 22.56
N GLY B 63 -30.47 -22.81 23.57
CA GLY B 63 -31.02 -23.80 24.47
C GLY B 63 -30.34 -23.74 25.82
N PRO B 64 -30.81 -24.55 26.77
CA PRO B 64 -30.26 -24.61 28.13
C PRO B 64 -28.74 -24.71 28.26
N PHE B 65 -28.08 -25.26 27.23
CA PHE B 65 -26.64 -25.44 27.27
C PHE B 65 -25.88 -24.19 26.88
N ASN B 66 -26.56 -23.29 26.15
CA ASN B 66 -25.95 -22.06 25.66
C ASN B 66 -25.89 -20.92 26.69
N GLY B 67 -24.76 -20.22 26.71
CA GLY B 67 -24.59 -19.13 27.66
C GLY B 67 -23.80 -19.60 28.86
N LEU B 68 -23.67 -20.91 28.98
CA LEU B 68 -22.94 -21.52 30.07
C LEU B 68 -21.75 -22.30 29.55
N PRO B 69 -20.76 -22.53 30.42
CA PRO B 69 -19.58 -23.29 30.02
C PRO B 69 -19.90 -24.76 29.97
N THR B 70 -20.25 -25.24 28.78
CA THR B 70 -20.56 -26.63 28.56
C THR B 70 -19.65 -27.05 27.40
N PRO B 71 -19.13 -28.29 27.44
CA PRO B 71 -18.23 -28.80 26.39
C PRO B 71 -18.73 -28.54 24.97
N SER B 72 -17.98 -27.70 24.25
CA SER B 72 -18.29 -27.34 22.87
C SER B 72 -19.76 -26.96 22.76
N GLY B 73 -20.22 -26.17 23.72
CA GLY B 73 -21.61 -25.77 23.75
C GLY B 73 -21.86 -24.33 23.35
N GLY B 74 -21.17 -23.90 22.29
CA GLY B 74 -21.32 -22.54 21.79
C GLY B 74 -22.01 -22.57 20.44
N LYS B 75 -23.09 -23.35 20.35
CA LYS B 75 -23.84 -23.49 19.10
C LYS B 75 -25.13 -22.70 19.13
N LEU B 76 -25.78 -22.62 17.98
CA LEU B 76 -27.01 -21.87 17.84
C LEU B 76 -27.69 -22.32 16.58
N VAL B 77 -29.01 -22.35 16.62
CA VAL B 77 -29.80 -22.78 15.48
C VAL B 77 -30.45 -21.58 14.81
N VAL B 78 -30.62 -21.66 13.50
CA VAL B 78 -31.26 -20.61 12.75
C VAL B 78 -32.33 -21.35 11.98
N ALA B 79 -33.57 -20.90 12.10
CA ALA B 79 -34.69 -21.55 11.44
C ALA B 79 -35.66 -20.56 10.83
N ALA B 80 -36.52 -21.06 9.95
CA ALA B 80 -37.53 -20.27 9.24
C ALA B 80 -38.12 -21.15 8.15
N LYS B 81 -39.33 -20.83 7.68
CA LYS B 81 -39.93 -21.61 6.61
C LYS B 81 -38.94 -21.39 5.47
N SER B 82 -38.43 -22.48 4.89
CA SER B 82 -37.41 -22.40 3.84
C SER B 82 -37.80 -21.94 2.46
N PRO B 83 -37.02 -20.99 1.92
CA PRO B 83 -37.18 -20.38 0.58
C PRO B 83 -36.79 -21.33 -0.55
N LEU B 84 -35.93 -22.29 -0.23
CA LEU B 84 -35.45 -23.26 -1.20
C LEU B 84 -36.32 -24.53 -1.24
N THR B 85 -36.74 -24.98 -0.05
CA THR B 85 -37.55 -26.19 0.10
C THR B 85 -39.05 -25.96 0.29
N GLY B 86 -39.42 -24.85 0.91
CA GLY B 86 -40.82 -24.56 1.14
C GLY B 86 -41.36 -25.28 2.35
N GLY B 87 -40.45 -25.89 3.11
CA GLY B 87 -40.85 -26.61 4.30
C GLY B 87 -40.09 -26.07 5.49
N TYR B 88 -40.00 -26.86 6.54
CA TYR B 88 -39.27 -26.44 7.71
C TYR B 88 -37.79 -26.53 7.37
N GLY B 89 -37.06 -25.44 7.62
CA GLY B 89 -35.64 -25.47 7.34
C GLY B 89 -34.90 -24.92 8.53
N ASP B 90 -33.67 -25.36 8.73
CA ASP B 90 -32.87 -24.83 9.81
C ASP B 90 -31.41 -25.17 9.63
N GLY B 91 -30.57 -24.52 10.44
CA GLY B 91 -29.14 -24.72 10.37
C GLY B 91 -28.59 -24.51 11.74
N ASN B 92 -27.28 -24.70 11.88
CA ASN B 92 -26.63 -24.59 13.17
C ASN B 92 -25.26 -24.04 12.92
N LEU B 93 -24.77 -23.21 13.83
CA LEU B 93 -23.44 -22.66 13.67
C LEU B 93 -22.89 -22.34 15.04
N GLY B 94 -21.57 -22.36 15.17
CA GLY B 94 -20.96 -22.05 16.44
C GLY B 94 -20.65 -20.57 16.37
N THR B 95 -20.98 -19.82 17.42
CA THR B 95 -20.76 -18.38 17.42
C THR B 95 -20.90 -17.78 18.81
N MET B 96 -20.08 -16.78 19.11
CA MET B 96 -20.16 -16.13 20.41
C MET B 96 -21.56 -15.54 20.55
N ALA B 97 -22.25 -15.40 19.43
CA ALA B 97 -23.60 -14.85 19.44
C ALA B 97 -24.52 -15.80 20.18
N SER B 98 -24.07 -17.03 20.40
CA SER B 98 -24.84 -18.05 21.10
C SER B 98 -24.72 -17.81 22.60
N VAL B 99 -23.50 -17.49 23.02
CA VAL B 99 -23.23 -17.21 24.41
C VAL B 99 -23.90 -15.91 24.81
N HIS B 100 -23.56 -14.83 24.11
CA HIS B 100 -24.11 -13.51 24.39
C HIS B 100 -25.64 -13.43 24.32
N LEU B 101 -26.27 -14.20 23.44
CA LEU B 101 -27.72 -14.15 23.35
C LEU B 101 -28.33 -14.59 24.66
N ARG B 102 -27.81 -15.68 25.21
CA ARG B 102 -28.33 -16.20 26.44
C ARG B 102 -27.91 -15.39 27.65
N ARG B 103 -26.69 -14.87 27.65
CA ARG B 103 -26.26 -14.02 28.76
C ARG B 103 -27.01 -12.68 28.78
N ALA B 104 -27.77 -12.40 27.73
CA ALA B 104 -28.55 -11.16 27.65
C ALA B 104 -29.94 -11.38 28.23
N GLY B 105 -30.25 -12.63 28.59
CA GLY B 105 -31.54 -12.95 29.18
C GLY B 105 -32.57 -13.53 28.24
N TYR B 106 -32.13 -14.07 27.11
CA TYR B 106 -33.06 -14.66 26.13
C TYR B 106 -32.72 -16.10 25.71
N ASP B 107 -33.76 -16.88 25.42
CA ASP B 107 -33.55 -18.25 24.98
C ASP B 107 -33.46 -18.22 23.45
N ALA B 108 -34.24 -17.34 22.84
CA ALA B 108 -34.25 -17.21 21.39
C ALA B 108 -34.58 -15.79 20.96
N LEU B 109 -34.40 -15.50 19.67
CA LEU B 109 -34.72 -14.19 19.10
C LEU B 109 -35.56 -14.49 17.85
N VAL B 110 -36.67 -13.79 17.68
CA VAL B 110 -37.52 -14.02 16.52
C VAL B 110 -37.79 -12.73 15.77
N VAL B 111 -37.19 -12.61 14.59
CA VAL B 111 -37.38 -11.43 13.76
C VAL B 111 -38.54 -11.67 12.79
N GLU B 112 -39.41 -10.68 12.64
CA GLU B 112 -40.54 -10.81 11.75
C GLU B 112 -40.69 -9.52 10.98
N GLY B 113 -41.56 -9.53 9.96
CA GLY B 113 -41.77 -8.35 9.15
C GLY B 113 -40.60 -8.04 8.23
N LYS B 114 -40.46 -6.77 7.87
CA LYS B 114 -39.38 -6.34 6.99
C LYS B 114 -39.07 -4.84 7.14
N ALA B 115 -37.81 -4.55 7.45
CA ALA B 115 -37.37 -3.16 7.60
C ALA B 115 -37.55 -2.44 6.28
N LYS B 116 -37.68 -1.12 6.32
CA LYS B 116 -37.85 -0.33 5.11
C LYS B 116 -36.50 -0.01 4.49
N LYS B 117 -35.43 -0.38 5.18
CA LYS B 117 -34.08 -0.10 4.70
C LYS B 117 -33.07 -0.98 5.43
N PRO B 118 -31.86 -1.15 4.88
CA PRO B 118 -30.86 -1.98 5.55
C PRO B 118 -30.71 -1.64 7.03
N VAL B 119 -30.90 -2.64 7.89
CA VAL B 119 -30.79 -2.42 9.34
C VAL B 119 -30.13 -3.61 10.02
N TYR B 120 -29.65 -3.40 11.22
CA TYR B 120 -29.09 -4.50 11.98
C TYR B 120 -29.68 -4.45 13.41
N ILE B 121 -29.84 -5.61 14.04
CA ILE B 121 -30.37 -5.67 15.39
C ILE B 121 -29.24 -5.65 16.39
N TYR B 122 -29.37 -4.76 17.37
CA TYR B 122 -28.38 -4.60 18.42
C TYR B 122 -28.99 -5.07 19.73
N ILE B 123 -28.27 -5.91 20.45
CA ILE B 123 -28.75 -6.41 21.71
C ILE B 123 -27.64 -6.36 22.77
N GLU B 124 -27.96 -5.73 23.89
CA GLU B 124 -27.04 -5.67 25.01
C GLU B 124 -27.92 -5.78 26.24
N ASP B 125 -28.10 -7.01 26.71
CA ASP B 125 -28.95 -7.31 27.83
C ASP B 125 -30.36 -6.85 27.51
N ASP B 126 -30.88 -5.90 28.27
CA ASP B 126 -32.24 -5.44 28.03
C ASP B 126 -32.38 -4.32 27.01
N ASN B 127 -31.24 -3.80 26.56
CA ASN B 127 -31.19 -2.73 25.56
C ASN B 127 -31.16 -3.38 24.18
N VAL B 128 -32.25 -3.23 23.43
CA VAL B 128 -32.37 -3.81 22.10
C VAL B 128 -32.83 -2.74 21.10
N SER B 129 -32.04 -2.49 20.06
CA SER B 129 -32.45 -1.48 19.08
C SER B 129 -32.32 -1.91 17.63
N ILE B 130 -33.15 -1.30 16.78
CA ILE B 130 -33.10 -1.57 15.35
C ILE B 130 -32.32 -0.39 14.76
N LEU B 131 -31.05 -0.61 14.43
CA LEU B 131 -30.18 0.42 13.87
C LEU B 131 -30.02 0.35 12.37
N SER B 132 -29.60 1.48 11.78
CA SER B 132 -29.40 1.57 10.34
C SER B 132 -28.13 0.86 9.95
N ALA B 133 -28.20 0.11 8.86
CA ALA B 133 -27.04 -0.64 8.36
C ALA B 133 -26.78 -0.24 6.90
N GLU B 134 -27.32 0.90 6.49
CA GLU B 134 -27.17 1.39 5.12
C GLU B 134 -25.73 1.47 4.61
N GLY B 135 -24.78 1.65 5.52
CA GLY B 135 -23.39 1.72 5.12
C GLY B 135 -22.76 0.33 5.06
N LEU B 136 -23.46 -0.67 5.58
CA LEU B 136 -22.99 -2.06 5.61
C LEU B 136 -23.47 -2.91 4.42
N TRP B 137 -24.70 -2.68 4.01
CA TRP B 137 -25.28 -3.41 2.91
C TRP B 137 -24.38 -3.47 1.67
N GLY B 138 -24.09 -4.68 1.20
CA GLY B 138 -23.26 -4.84 0.04
C GLY B 138 -21.89 -5.39 0.38
N LYS B 139 -21.43 -5.17 1.60
CA LYS B 139 -20.12 -5.66 2.06
C LYS B 139 -20.16 -7.14 2.44
N THR B 140 -19.01 -7.81 2.34
CA THR B 140 -18.93 -9.22 2.66
C THR B 140 -19.15 -9.45 4.15
N THR B 141 -19.57 -10.67 4.49
CA THR B 141 -19.80 -11.01 5.88
C THR B 141 -18.53 -10.70 6.69
N PHE B 142 -17.38 -11.07 6.14
CA PHE B 142 -16.11 -10.84 6.82
C PHE B 142 -15.96 -9.39 7.20
N GLU B 143 -16.14 -8.50 6.20
CA GLU B 143 -16.01 -7.06 6.38
C GLU B 143 -17.08 -6.48 7.32
N THR B 144 -18.30 -6.97 7.20
CA THR B 144 -19.39 -6.50 8.04
C THR B 144 -19.11 -6.71 9.53
N GLU B 145 -18.66 -7.91 9.89
CA GLU B 145 -18.37 -8.20 11.28
C GLU B 145 -17.17 -7.41 11.78
N ARG B 146 -16.14 -7.27 10.94
CA ARG B 146 -14.95 -6.51 11.33
C ARG B 146 -15.30 -5.06 11.63
N GLU B 147 -16.13 -4.49 10.77
CA GLU B 147 -16.56 -3.11 10.93
C GLU B 147 -17.41 -2.88 12.17
N LEU B 148 -18.33 -3.80 12.46
CA LEU B 148 -19.18 -3.65 13.63
C LEU B 148 -18.35 -3.79 14.90
N LYS B 149 -17.33 -4.64 14.86
CA LYS B 149 -16.47 -4.82 16.04
C LYS B 149 -15.58 -3.61 16.25
N GLU B 150 -15.31 -2.90 15.17
CA GLU B 150 -14.48 -1.72 15.27
C GLU B 150 -15.28 -0.62 15.96
N ILE B 151 -16.62 -0.75 15.91
CA ILE B 151 -17.50 0.22 16.54
C ILE B 151 -17.84 -0.16 17.99
N HIS B 152 -18.48 -1.32 18.18
CA HIS B 152 -18.90 -1.77 19.51
C HIS B 152 -17.90 -2.59 20.32
N GLY B 153 -16.72 -2.84 19.77
CA GLY B 153 -15.72 -3.63 20.48
C GLY B 153 -15.74 -5.10 20.08
N LYS B 154 -14.70 -5.84 20.46
CA LYS B 154 -14.61 -7.27 20.13
C LYS B 154 -15.51 -8.18 20.96
N ASN B 155 -15.78 -7.80 22.21
CA ASN B 155 -16.61 -8.61 23.10
C ASN B 155 -18.08 -8.63 22.72
N VAL B 156 -18.37 -9.17 21.53
CA VAL B 156 -19.75 -9.28 21.05
C VAL B 156 -19.85 -10.42 20.06
N GLY B 157 -21.08 -10.87 19.82
CA GLY B 157 -21.34 -11.92 18.88
C GLY B 157 -22.06 -11.31 17.70
N VAL B 158 -21.54 -11.52 16.49
CA VAL B 158 -22.15 -10.97 15.30
C VAL B 158 -22.56 -12.09 14.35
N LEU B 159 -23.73 -11.94 13.75
CA LEU B 159 -24.27 -12.90 12.78
C LEU B 159 -24.55 -12.04 11.58
N THR B 160 -24.18 -12.48 10.38
CA THR B 160 -24.40 -11.64 9.22
C THR B 160 -24.74 -12.38 7.95
N ILE B 161 -25.10 -11.63 6.91
CA ILE B 161 -25.36 -12.20 5.60
C ILE B 161 -24.41 -11.48 4.66
N GLY B 162 -24.13 -12.10 3.52
CA GLY B 162 -23.26 -11.50 2.54
C GLY B 162 -24.17 -11.18 1.38
N PRO B 163 -23.64 -10.67 0.26
CA PRO B 163 -24.46 -10.33 -0.92
C PRO B 163 -25.34 -11.47 -1.47
N ALA B 164 -24.99 -12.72 -1.18
CA ALA B 164 -25.77 -13.87 -1.64
C ALA B 164 -27.11 -13.86 -0.87
N GLY B 165 -27.04 -13.48 0.39
CA GLY B 165 -28.25 -13.39 1.19
C GLY B 165 -28.99 -12.17 0.70
N GLU B 166 -28.27 -11.05 0.66
CA GLU B 166 -28.83 -9.79 0.19
C GLU B 166 -29.56 -9.95 -1.13
N ASN B 167 -29.02 -10.77 -2.02
CA ASN B 167 -29.63 -10.98 -3.32
C ASN B 167 -30.62 -12.13 -3.34
N LEU B 168 -30.80 -12.76 -2.17
CA LEU B 168 -31.75 -13.84 -2.04
C LEU B 168 -31.41 -15.09 -2.84
N VAL B 169 -30.14 -15.49 -2.76
CA VAL B 169 -29.67 -16.71 -3.40
C VAL B 169 -30.38 -17.73 -2.51
N LYS B 170 -31.12 -18.67 -3.10
CA LYS B 170 -31.89 -19.63 -2.30
C LYS B 170 -31.14 -20.45 -1.24
N TYR B 171 -29.84 -20.69 -1.43
CA TYR B 171 -29.09 -21.45 -0.43
C TYR B 171 -28.14 -20.55 0.32
N ALA B 172 -28.59 -19.31 0.49
CA ALA B 172 -27.85 -18.28 1.21
C ALA B 172 -27.90 -18.62 2.71
N VAL B 173 -26.77 -18.43 3.39
CA VAL B 173 -26.68 -18.75 4.80
C VAL B 173 -26.29 -17.54 5.67
N VAL B 174 -26.19 -17.76 6.97
CA VAL B 174 -25.78 -16.72 7.92
C VAL B 174 -24.34 -17.07 8.32
N ILE B 175 -23.45 -16.10 8.33
CA ILE B 175 -22.06 -16.34 8.67
C ILE B 175 -21.64 -15.67 9.96
N SER B 176 -20.60 -16.20 10.59
CA SER B 176 -20.08 -15.62 11.81
C SER B 176 -18.61 -15.95 11.97
N GLN B 177 -17.86 -15.02 12.53
CA GLN B 177 -16.43 -15.21 12.76
C GLN B 177 -15.72 -15.85 11.58
N GLU B 178 -15.92 -15.28 10.39
CA GLU B 178 -15.31 -15.78 9.16
C GLU B 178 -15.12 -17.29 9.18
N GLY B 179 -16.09 -18.04 8.66
CA GLY B 179 -15.95 -19.47 8.66
C GLY B 179 -17.15 -20.22 9.19
N ARG B 180 -17.69 -19.82 10.34
CA ARG B 180 -18.84 -20.52 10.89
C ARG B 180 -20.08 -20.16 10.09
N ALA B 181 -20.88 -21.16 9.73
CA ALA B 181 -22.10 -20.94 8.94
C ALA B 181 -23.32 -21.75 9.40
N ALA B 182 -24.51 -21.25 9.08
CA ALA B 182 -25.76 -21.92 9.42
C ALA B 182 -26.89 -21.59 8.48
N GLY B 183 -27.78 -22.56 8.23
CA GLY B 183 -28.94 -22.33 7.38
C GLY B 183 -28.94 -22.69 5.90
N ARG B 184 -28.43 -23.87 5.57
CA ARG B 184 -28.40 -24.29 4.17
C ARG B 184 -29.69 -24.01 3.39
N PRO B 185 -30.88 -24.35 3.97
CA PRO B 185 -32.15 -24.10 3.26
C PRO B 185 -32.49 -22.65 2.94
N GLY B 186 -31.50 -21.77 3.04
CA GLY B 186 -31.74 -20.38 2.72
C GLY B 186 -32.11 -19.47 3.88
N MET B 187 -31.50 -19.66 5.04
CA MET B 187 -31.79 -18.82 6.18
C MET B 187 -31.22 -17.42 5.89
N GLY B 188 -30.14 -17.38 5.11
CA GLY B 188 -29.54 -16.10 4.79
C GLY B 188 -30.41 -15.34 3.81
N ALA B 189 -31.15 -16.06 2.97
CA ALA B 189 -32.01 -15.41 2.00
C ALA B 189 -33.26 -14.86 2.69
N VAL B 190 -33.57 -15.37 3.88
CA VAL B 190 -34.74 -14.90 4.62
C VAL B 190 -34.30 -13.68 5.42
N MET B 191 -33.09 -13.75 5.96
CA MET B 191 -32.52 -12.65 6.70
C MET B 191 -32.45 -11.47 5.72
N GLY B 192 -32.02 -11.75 4.49
CA GLY B 192 -31.93 -10.70 3.48
C GLY B 192 -33.26 -10.13 3.01
N SER B 193 -34.29 -10.96 2.90
CA SER B 193 -35.61 -10.50 2.47
C SER B 193 -36.23 -9.53 3.48
N LYS B 194 -35.71 -9.57 4.71
CA LYS B 194 -36.15 -8.68 5.79
C LYS B 194 -35.25 -7.44 5.76
N LYS B 195 -34.35 -7.38 4.81
CA LYS B 195 -33.45 -6.23 4.73
C LYS B 195 -32.63 -6.15 6.00
N LEU B 196 -32.42 -7.30 6.63
CA LEU B 196 -31.63 -7.40 7.86
C LEU B 196 -30.21 -7.81 7.47
N LYS B 197 -29.24 -6.96 7.81
CA LYS B 197 -27.84 -7.19 7.47
C LYS B 197 -27.02 -7.87 8.56
N ALA B 198 -27.44 -7.78 9.81
CA ALA B 198 -26.69 -8.40 10.88
C ALA B 198 -27.40 -8.36 12.20
N VAL B 199 -26.78 -9.00 13.20
CA VAL B 199 -27.31 -9.02 14.56
C VAL B 199 -26.09 -8.99 15.47
N VAL B 200 -25.99 -7.98 16.32
CA VAL B 200 -24.87 -7.88 17.24
C VAL B 200 -25.45 -8.13 18.64
N ILE B 201 -24.86 -9.06 19.36
CA ILE B 201 -25.35 -9.41 20.68
C ILE B 201 -24.27 -9.34 21.71
N ARG B 202 -24.66 -8.95 22.92
CA ARG B 202 -23.76 -8.87 24.05
C ARG B 202 -24.56 -9.18 25.31
N GLY B 203 -24.03 -10.08 26.13
CA GLY B 203 -24.71 -10.47 27.34
C GLY B 203 -23.79 -10.40 28.54
N THR B 204 -24.37 -10.05 29.68
CA THR B 204 -23.60 -9.94 30.92
C THR B 204 -24.35 -10.60 32.09
N LYS B 205 -25.64 -10.88 31.89
CA LYS B 205 -26.48 -11.49 32.92
C LYS B 205 -25.97 -12.87 33.37
N GLU B 206 -26.37 -13.27 34.56
CA GLU B 206 -25.95 -14.55 35.09
C GLU B 206 -27.16 -15.47 35.02
N ILE B 207 -26.99 -16.58 34.29
CA ILE B 207 -28.06 -17.55 34.09
C ILE B 207 -28.37 -18.44 35.30
N PRO B 208 -29.66 -18.59 35.63
CA PRO B 208 -30.06 -19.42 36.77
C PRO B 208 -29.72 -20.89 36.48
N VAL B 209 -28.90 -21.47 37.35
CA VAL B 209 -28.44 -22.86 37.24
C VAL B 209 -28.88 -23.65 38.49
N ALA B 210 -29.62 -24.73 38.29
CA ALA B 210 -30.10 -25.54 39.41
C ALA B 210 -28.95 -26.04 40.30
N ASP B 211 -27.92 -26.63 39.71
CA ASP B 211 -26.79 -27.14 40.48
C ASP B 211 -25.48 -26.62 39.87
N LYS B 212 -24.99 -25.51 40.40
CA LYS B 212 -23.75 -24.89 39.92
C LYS B 212 -22.53 -25.77 40.07
N GLU B 213 -22.44 -26.49 41.18
CA GLU B 213 -21.31 -27.35 41.44
C GLU B 213 -21.22 -28.55 40.52
N GLU B 214 -22.37 -29.18 40.27
CA GLU B 214 -22.44 -30.34 39.39
C GLU B 214 -22.02 -29.98 37.96
N LEU B 215 -22.63 -28.91 37.45
CA LEU B 215 -22.31 -28.43 36.11
C LEU B 215 -20.80 -28.28 35.97
N LYS B 216 -20.18 -27.63 36.94
CA LYS B 216 -18.73 -27.44 36.91
C LYS B 216 -18.04 -28.79 36.74
N LYS B 217 -18.19 -29.64 37.75
CA LYS B 217 -17.58 -30.97 37.78
C LYS B 217 -17.85 -31.80 36.54
N LEU B 218 -19.09 -31.84 36.08
CA LEU B 218 -19.44 -32.59 34.89
C LEU B 218 -18.67 -32.07 33.68
N SER B 219 -18.60 -30.75 33.56
CA SER B 219 -17.89 -30.10 32.45
C SER B 219 -16.39 -30.36 32.53
N GLN B 220 -15.81 -30.12 33.70
CA GLN B 220 -14.39 -30.36 33.87
C GLN B 220 -14.07 -31.81 33.47
N GLU B 221 -14.98 -32.73 33.80
CA GLU B 221 -14.81 -34.14 33.50
C GLU B 221 -14.93 -34.44 32.01
N ALA B 222 -15.87 -33.77 31.35
CA ALA B 222 -16.08 -33.96 29.92
C ALA B 222 -14.90 -33.48 29.07
N TYR B 223 -14.37 -32.30 29.38
CA TYR B 223 -13.22 -31.77 28.65
C TYR B 223 -12.01 -32.71 28.73
N ASN B 224 -11.66 -33.13 29.96
CA ASN B 224 -10.52 -34.03 30.14
C ASN B 224 -10.69 -35.31 29.32
N GLU B 225 -11.91 -35.83 29.32
CA GLU B 225 -12.21 -37.04 28.58
C GLU B 225 -11.86 -36.81 27.11
N ILE B 226 -12.18 -35.60 26.63
CA ILE B 226 -11.90 -35.20 25.26
C ILE B 226 -10.38 -35.12 25.05
N LEU B 227 -9.72 -34.37 25.92
CA LEU B 227 -8.28 -34.19 25.87
C LEU B 227 -7.51 -35.51 25.88
N ASN B 228 -8.03 -36.52 26.57
CA ASN B 228 -7.32 -37.77 26.67
C ASN B 228 -7.73 -38.89 25.73
N SER B 229 -8.84 -38.71 25.01
CA SER B 229 -9.27 -39.75 24.09
C SER B 229 -8.18 -39.97 23.06
N PRO B 230 -8.01 -41.22 22.61
CA PRO B 230 -6.97 -41.51 21.62
C PRO B 230 -7.08 -40.73 20.29
N GLY B 231 -8.29 -40.45 19.85
CA GLY B 231 -8.48 -39.74 18.60
C GLY B 231 -8.23 -38.24 18.60
N TYR B 232 -7.93 -37.68 19.77
CA TYR B 232 -7.70 -36.25 19.90
C TYR B 232 -6.53 -35.70 19.08
N PRO B 233 -5.34 -36.31 19.20
CA PRO B 233 -4.22 -35.77 18.42
C PRO B 233 -4.50 -35.66 16.93
N PHE B 234 -5.09 -36.70 16.35
CA PHE B 234 -5.36 -36.67 14.93
C PHE B 234 -6.51 -35.73 14.58
N TRP B 235 -7.48 -35.63 15.48
CA TRP B 235 -8.61 -34.73 15.24
C TRP B 235 -8.09 -33.29 15.18
N LYS B 236 -7.11 -32.99 16.03
CA LYS B 236 -6.50 -31.66 16.08
C LYS B 236 -5.74 -31.40 14.78
N ARG B 237 -5.25 -32.46 14.15
CA ARG B 237 -4.51 -32.34 12.90
C ARG B 237 -5.40 -32.15 11.65
N GLN B 238 -6.37 -33.03 11.44
CA GLN B 238 -7.20 -32.93 10.23
C GLN B 238 -8.67 -32.54 10.37
N GLY B 239 -9.18 -32.45 11.59
CA GLY B 239 -10.58 -32.09 11.76
C GLY B 239 -11.44 -33.02 10.91
N THR B 240 -12.48 -32.47 10.26
CA THR B 240 -13.36 -33.28 9.43
C THR B 240 -12.73 -33.56 8.06
N MET B 241 -11.56 -32.97 7.80
CA MET B 241 -10.84 -33.14 6.53
C MET B 241 -10.34 -34.57 6.32
N ALA B 242 -10.31 -35.36 7.37
CA ALA B 242 -9.88 -36.75 7.29
C ALA B 242 -10.91 -37.58 6.53
N ALA B 243 -12.08 -37.00 6.27
CA ALA B 243 -13.14 -37.71 5.55
C ALA B 243 -12.92 -37.85 4.05
N VAL B 244 -12.00 -37.09 3.48
CA VAL B 244 -11.77 -37.17 2.03
C VAL B 244 -11.14 -38.51 1.65
N GLU B 245 -10.00 -38.83 2.24
CA GLU B 245 -9.33 -40.09 1.94
C GLU B 245 -10.27 -41.25 2.24
N TRP B 246 -10.78 -41.30 3.46
CA TRP B 246 -11.71 -42.33 3.91
C TRP B 246 -12.93 -42.52 2.99
N CYS B 247 -13.40 -41.42 2.38
CA CYS B 247 -14.56 -41.49 1.50
C CYS B 247 -14.12 -41.96 0.14
N ASN B 248 -12.89 -41.62 -0.22
CA ASN B 248 -12.36 -42.03 -1.52
C ASN B 248 -12.04 -43.52 -1.42
N THR B 249 -11.60 -43.94 -0.24
CA THR B 249 -11.26 -45.32 0.02
C THR B 249 -12.52 -46.18 0.00
N ASN B 250 -13.68 -45.55 0.21
CA ASN B 250 -14.94 -46.27 0.24
C ASN B 250 -15.90 -45.93 -0.89
N TYR B 251 -15.40 -45.25 -1.90
CA TYR B 251 -16.22 -44.92 -3.03
C TYR B 251 -17.44 -44.11 -2.63
N ALA B 252 -17.24 -43.23 -1.65
CA ALA B 252 -18.30 -42.37 -1.15
C ALA B 252 -18.06 -40.91 -1.47
N LEU B 253 -16.89 -40.59 -2.01
CA LEU B 253 -16.51 -39.23 -2.36
C LEU B 253 -17.23 -38.70 -3.59
N PRO B 254 -18.14 -37.75 -3.41
CA PRO B 254 -18.87 -37.22 -4.55
C PRO B 254 -17.90 -36.67 -5.60
N THR B 255 -17.95 -37.23 -6.80
CA THR B 255 -17.05 -36.82 -7.85
C THR B 255 -17.79 -36.46 -9.12
N ARG B 256 -17.56 -35.24 -9.60
CA ARG B 256 -18.21 -34.77 -10.82
C ARG B 256 -19.71 -35.01 -10.67
N ASN B 257 -20.38 -34.11 -9.96
CA ASN B 257 -21.82 -34.20 -9.72
C ASN B 257 -22.26 -35.59 -9.32
N PHE B 258 -21.62 -36.16 -8.30
CA PHE B 258 -21.99 -37.47 -7.81
C PHE B 258 -21.94 -38.59 -8.85
N SER B 259 -21.29 -38.32 -9.98
CA SER B 259 -21.17 -39.30 -11.07
C SER B 259 -20.41 -40.54 -10.62
N ASP B 260 -19.43 -40.35 -9.75
CA ASP B 260 -18.65 -41.46 -9.19
C ASP B 260 -18.40 -41.22 -7.71
N GLY B 261 -17.86 -42.23 -7.04
CA GLY B 261 -17.57 -42.11 -5.63
C GLY B 261 -16.07 -42.10 -5.39
N TYR B 262 -15.30 -42.00 -6.47
CA TYR B 262 -13.85 -41.96 -6.38
C TYR B 262 -13.31 -40.83 -7.24
N PHE B 263 -12.28 -40.17 -6.75
CA PHE B 263 -11.65 -39.05 -7.46
C PHE B 263 -10.16 -39.38 -7.60
N GLU B 264 -9.64 -39.37 -8.81
CA GLU B 264 -8.24 -39.72 -9.00
C GLU B 264 -7.27 -38.70 -8.40
N PHE B 265 -7.71 -37.46 -8.19
CA PHE B 265 -6.83 -36.44 -7.63
C PHE B 265 -7.16 -36.05 -6.18
N ALA B 266 -7.89 -36.93 -5.51
CA ALA B 266 -8.28 -36.72 -4.14
C ALA B 266 -7.13 -36.38 -3.20
N ARG B 267 -5.94 -36.87 -3.48
CA ARG B 267 -4.80 -36.60 -2.61
C ARG B 267 -4.44 -35.12 -2.47
N SER B 268 -4.43 -34.39 -3.59
CA SER B 268 -4.06 -32.98 -3.56
C SER B 268 -5.17 -32.09 -2.98
N ILE B 269 -6.20 -32.70 -2.40
CA ILE B 269 -7.26 -31.94 -1.76
C ILE B 269 -7.68 -32.67 -0.50
N ASP B 270 -6.72 -33.34 0.14
CA ASP B 270 -7.05 -34.11 1.33
C ASP B 270 -6.50 -33.54 2.63
N GLY B 271 -6.84 -34.20 3.74
CA GLY B 271 -6.43 -33.75 5.05
C GLY B 271 -4.95 -33.57 5.28
N TYR B 272 -4.12 -34.34 4.58
CA TYR B 272 -2.66 -34.25 4.74
C TYR B 272 -2.18 -33.06 3.95
N THR B 273 -2.83 -32.83 2.83
CA THR B 273 -2.47 -31.68 2.01
C THR B 273 -2.86 -30.46 2.86
N MET B 274 -4.12 -30.42 3.31
CA MET B 274 -4.62 -29.33 4.14
C MET B 274 -3.65 -29.08 5.28
N GLU B 275 -3.28 -30.14 5.97
CA GLU B 275 -2.36 -30.08 7.11
C GLU B 275 -1.08 -29.30 6.85
N GLY B 276 -0.57 -29.40 5.63
CA GLY B 276 0.66 -28.71 5.28
C GLY B 276 0.41 -27.34 4.68
N MET B 277 -0.85 -26.92 4.71
CA MET B 277 -1.29 -25.63 4.19
C MET B 277 -1.94 -24.83 5.33
N LYS B 278 -1.86 -25.37 6.55
CA LYS B 278 -2.46 -24.74 7.71
C LYS B 278 -1.65 -23.62 8.35
N VAL B 279 -2.29 -22.45 8.51
CA VAL B 279 -1.63 -21.29 9.11
C VAL B 279 -2.31 -20.87 10.43
N GLN B 280 -3.53 -21.33 10.62
CA GLN B 280 -4.29 -21.01 11.83
C GLN B 280 -5.34 -22.05 12.14
N GLN B 281 -5.78 -22.08 13.39
CA GLN B 281 -6.82 -23.00 13.83
C GLN B 281 -7.81 -22.27 14.72
N ARG B 282 -9.08 -22.30 14.35
CA ARG B 282 -10.13 -21.64 15.12
C ARG B 282 -11.16 -22.65 15.57
N GLY B 283 -12.03 -22.21 16.49
CA GLY B 283 -13.09 -23.06 17.01
C GLY B 283 -14.28 -22.28 17.54
N CYS B 284 -15.35 -22.99 17.90
CA CYS B 284 -16.54 -22.34 18.44
C CYS B 284 -16.34 -22.15 19.94
N PRO B 285 -17.12 -21.25 20.55
CA PRO B 285 -16.99 -20.99 22.00
C PRO B 285 -17.16 -22.19 22.90
N TYR B 286 -16.29 -22.28 23.91
CA TYR B 286 -16.33 -23.36 24.89
C TYR B 286 -15.98 -24.76 24.35
N CYS B 287 -15.05 -24.84 23.40
CA CYS B 287 -14.64 -26.12 22.83
C CYS B 287 -13.14 -26.26 22.95
N ASN B 288 -12.68 -27.37 23.54
CA ASN B 288 -11.25 -27.59 23.70
C ASN B 288 -10.64 -28.51 22.62
N MET B 289 -11.40 -28.75 21.56
CA MET B 289 -10.92 -29.55 20.44
C MET B 289 -11.30 -28.80 19.17
N PRO B 290 -10.79 -27.57 19.02
CA PRO B 290 -11.06 -26.71 17.86
C PRO B 290 -10.83 -27.41 16.54
N CYS B 291 -11.71 -27.17 15.58
CA CYS B 291 -11.56 -27.83 14.31
C CYS B 291 -11.71 -26.92 13.08
N GLY B 292 -11.75 -25.61 13.30
CA GLY B 292 -11.84 -24.68 12.18
C GLY B 292 -10.41 -24.49 11.69
N ASN B 293 -10.00 -25.27 10.71
CA ASN B 293 -8.64 -25.20 10.18
C ASN B 293 -8.49 -24.18 9.06
N VAL B 294 -7.57 -23.25 9.26
CA VAL B 294 -7.35 -22.17 8.29
C VAL B 294 -6.11 -22.40 7.42
N VAL B 295 -6.34 -22.39 6.10
CA VAL B 295 -5.26 -22.59 5.13
C VAL B 295 -5.12 -21.30 4.33
N LEU B 296 -4.08 -21.21 3.50
CA LEU B 296 -3.91 -20.04 2.64
C LEU B 296 -4.39 -20.56 1.30
N ASP B 297 -5.22 -19.81 0.59
CA ASP B 297 -5.71 -20.29 -0.69
C ASP B 297 -4.77 -19.96 -1.86
N ALA B 298 -5.16 -20.29 -3.07
CA ALA B 298 -4.29 -20.02 -4.23
C ALA B 298 -3.93 -18.56 -4.32
N GLU B 299 -4.82 -17.70 -3.83
CA GLU B 299 -4.61 -16.25 -3.86
C GLU B 299 -3.99 -15.69 -2.59
N GLY B 300 -3.46 -16.55 -1.73
CA GLY B 300 -2.82 -16.12 -0.50
C GLY B 300 -3.76 -15.70 0.61
N GLN B 301 -5.06 -15.87 0.38
CA GLN B 301 -6.13 -15.51 1.32
C GLN B 301 -6.43 -16.63 2.32
N GLU B 302 -6.72 -16.27 3.56
CA GLU B 302 -7.05 -17.28 4.57
C GLU B 302 -8.41 -17.87 4.20
N SER B 303 -8.54 -19.19 4.35
CA SER B 303 -9.77 -19.91 4.04
C SER B 303 -9.95 -20.97 5.13
N GLU B 304 -11.17 -21.09 5.65
CA GLU B 304 -11.47 -22.06 6.70
C GLU B 304 -12.09 -23.29 6.05
N LEU B 305 -11.37 -24.41 6.08
CA LEU B 305 -11.86 -25.62 5.44
C LEU B 305 -12.54 -26.64 6.32
N ASP B 306 -13.60 -27.23 5.76
CA ASP B 306 -14.38 -28.27 6.42
C ASP B 306 -14.59 -29.30 5.32
N TYR B 307 -14.62 -30.58 5.70
CA TYR B 307 -14.77 -31.63 4.71
C TYR B 307 -15.81 -31.33 3.66
N GLU B 308 -17.03 -31.06 4.09
CA GLU B 308 -18.10 -30.82 3.15
C GLU B 308 -17.80 -29.75 2.10
N ASN B 309 -17.11 -28.69 2.49
CA ASN B 309 -16.79 -27.60 1.56
C ASN B 309 -15.87 -28.10 0.46
N VAL B 310 -14.84 -28.83 0.86
CA VAL B 310 -13.85 -29.36 -0.08
C VAL B 310 -14.39 -30.47 -0.96
N ALA B 311 -15.30 -31.27 -0.43
CA ALA B 311 -15.87 -32.35 -1.21
C ALA B 311 -16.82 -31.86 -2.31
N LEU B 312 -17.71 -30.93 -1.99
CA LEU B 312 -18.65 -30.47 -3.00
C LEU B 312 -18.09 -29.38 -3.90
N LEU B 313 -17.04 -28.70 -3.45
CA LEU B 313 -16.40 -27.63 -4.21
C LEU B 313 -15.08 -28.08 -4.85
N GLY B 314 -14.65 -29.30 -4.51
CA GLY B 314 -13.41 -29.82 -5.07
C GLY B 314 -13.67 -31.00 -5.96
N SER B 315 -13.58 -32.21 -5.38
CA SER B 315 -13.78 -33.47 -6.10
C SER B 315 -15.10 -33.52 -6.84
N ASN B 316 -16.14 -32.92 -6.29
CA ASN B 316 -17.46 -32.91 -6.91
C ASN B 316 -17.47 -32.06 -8.17
N LEU B 317 -16.60 -31.06 -8.18
CA LEU B 317 -16.50 -30.17 -9.32
C LEU B 317 -15.39 -30.66 -10.24
N GLY B 318 -14.66 -31.66 -9.78
CA GLY B 318 -13.58 -32.21 -10.57
C GLY B 318 -12.35 -31.34 -10.45
N ILE B 319 -12.27 -30.52 -9.40
CA ILE B 319 -11.12 -29.65 -9.20
C ILE B 319 -10.21 -30.34 -8.19
N GLY B 320 -9.00 -30.67 -8.64
CA GLY B 320 -8.08 -31.40 -7.79
C GLY B 320 -6.98 -30.72 -7.03
N LYS B 321 -6.98 -29.39 -6.96
CA LYS B 321 -5.95 -28.66 -6.20
C LYS B 321 -6.63 -28.02 -4.99
N LEU B 322 -6.07 -28.18 -3.80
CA LEU B 322 -6.72 -27.65 -2.61
C LEU B 322 -6.70 -26.13 -2.46
N ASN B 323 -5.63 -25.50 -2.93
CA ASN B 323 -5.51 -24.05 -2.83
C ASN B 323 -6.56 -23.37 -3.72
N GLU B 324 -6.99 -24.07 -4.77
CA GLU B 324 -7.98 -23.52 -5.67
C GLU B 324 -9.39 -23.76 -5.12
N VAL B 325 -9.58 -24.88 -4.43
CA VAL B 325 -10.88 -25.14 -3.84
C VAL B 325 -11.09 -24.14 -2.70
N SER B 326 -10.02 -23.88 -1.95
CA SER B 326 -10.06 -22.94 -0.82
C SER B 326 -10.53 -21.57 -1.27
N VAL B 327 -10.14 -21.19 -2.49
CA VAL B 327 -10.53 -19.91 -3.03
C VAL B 327 -12.05 -19.86 -3.18
N LEU B 328 -12.61 -20.93 -3.71
CA LEU B 328 -14.05 -21.01 -3.90
C LEU B 328 -14.72 -21.05 -2.54
N ASN B 329 -13.99 -21.62 -1.58
CA ASN B 329 -14.46 -21.77 -0.21
C ASN B 329 -14.64 -20.41 0.42
N ARG B 330 -13.58 -19.62 0.35
CA ARG B 330 -13.59 -18.27 0.89
C ARG B 330 -14.74 -17.50 0.26
N ILE B 331 -14.87 -17.58 -1.06
CA ILE B 331 -15.95 -16.86 -1.72
C ILE B 331 -17.31 -17.21 -1.13
N ALA B 332 -17.54 -18.50 -0.89
CA ALA B 332 -18.80 -18.94 -0.32
C ALA B 332 -19.01 -18.22 1.01
N ASP B 333 -18.00 -18.31 1.87
CA ASP B 333 -18.05 -17.68 3.18
C ASP B 333 -18.28 -16.17 3.14
N GLU B 334 -17.47 -15.44 2.40
CA GLU B 334 -17.66 -14.00 2.35
C GLU B 334 -18.91 -13.53 1.61
N MET B 335 -19.47 -14.36 0.75
CA MET B 335 -20.67 -13.98 0.03
C MET B 335 -21.90 -14.43 0.81
N GLY B 336 -21.67 -15.35 1.76
CA GLY B 336 -22.76 -15.85 2.57
C GLY B 336 -23.58 -16.94 1.92
N MET B 337 -22.94 -17.92 1.30
CA MET B 337 -23.70 -18.99 0.69
C MET B 337 -23.17 -20.39 1.01
N ASP B 338 -24.12 -21.30 1.23
CA ASP B 338 -23.80 -22.68 1.57
C ASP B 338 -22.86 -23.33 0.56
N THR B 339 -21.69 -23.75 1.03
CA THR B 339 -20.70 -24.38 0.17
C THR B 339 -21.29 -25.59 -0.56
N ILE B 340 -22.05 -26.40 0.16
CA ILE B 340 -22.68 -27.60 -0.38
C ILE B 340 -23.62 -27.34 -1.56
N SER B 341 -24.68 -26.57 -1.32
CA SER B 341 -25.63 -26.29 -2.39
C SER B 341 -25.00 -25.52 -3.55
N LEU B 342 -24.00 -24.71 -3.23
CA LEU B 342 -23.32 -23.94 -4.25
C LEU B 342 -22.56 -24.92 -5.14
N GLY B 343 -21.82 -25.82 -4.51
CA GLY B 343 -21.05 -26.81 -5.25
C GLY B 343 -21.90 -27.77 -6.08
N VAL B 344 -23.04 -28.18 -5.52
CA VAL B 344 -23.93 -29.09 -6.22
C VAL B 344 -24.65 -28.38 -7.40
N SER B 345 -24.99 -27.12 -7.21
CA SER B 345 -25.66 -26.35 -8.25
C SER B 345 -24.69 -26.09 -9.40
N ILE B 346 -23.42 -25.98 -9.05
CA ILE B 346 -22.39 -25.74 -10.04
C ILE B 346 -22.10 -27.04 -10.79
N ALA B 347 -21.88 -28.11 -10.04
CA ALA B 347 -21.61 -29.40 -10.65
C ALA B 347 -22.73 -29.69 -11.62
N HIS B 348 -23.96 -29.41 -11.21
CA HIS B 348 -25.11 -29.66 -12.06
C HIS B 348 -24.97 -28.88 -13.36
N VAL B 349 -24.48 -27.66 -13.28
CA VAL B 349 -24.30 -26.86 -14.49
C VAL B 349 -23.19 -27.49 -15.32
N MET B 350 -22.10 -27.83 -14.65
CA MET B 350 -20.97 -28.45 -15.33
C MET B 350 -21.38 -29.69 -16.10
N GLU B 351 -22.17 -30.57 -15.49
CA GLU B 351 -22.61 -31.76 -16.17
C GLU B 351 -23.53 -31.39 -17.30
N ALA B 352 -24.28 -30.31 -17.11
CA ALA B 352 -25.23 -29.86 -18.12
C ALA B 352 -24.50 -29.31 -19.35
N VAL B 353 -23.36 -28.67 -19.13
CA VAL B 353 -22.56 -28.11 -20.24
C VAL B 353 -21.96 -29.29 -21.01
N GLU B 354 -21.28 -30.18 -20.29
CA GLU B 354 -20.66 -31.35 -20.90
C GLU B 354 -21.60 -32.15 -21.79
N ARG B 355 -22.86 -32.26 -21.36
CA ARG B 355 -23.85 -33.01 -22.13
C ARG B 355 -24.47 -32.18 -23.23
N GLY B 356 -24.03 -30.93 -23.36
CA GLY B 356 -24.56 -30.07 -24.40
C GLY B 356 -25.95 -29.50 -24.17
N ILE B 357 -26.56 -29.79 -23.02
CA ILE B 357 -27.90 -29.25 -22.73
C ILE B 357 -27.76 -27.74 -22.58
N LEU B 358 -26.69 -27.31 -21.92
CA LEU B 358 -26.40 -25.89 -21.74
C LEU B 358 -25.29 -25.54 -22.76
N LYS B 359 -25.47 -24.44 -23.48
CA LYS B 359 -24.51 -24.01 -24.48
C LYS B 359 -23.32 -23.21 -23.92
N GLU B 360 -23.47 -22.71 -22.70
CA GLU B 360 -22.42 -21.93 -22.05
C GLU B 360 -22.32 -22.28 -20.58
N GLY B 361 -21.13 -22.17 -20.03
CA GLY B 361 -20.93 -22.46 -18.62
C GLY B 361 -19.63 -23.21 -18.44
N PRO B 362 -19.18 -23.40 -17.19
CA PRO B 362 -17.94 -24.12 -16.93
C PRO B 362 -18.13 -25.65 -17.04
N THR B 363 -17.02 -26.39 -16.96
CA THR B 363 -17.04 -27.85 -17.05
C THR B 363 -16.22 -28.41 -15.89
N PHE B 364 -16.24 -29.72 -15.69
CA PHE B 364 -15.48 -30.26 -14.56
C PHE B 364 -13.99 -29.98 -14.73
N GLY B 365 -13.38 -29.47 -13.67
CA GLY B 365 -11.96 -29.16 -13.71
C GLY B 365 -11.67 -27.70 -13.99
N ASP B 366 -12.64 -27.02 -14.61
CA ASP B 366 -12.51 -25.60 -14.95
C ASP B 366 -12.65 -24.73 -13.71
N PHE B 367 -11.55 -24.57 -12.97
CA PHE B 367 -11.55 -23.76 -11.77
C PHE B 367 -11.96 -22.31 -12.04
N LYS B 368 -11.29 -21.68 -13.00
CA LYS B 368 -11.58 -20.30 -13.36
C LYS B 368 -13.05 -20.09 -13.67
N GLY B 369 -13.63 -21.03 -14.42
CA GLY B 369 -15.04 -20.92 -14.78
C GLY B 369 -16.01 -21.14 -13.62
N ALA B 370 -15.62 -21.99 -12.67
CA ALA B 370 -16.44 -22.27 -11.50
C ALA B 370 -16.38 -21.07 -10.57
N LYS B 371 -15.20 -20.46 -10.43
CA LYS B 371 -15.07 -19.31 -9.57
C LYS B 371 -15.96 -18.18 -10.10
N GLN B 372 -15.93 -17.96 -11.41
CA GLN B 372 -16.76 -16.91 -12.01
C GLN B 372 -18.25 -17.17 -11.80
N LEU B 373 -18.68 -18.42 -11.93
CA LEU B 373 -20.09 -18.74 -11.75
C LEU B 373 -20.51 -18.55 -10.30
N ALA B 374 -19.57 -18.83 -9.40
CA ALA B 374 -19.81 -18.70 -7.96
C ALA B 374 -20.05 -17.22 -7.62
N LEU B 375 -19.25 -16.34 -8.21
CA LEU B 375 -19.39 -14.90 -7.98
C LEU B 375 -20.62 -14.40 -8.70
N ASP B 376 -20.92 -15.02 -9.84
CA ASP B 376 -22.09 -14.65 -10.62
C ASP B 376 -23.36 -15.08 -9.91
N ILE B 377 -23.26 -16.12 -9.10
CA ILE B 377 -24.39 -16.62 -8.36
C ILE B 377 -24.69 -15.66 -7.20
N ALA B 378 -23.68 -15.36 -6.39
CA ALA B 378 -23.84 -14.46 -5.25
C ALA B 378 -24.42 -13.09 -5.64
N TYR B 379 -24.06 -12.62 -6.83
CA TYR B 379 -24.52 -11.31 -7.30
C TYR B 379 -25.62 -11.48 -8.33
N ARG B 380 -26.01 -12.70 -8.60
CA ARG B 380 -27.05 -12.96 -9.58
C ARG B 380 -26.77 -12.24 -10.89
N LYS B 381 -25.60 -12.52 -11.46
CA LYS B 381 -25.16 -11.93 -12.72
C LYS B 381 -25.37 -12.84 -13.92
N GLY B 382 -26.33 -12.48 -14.77
CA GLY B 382 -26.60 -13.26 -15.97
C GLY B 382 -27.62 -14.34 -15.77
N GLU B 383 -28.16 -14.84 -16.88
CA GLU B 383 -29.15 -15.90 -16.83
C GLU B 383 -28.66 -17.12 -16.05
N LEU B 384 -27.39 -17.47 -16.26
CA LEU B 384 -26.79 -18.62 -15.58
C LEU B 384 -26.65 -18.44 -14.07
N GLY B 385 -25.93 -17.42 -13.64
CA GLY B 385 -25.77 -17.19 -12.22
C GLY B 385 -27.12 -17.10 -11.53
N ASN B 386 -28.11 -16.61 -12.26
CA ASN B 386 -29.45 -16.47 -11.74
C ASN B 386 -30.21 -17.77 -11.58
N LEU B 387 -30.06 -18.65 -12.55
CA LEU B 387 -30.73 -19.94 -12.52
C LEU B 387 -30.09 -20.79 -11.42
N ALA B 388 -28.77 -20.83 -11.42
CA ALA B 388 -27.99 -21.58 -10.45
C ALA B 388 -28.28 -21.13 -9.02
N ALA B 389 -28.63 -19.86 -8.87
CA ALA B 389 -28.91 -19.30 -7.55
C ALA B 389 -30.21 -19.83 -7.02
N GLU B 390 -30.91 -20.62 -7.82
CA GLU B 390 -32.20 -21.17 -7.41
C GLU B 390 -32.08 -22.58 -6.86
N GLY B 391 -30.92 -23.19 -7.02
CA GLY B 391 -30.76 -24.55 -6.54
C GLY B 391 -31.02 -25.53 -7.68
N VAL B 392 -30.52 -26.75 -7.54
CA VAL B 392 -30.66 -27.77 -8.57
C VAL B 392 -32.08 -28.22 -8.89
N LYS B 393 -32.96 -28.24 -7.88
CA LYS B 393 -34.34 -28.67 -8.10
C LYS B 393 -35.10 -27.71 -9.00
N ALA B 394 -34.93 -26.42 -8.74
CA ALA B 394 -35.60 -25.40 -9.53
C ALA B 394 -34.88 -25.27 -10.87
N MET B 395 -33.55 -25.29 -10.84
CA MET B 395 -32.76 -25.20 -12.05
C MET B 395 -33.13 -26.36 -12.99
N ALA B 396 -33.23 -27.55 -12.42
CA ALA B 396 -33.57 -28.75 -13.16
C ALA B 396 -34.94 -28.62 -13.82
N GLU B 397 -35.91 -28.07 -13.09
CA GLU B 397 -37.26 -27.88 -13.63
C GLU B 397 -37.16 -27.06 -14.90
N LYS B 398 -36.27 -26.07 -14.85
CA LYS B 398 -36.06 -25.18 -15.99
C LYS B 398 -35.34 -25.87 -17.16
N LEU B 399 -34.21 -26.53 -16.87
CA LEU B 399 -33.44 -27.20 -17.92
C LEU B 399 -33.94 -28.59 -18.30
N GLY B 400 -34.86 -29.14 -17.51
CA GLY B 400 -35.39 -30.47 -17.79
C GLY B 400 -34.37 -31.54 -17.49
N THR B 401 -33.48 -31.24 -16.54
CA THR B 401 -32.39 -32.13 -16.17
C THR B 401 -32.64 -32.89 -14.87
N HIS B 402 -33.87 -33.32 -14.63
CA HIS B 402 -34.18 -34.02 -13.39
C HIS B 402 -33.27 -35.23 -13.13
N ASP B 403 -32.76 -35.82 -14.20
CA ASP B 403 -31.92 -37.01 -14.09
C ASP B 403 -30.64 -36.88 -13.27
N PHE B 404 -30.00 -35.71 -13.28
CA PHE B 404 -28.78 -35.52 -12.50
C PHE B 404 -28.89 -34.39 -11.50
N ALA B 405 -30.10 -34.25 -10.95
CA ALA B 405 -30.40 -33.22 -9.94
C ALA B 405 -30.26 -33.91 -8.59
N MET B 406 -29.12 -33.69 -7.94
CA MET B 406 -28.82 -34.30 -6.65
C MET B 406 -29.38 -33.58 -5.44
N HIS B 407 -30.67 -33.79 -5.20
CA HIS B 407 -31.36 -33.18 -4.07
C HIS B 407 -32.46 -34.12 -3.61
N VAL B 408 -32.95 -33.85 -2.41
CA VAL B 408 -34.06 -34.56 -1.80
C VAL B 408 -34.86 -33.45 -1.12
N LYS B 409 -36.11 -33.29 -1.55
CA LYS B 409 -37.01 -32.27 -1.00
C LYS B 409 -36.61 -30.84 -1.35
N GLY B 410 -35.78 -30.69 -2.39
CA GLY B 410 -35.34 -29.37 -2.79
C GLY B 410 -33.98 -28.98 -2.25
N LEU B 411 -33.53 -29.64 -1.19
CA LEU B 411 -32.23 -29.35 -0.59
C LEU B 411 -31.20 -30.30 -1.18
N GLU B 412 -30.06 -29.74 -1.59
CA GLU B 412 -29.00 -30.50 -2.23
C GLU B 412 -28.27 -31.49 -1.34
N VAL B 413 -27.92 -32.63 -1.94
CA VAL B 413 -27.21 -33.71 -1.25
C VAL B 413 -25.80 -33.32 -0.75
N SER B 414 -25.44 -33.84 0.43
CA SER B 414 -24.14 -33.61 1.07
C SER B 414 -22.99 -34.37 0.41
N GLY B 415 -21.83 -34.32 1.07
CA GLY B 415 -20.63 -34.96 0.55
C GLY B 415 -20.48 -36.46 0.67
N TYR B 416 -21.60 -37.19 0.57
CA TYR B 416 -21.54 -38.66 0.66
C TYR B 416 -22.32 -39.32 -0.48
N ASN B 417 -21.59 -39.97 -1.38
CA ASN B 417 -22.18 -40.65 -2.53
C ASN B 417 -22.66 -42.03 -2.06
N CYS B 418 -23.94 -42.29 -2.27
CA CYS B 418 -24.53 -43.52 -1.79
C CYS B 418 -25.02 -44.54 -2.82
N TYR B 419 -24.27 -44.72 -3.89
CA TYR B 419 -24.66 -45.72 -4.91
C TYR B 419 -24.82 -47.06 -4.22
N ILE B 420 -23.93 -47.35 -3.29
CA ILE B 420 -23.94 -48.63 -2.60
C ILE B 420 -24.17 -48.57 -1.08
N TYR B 421 -24.76 -47.49 -0.59
CA TYR B 421 -25.00 -47.33 0.85
C TYR B 421 -26.47 -47.05 1.18
N PRO B 422 -27.28 -48.11 1.36
CA PRO B 422 -28.70 -48.00 1.68
C PRO B 422 -29.10 -47.24 2.95
N ALA B 423 -28.28 -47.29 3.99
CA ALA B 423 -28.63 -46.56 5.21
C ALA B 423 -28.47 -45.06 4.97
N MET B 424 -27.28 -44.65 4.54
CA MET B 424 -27.04 -43.24 4.29
C MET B 424 -28.07 -42.70 3.31
N ALA B 425 -28.42 -43.48 2.29
CA ALA B 425 -29.43 -43.03 1.32
C ALA B 425 -30.73 -42.74 2.06
N LEU B 426 -31.11 -43.64 2.98
CA LEU B 426 -32.34 -43.46 3.74
C LEU B 426 -32.20 -42.22 4.62
N ALA B 427 -30.99 -41.94 5.09
CA ALA B 427 -30.75 -40.77 5.94
C ALA B 427 -31.06 -39.47 5.19
N TYR B 428 -30.57 -39.39 3.95
CA TYR B 428 -30.80 -38.20 3.10
C TYR B 428 -32.27 -38.11 2.70
N GLY B 429 -32.87 -39.26 2.39
CA GLY B 429 -34.25 -39.28 1.97
C GLY B 429 -35.25 -38.85 3.03
N THR B 430 -34.87 -39.03 4.29
CA THR B 430 -35.75 -38.70 5.39
C THR B 430 -35.30 -37.50 6.22
N SER B 431 -34.12 -36.94 5.92
CA SER B 431 -33.64 -35.77 6.69
C SER B 431 -34.82 -34.82 6.85
N ALA B 432 -35.07 -34.38 8.09
CA ALA B 432 -36.19 -33.48 8.40
C ALA B 432 -36.24 -32.23 7.55
N ILE B 433 -35.10 -31.57 7.42
CA ILE B 433 -35.00 -30.33 6.66
C ILE B 433 -34.68 -30.51 5.16
N GLY B 434 -34.64 -31.75 4.69
CA GLY B 434 -34.29 -32.00 3.30
C GLY B 434 -32.90 -32.62 3.31
N ALA B 435 -32.39 -33.05 2.16
CA ALA B 435 -31.07 -33.69 2.10
C ALA B 435 -29.94 -33.06 2.94
N HIS B 436 -29.41 -33.85 3.87
CA HIS B 436 -28.33 -33.43 4.76
C HIS B 436 -27.86 -34.68 5.46
N HIS B 437 -26.67 -34.63 6.06
CA HIS B 437 -26.09 -35.75 6.80
C HIS B 437 -26.08 -35.38 8.29
N LYS B 438 -26.52 -34.16 8.57
CA LYS B 438 -26.57 -33.62 9.92
C LYS B 438 -27.25 -34.56 10.90
N GLU B 439 -28.49 -34.91 10.60
CA GLU B 439 -29.30 -35.77 11.44
C GLU B 439 -28.90 -37.24 11.47
N ALA B 440 -28.30 -37.76 10.40
CA ALA B 440 -27.91 -39.17 10.39
C ALA B 440 -26.70 -39.51 9.51
N TRP B 441 -25.52 -39.45 10.11
CA TRP B 441 -24.28 -39.78 9.40
C TRP B 441 -24.04 -41.25 9.73
N VAL B 442 -24.87 -42.09 9.14
CA VAL B 442 -24.85 -43.53 9.37
C VAL B 442 -23.82 -44.30 8.54
N ILE B 443 -23.35 -43.67 7.46
CA ILE B 443 -22.37 -44.30 6.56
C ILE B 443 -21.17 -44.92 7.25
N ALA B 444 -20.73 -44.36 8.36
CA ALA B 444 -19.56 -44.88 9.05
C ALA B 444 -19.85 -46.23 9.68
N TRP B 445 -21.01 -46.34 10.33
CA TRP B 445 -21.44 -47.57 10.98
C TRP B 445 -21.72 -48.65 9.93
N GLU B 446 -22.28 -48.23 8.79
CA GLU B 446 -22.61 -49.11 7.69
C GLU B 446 -21.39 -49.75 7.06
N ILE B 447 -20.26 -49.06 7.16
CA ILE B 447 -19.01 -49.55 6.60
C ILE B 447 -18.17 -50.27 7.67
N GLY B 448 -18.26 -49.81 8.92
CA GLY B 448 -17.49 -50.45 9.97
C GLY B 448 -16.21 -49.71 10.33
N THR B 449 -15.96 -48.61 9.65
CA THR B 449 -14.77 -47.80 9.96
C THR B 449 -15.14 -46.32 9.90
N ALA B 450 -14.26 -45.48 10.42
CA ALA B 450 -14.51 -44.05 10.45
C ALA B 450 -13.23 -43.28 10.10
N PRO B 451 -13.37 -42.03 9.62
CA PRO B 451 -12.25 -41.17 9.25
C PRO B 451 -11.20 -40.93 10.34
N ILE B 452 -11.65 -40.84 11.61
CA ILE B 452 -10.74 -40.59 12.72
C ILE B 452 -9.64 -41.65 12.82
N GLU B 453 -9.72 -42.66 11.95
CA GLU B 453 -8.73 -43.75 11.88
C GLU B 453 -7.88 -43.64 10.58
N TYR B 462 -16.82 -55.18 2.08
CA TYR B 462 -18.15 -54.49 2.13
C TYR B 462 -19.17 -55.08 1.19
N LYS B 463 -20.33 -55.43 1.75
CA LYS B 463 -21.43 -56.00 0.96
C LYS B 463 -22.69 -55.17 1.18
N ILE B 464 -23.38 -54.84 0.09
CA ILE B 464 -24.61 -54.06 0.17
C ILE B 464 -25.69 -54.87 0.87
N SER B 465 -26.35 -54.27 1.85
CA SER B 465 -27.41 -54.95 2.58
C SER B 465 -28.51 -53.98 2.90
N TYR B 466 -29.75 -54.47 2.90
CA TYR B 466 -30.90 -53.64 3.22
C TYR B 466 -31.61 -54.14 4.48
N ASP B 467 -30.83 -54.68 5.42
CA ASP B 467 -31.35 -55.20 6.68
C ASP B 467 -32.29 -54.16 7.31
N PRO B 468 -33.53 -54.55 7.63
CA PRO B 468 -34.47 -53.60 8.23
C PRO B 468 -33.95 -52.92 9.50
N ILE B 469 -32.84 -53.42 10.03
CA ILE B 469 -32.24 -52.84 11.23
C ILE B 469 -31.55 -51.51 10.89
N LYS B 470 -31.33 -51.27 9.60
CA LYS B 470 -30.72 -50.05 9.13
C LYS B 470 -31.67 -48.87 9.35
N ALA B 471 -32.95 -49.11 9.18
CA ALA B 471 -33.97 -48.07 9.39
C ALA B 471 -34.04 -47.66 10.86
N GLN B 472 -33.67 -48.59 11.73
CA GLN B 472 -33.67 -48.35 13.17
C GLN B 472 -32.49 -47.49 13.57
N LYS B 473 -31.31 -47.79 13.02
CA LYS B 473 -30.10 -47.04 13.33
C LYS B 473 -30.21 -45.60 12.84
N VAL B 474 -30.94 -45.39 11.73
CA VAL B 474 -31.12 -44.03 11.22
C VAL B 474 -31.96 -43.26 12.27
N VAL B 475 -33.12 -43.79 12.62
CA VAL B 475 -34.01 -43.17 13.61
C VAL B 475 -33.28 -42.91 14.93
N GLU B 476 -32.46 -43.87 15.34
CA GLU B 476 -31.72 -43.72 16.57
C GLU B 476 -30.74 -42.57 16.46
N LEU B 477 -30.04 -42.51 15.33
CA LEU B 477 -29.05 -41.46 15.07
C LEU B 477 -29.73 -40.10 15.00
N GLN B 478 -30.89 -40.06 14.37
CA GLN B 478 -31.65 -38.82 14.22
C GLN B 478 -32.06 -38.29 15.58
N ARG B 479 -32.54 -39.18 16.45
CA ARG B 479 -32.96 -38.72 17.77
C ARG B 479 -31.84 -37.91 18.43
N LEU B 480 -30.60 -38.32 18.19
CA LEU B 480 -29.44 -37.64 18.79
C LEU B 480 -28.88 -36.47 17.97
N ARG B 481 -28.66 -36.71 16.68
CA ARG B 481 -28.08 -35.72 15.78
C ARG B 481 -29.06 -34.65 15.32
N GLY B 482 -30.24 -35.08 14.89
CA GLY B 482 -31.25 -34.13 14.45
C GLY B 482 -32.20 -33.77 15.59
N GLY B 483 -31.89 -34.26 16.78
CA GLY B 483 -32.73 -33.98 17.93
C GLY B 483 -31.97 -33.42 19.12
N LEU B 484 -31.58 -34.28 20.05
CA LEU B 484 -30.86 -33.83 21.24
C LEU B 484 -29.87 -32.70 20.99
N PHE B 485 -28.95 -32.91 20.06
CA PHE B 485 -27.92 -31.91 19.81
C PHE B 485 -28.39 -30.61 19.17
N GLU B 486 -29.55 -30.63 18.52
CA GLU B 486 -30.10 -29.43 17.90
C GLU B 486 -31.07 -28.73 18.86
N MET B 487 -31.24 -29.32 20.05
CA MET B 487 -32.16 -28.80 21.04
C MET B 487 -31.48 -28.24 22.26
N LEU B 488 -30.30 -28.76 22.57
CA LEU B 488 -29.57 -28.30 23.74
C LEU B 488 -29.17 -26.83 23.72
N THR B 489 -28.45 -26.35 22.72
CA THR B 489 -27.95 -27.12 21.57
C THR B 489 -26.42 -27.12 21.70
N ALA B 490 -25.79 -28.27 21.51
CA ALA B 490 -24.34 -28.37 21.64
C ALA B 490 -23.78 -29.14 20.46
N CYS B 491 -22.47 -29.09 20.29
CA CYS B 491 -21.82 -29.78 19.18
C CYS B 491 -21.81 -31.27 19.41
N ARG B 492 -22.05 -32.00 18.32
CA ARG B 492 -22.10 -33.46 18.34
C ARG B 492 -20.75 -34.11 18.11
N LEU B 493 -19.84 -33.39 17.47
CA LEU B 493 -18.53 -33.91 17.14
C LEU B 493 -17.72 -34.47 18.31
N PRO B 494 -17.74 -33.83 19.49
CA PRO B 494 -16.94 -34.44 20.56
C PRO B 494 -17.39 -35.89 20.84
N TRP B 495 -18.67 -36.16 20.60
CA TRP B 495 -19.15 -37.52 20.82
C TRP B 495 -18.86 -38.37 19.59
N VAL B 496 -19.22 -37.85 18.41
CA VAL B 496 -19.02 -38.54 17.15
C VAL B 496 -17.56 -38.87 16.81
N GLU B 497 -16.68 -37.88 16.91
CA GLU B 497 -15.30 -38.06 16.54
C GLU B 497 -14.33 -38.63 17.56
N VAL B 498 -14.32 -38.07 18.76
CA VAL B 498 -13.40 -38.53 19.79
C VAL B 498 -14.08 -39.48 20.76
N GLY B 499 -15.40 -39.57 20.65
CA GLY B 499 -16.16 -40.48 21.50
C GLY B 499 -16.45 -40.12 22.94
N LEU B 500 -16.79 -38.87 23.22
CA LEU B 500 -17.12 -38.47 24.58
C LEU B 500 -18.42 -39.18 24.94
N SER B 501 -18.49 -39.68 26.17
CA SER B 501 -19.69 -40.40 26.61
C SER B 501 -20.95 -39.57 26.49
N LEU B 502 -21.96 -40.12 25.84
CA LEU B 502 -23.22 -39.43 25.68
C LEU B 502 -23.94 -39.26 27.04
N ASP B 503 -23.37 -39.84 28.09
CA ASP B 503 -24.02 -39.78 29.40
C ASP B 503 -23.91 -38.44 30.09
N TYR B 504 -23.04 -37.57 29.59
CA TYR B 504 -22.87 -36.25 30.20
C TYR B 504 -24.06 -35.36 29.87
N TYR B 505 -24.65 -35.57 28.70
CA TYR B 505 -25.75 -34.75 28.25
C TYR B 505 -27.02 -34.77 29.08
N PRO B 506 -27.42 -35.95 29.60
CA PRO B 506 -28.63 -35.97 30.42
C PRO B 506 -28.37 -35.42 31.83
N LYS B 507 -27.15 -35.64 32.32
CA LYS B 507 -26.76 -35.16 33.65
C LYS B 507 -26.57 -33.65 33.63
N LEU B 508 -25.91 -33.15 32.59
CA LEU B 508 -25.66 -31.73 32.46
C LEU B 508 -27.00 -30.99 32.35
N LEU B 509 -27.88 -31.50 31.50
CA LEU B 509 -29.19 -30.89 31.33
C LEU B 509 -29.80 -30.78 32.72
N LYS B 510 -29.78 -31.89 33.44
CA LYS B 510 -30.34 -31.97 34.78
C LYS B 510 -29.70 -30.97 35.75
N ALA B 511 -28.38 -30.87 35.69
CA ALA B 511 -27.66 -29.96 36.56
C ALA B 511 -27.95 -28.49 36.21
N ILE B 512 -28.43 -28.26 34.99
CA ILE B 512 -28.73 -26.91 34.54
C ILE B 512 -30.19 -26.50 34.75
N THR B 513 -31.10 -27.30 34.19
CA THR B 513 -32.53 -27.02 34.29
C THR B 513 -33.16 -27.56 35.58
N GLY B 514 -32.52 -28.53 36.19
CA GLY B 514 -33.06 -29.09 37.42
C GLY B 514 -33.93 -30.30 37.11
N VAL B 515 -34.30 -30.46 35.86
CA VAL B 515 -35.13 -31.59 35.45
C VAL B 515 -34.31 -32.84 35.14
N THR B 516 -34.86 -34.00 35.48
CA THR B 516 -34.21 -35.27 35.20
C THR B 516 -34.77 -35.83 33.90
N TYR B 517 -33.95 -35.82 32.86
CA TYR B 517 -34.37 -36.36 31.58
C TYR B 517 -33.72 -37.73 31.48
N THR B 518 -34.51 -38.75 31.15
CA THR B 518 -34.00 -40.09 30.95
C THR B 518 -33.89 -40.23 29.44
N TRP B 519 -33.09 -41.18 28.97
CA TRP B 519 -32.91 -41.33 27.54
C TRP B 519 -34.21 -41.57 26.81
N ASP B 520 -35.20 -42.17 27.46
CA ASP B 520 -36.48 -42.40 26.76
C ASP B 520 -37.24 -41.09 26.61
N ASP B 521 -36.99 -40.17 27.55
CA ASP B 521 -37.61 -38.84 27.58
C ASP B 521 -37.10 -38.06 26.37
N LEU B 522 -35.78 -38.14 26.19
CA LEU B 522 -35.10 -37.49 25.09
C LEU B 522 -35.55 -38.08 23.76
N TYR B 523 -35.59 -39.42 23.68
CA TYR B 523 -36.01 -40.06 22.44
C TYR B 523 -37.43 -39.65 22.08
N LYS B 524 -38.25 -39.41 23.09
CA LYS B 524 -39.63 -39.00 22.85
C LYS B 524 -39.69 -37.54 22.40
N ALA B 525 -38.86 -36.70 23.01
CA ALA B 525 -38.81 -35.29 22.67
C ALA B 525 -38.35 -35.15 21.23
N ALA B 526 -37.24 -35.80 20.88
CA ALA B 526 -36.71 -35.74 19.51
C ALA B 526 -37.75 -36.20 18.52
N ASP B 527 -38.48 -37.24 18.89
CA ASP B 527 -39.51 -37.81 18.02
C ASP B 527 -40.66 -36.87 17.82
N ARG B 528 -40.91 -36.05 18.84
CA ARG B 528 -41.99 -35.05 18.80
C ARG B 528 -41.60 -34.02 17.76
N VAL B 529 -40.35 -33.56 17.85
CA VAL B 529 -39.80 -32.58 16.93
C VAL B 529 -39.86 -33.08 15.49
N TYR B 530 -39.63 -34.39 15.31
CA TYR B 530 -39.68 -34.98 13.98
C TYR B 530 -41.08 -35.06 13.40
N SER B 531 -42.04 -35.43 14.24
CA SER B 531 -43.44 -35.53 13.77
C SER B 531 -44.02 -34.13 13.59
N LEU B 532 -43.56 -33.19 14.40
CA LEU B 532 -44.05 -31.82 14.27
C LEU B 532 -43.54 -31.27 12.93
N ILE B 533 -42.25 -31.39 12.69
CA ILE B 533 -41.68 -30.88 11.44
C ILE B 533 -42.33 -31.54 10.23
N ARG B 534 -42.50 -32.86 10.27
CA ARG B 534 -43.13 -33.54 9.14
C ARG B 534 -44.52 -32.94 8.98
N ALA B 535 -45.15 -32.68 10.12
CA ALA B 535 -46.48 -32.09 10.15
C ALA B 535 -46.43 -30.75 9.42
N TYR B 536 -45.42 -29.95 9.76
CA TYR B 536 -45.22 -28.65 9.13
C TYR B 536 -45.11 -28.81 7.62
N TRP B 537 -44.26 -29.73 7.19
CA TRP B 537 -44.04 -30.00 5.78
C TRP B 537 -45.35 -30.36 5.09
N VAL B 538 -46.03 -31.37 5.61
CA VAL B 538 -47.28 -31.77 5.00
C VAL B 538 -48.28 -30.62 4.96
N ARG B 539 -48.50 -29.95 6.11
CA ARG B 539 -49.46 -28.85 6.17
C ARG B 539 -49.14 -27.76 5.16
N GLU B 540 -47.89 -27.29 5.18
CA GLU B 540 -47.49 -26.24 4.26
C GLU B 540 -47.52 -26.69 2.80
N PHE B 541 -47.41 -27.99 2.56
CA PHE B 541 -47.46 -28.51 1.20
C PHE B 541 -48.91 -28.79 0.84
N ASN B 542 -49.82 -28.20 1.61
CA ASN B 542 -51.25 -28.34 1.38
C ASN B 542 -51.71 -29.78 1.15
N GLY B 543 -51.28 -30.69 2.03
CA GLY B 543 -51.66 -32.08 1.92
C GLY B 543 -51.10 -32.85 0.75
N LYS B 544 -50.49 -32.17 -0.22
CA LYS B 544 -49.92 -32.83 -1.37
C LYS B 544 -48.61 -33.50 -0.94
N TRP B 545 -48.67 -34.79 -0.63
CA TRP B 545 -47.49 -35.51 -0.12
C TRP B 545 -47.59 -37.03 -0.18
N ASP B 546 -46.46 -37.69 -0.44
CA ASP B 546 -46.39 -39.16 -0.49
C ASP B 546 -44.97 -39.62 -0.18
N ARG B 547 -44.77 -40.94 -0.09
CA ARG B 547 -43.46 -41.54 0.25
C ARG B 547 -42.27 -41.16 -0.61
N LYS B 548 -42.55 -40.72 -1.84
CA LYS B 548 -41.48 -40.32 -2.76
C LYS B 548 -40.76 -39.07 -2.27
N MET B 549 -41.36 -38.34 -1.33
CA MET B 549 -40.74 -37.15 -0.83
C MET B 549 -39.54 -37.59 -0.01
N ASP B 550 -39.56 -38.84 0.42
CA ASP B 550 -38.49 -39.41 1.24
C ASP B 550 -37.53 -40.29 0.45
N TYR B 551 -37.60 -40.18 -0.87
CA TYR B 551 -36.73 -40.95 -1.74
C TYR B 551 -35.44 -40.20 -2.08
N PRO B 552 -34.35 -40.95 -2.29
CA PRO B 552 -33.03 -40.40 -2.62
C PRO B 552 -33.09 -40.07 -4.11
N PRO B 553 -32.09 -39.34 -4.62
CA PRO B 553 -32.11 -38.99 -6.05
C PRO B 553 -32.10 -40.21 -6.96
N LYS B 554 -32.87 -40.11 -8.04
CA LYS B 554 -33.01 -41.15 -9.06
C LYS B 554 -31.66 -41.70 -9.52
N ARG B 555 -30.69 -40.81 -9.69
CA ARG B 555 -29.35 -41.19 -10.15
C ARG B 555 -28.76 -42.42 -9.46
N TRP B 556 -28.95 -42.54 -8.15
CA TRP B 556 -28.42 -43.67 -7.39
C TRP B 556 -29.17 -44.97 -7.66
N PHE B 557 -30.32 -44.88 -8.33
CA PHE B 557 -31.09 -46.09 -8.62
C PHE B 557 -30.90 -46.58 -10.05
N THR B 558 -30.76 -45.65 -10.98
CA THR B 558 -30.62 -45.97 -12.40
C THR B 558 -29.20 -45.88 -12.97
N GLU B 559 -28.22 -45.69 -12.09
CA GLU B 559 -26.82 -45.58 -12.49
C GLU B 559 -26.00 -46.19 -11.37
N GLY B 560 -24.70 -46.41 -11.59
CA GLY B 560 -23.90 -46.99 -10.52
C GLY B 560 -22.49 -46.44 -10.52
N LEU B 561 -21.68 -46.92 -9.58
CA LEU B 561 -20.29 -46.49 -9.49
C LEU B 561 -19.62 -46.75 -10.85
N LYS B 562 -18.69 -45.87 -11.23
CA LYS B 562 -18.01 -46.00 -12.51
C LYS B 562 -16.61 -46.63 -12.44
N SER B 563 -16.14 -46.92 -11.24
CA SER B 563 -14.82 -47.51 -11.06
C SER B 563 -14.72 -48.36 -9.79
N GLY B 564 -13.54 -48.94 -9.56
CA GLY B 564 -13.33 -49.76 -8.38
C GLY B 564 -14.02 -51.11 -8.45
N PRO B 565 -13.82 -51.97 -7.43
CA PRO B 565 -14.45 -53.29 -7.39
C PRO B 565 -15.97 -53.28 -7.34
N HIS B 566 -16.55 -52.13 -7.03
CA HIS B 566 -18.00 -52.01 -6.96
C HIS B 566 -18.54 -51.37 -8.24
N LYS B 567 -17.67 -51.26 -9.24
CA LYS B 567 -18.06 -50.67 -10.50
C LYS B 567 -19.40 -51.21 -10.97
N GLY B 568 -20.28 -50.31 -11.44
CA GLY B 568 -21.58 -50.71 -11.91
C GLY B 568 -22.64 -50.90 -10.83
N GLU B 569 -22.19 -51.12 -9.60
CA GLU B 569 -23.10 -51.33 -8.47
C GLU B 569 -23.93 -50.08 -8.13
N HIS B 570 -25.21 -50.31 -7.84
CA HIS B 570 -26.13 -49.24 -7.52
C HIS B 570 -27.16 -49.69 -6.49
N LEU B 571 -28.15 -48.84 -6.26
CA LEU B 571 -29.22 -49.11 -5.31
C LEU B 571 -30.45 -49.72 -5.97
N ASP B 572 -31.11 -50.62 -5.24
CA ASP B 572 -32.31 -51.30 -5.69
C ASP B 572 -33.53 -50.58 -5.11
N GLU B 573 -34.35 -49.99 -5.98
CA GLU B 573 -35.53 -49.28 -5.53
C GLU B 573 -36.43 -50.11 -4.61
N LYS B 574 -36.93 -51.23 -5.13
CA LYS B 574 -37.80 -52.15 -4.39
C LYS B 574 -37.31 -52.37 -2.96
N LYS B 575 -36.05 -52.74 -2.81
CA LYS B 575 -35.48 -53.02 -1.50
C LYS B 575 -35.30 -51.77 -0.65
N TYR B 576 -35.28 -50.61 -1.30
CA TYR B 576 -35.15 -49.37 -0.56
C TYR B 576 -36.53 -49.03 -0.04
N ASP B 577 -37.53 -49.14 -0.92
CA ASP B 577 -38.90 -48.87 -0.55
C ASP B 577 -39.27 -49.62 0.71
N GLU B 578 -38.79 -50.86 0.81
CA GLU B 578 -39.02 -51.73 1.95
C GLU B 578 -38.33 -51.17 3.19
N LEU B 579 -37.18 -50.56 2.98
CA LEU B 579 -36.40 -49.97 4.06
C LEU B 579 -37.16 -48.74 4.58
N LEU B 580 -37.79 -47.99 3.66
CA LEU B 580 -38.55 -46.79 4.02
C LEU B 580 -39.78 -47.17 4.84
N SER B 581 -40.44 -48.26 4.43
CA SER B 581 -41.62 -48.75 5.13
C SER B 581 -41.27 -49.15 6.56
N GLU B 582 -40.07 -49.67 6.76
CA GLU B 582 -39.64 -50.05 8.09
C GLU B 582 -39.40 -48.78 8.88
N TYR B 583 -39.00 -47.72 8.18
CA TYR B 583 -38.76 -46.42 8.80
C TYR B 583 -40.09 -45.84 9.29
N TYR B 584 -41.08 -45.81 8.39
CA TYR B 584 -42.41 -45.31 8.71
C TYR B 584 -43.05 -46.15 9.81
N ARG B 585 -42.81 -47.46 9.79
CA ARG B 585 -43.37 -48.34 10.81
C ARG B 585 -42.80 -47.97 12.17
N ILE B 586 -41.47 -47.79 12.23
CA ILE B 586 -40.80 -47.44 13.47
C ILE B 586 -41.25 -46.06 13.98
N ARG B 587 -41.32 -45.08 13.07
CA ARG B 587 -41.71 -43.74 13.48
C ARG B 587 -43.20 -43.60 13.72
N GLY B 588 -43.97 -44.57 13.24
CA GLY B 588 -45.40 -44.53 13.41
C GLY B 588 -46.04 -43.63 12.36
N TRP B 589 -45.56 -43.73 11.13
CA TRP B 589 -46.09 -42.94 10.02
C TRP B 589 -46.78 -43.83 9.00
N ASP B 590 -47.69 -43.27 8.19
CA ASP B 590 -48.38 -44.07 7.18
C ASP B 590 -47.50 -44.25 5.95
N GLU B 591 -47.97 -45.06 5.00
CA GLU B 591 -47.20 -45.33 3.79
C GLU B 591 -47.03 -44.10 2.92
N ARG B 592 -47.45 -42.95 3.44
CA ARG B 592 -47.33 -41.68 2.72
C ARG B 592 -46.29 -40.78 3.41
N GLY B 593 -45.80 -41.22 4.57
CA GLY B 593 -44.80 -40.47 5.31
C GLY B 593 -45.40 -39.43 6.22
N ILE B 594 -46.70 -39.53 6.44
CA ILE B 594 -47.43 -38.60 7.29
C ILE B 594 -47.69 -39.19 8.64
N PRO B 595 -47.46 -38.42 9.71
CA PRO B 595 -47.69 -38.97 11.05
C PRO B 595 -49.14 -39.47 11.22
N LYS B 596 -49.30 -40.53 12.02
CA LYS B 596 -50.61 -41.11 12.29
C LYS B 596 -51.21 -40.45 13.53
N LYS B 597 -52.52 -40.23 13.50
CA LYS B 597 -53.24 -39.61 14.63
C LYS B 597 -52.78 -40.15 15.97
N GLU B 598 -52.84 -41.47 16.14
CA GLU B 598 -52.42 -42.10 17.38
C GLU B 598 -50.99 -41.73 17.77
N THR B 599 -50.16 -41.48 16.75
CA THR B 599 -48.77 -41.12 16.93
C THR B 599 -48.65 -39.70 17.43
N LEU B 600 -49.42 -38.80 16.84
CA LEU B 600 -49.42 -37.41 17.25
C LEU B 600 -49.82 -37.33 18.73
N LYS B 601 -50.95 -37.96 19.09
CA LYS B 601 -51.44 -37.99 20.47
C LYS B 601 -50.35 -38.51 21.37
N GLU B 602 -49.77 -39.63 20.94
CA GLU B 602 -48.69 -40.29 21.66
C GLU B 602 -47.54 -39.34 21.97
N LEU B 603 -47.33 -38.34 21.12
CA LEU B 603 -46.23 -37.40 21.31
C LEU B 603 -46.67 -36.02 21.81
N ASP B 604 -47.97 -35.90 22.10
CA ASP B 604 -48.57 -34.65 22.60
C ASP B 604 -48.68 -33.63 21.49
N LEU B 605 -49.07 -34.10 20.31
CA LEU B 605 -49.22 -33.22 19.16
C LEU B 605 -50.65 -33.25 18.63
N ASP B 606 -51.62 -33.45 19.52
CA ASP B 606 -53.04 -33.51 19.13
C ASP B 606 -53.46 -32.29 18.32
N PHE B 607 -52.92 -31.13 18.70
CA PHE B 607 -53.22 -29.87 18.04
C PHE B 607 -52.79 -29.84 16.57
N VAL B 608 -52.10 -30.88 16.13
CA VAL B 608 -51.64 -31.00 14.76
C VAL B 608 -52.75 -31.64 13.92
N ILE B 609 -53.41 -32.64 14.50
CA ILE B 609 -54.49 -33.37 13.85
C ILE B 609 -55.59 -32.53 13.21
N PRO B 610 -56.23 -31.66 13.98
CA PRO B 610 -57.29 -30.86 13.35
C PRO B 610 -56.75 -30.08 12.15
N GLU B 611 -55.52 -29.59 12.26
CA GLU B 611 -54.86 -28.80 11.22
C GLU B 611 -54.49 -29.56 9.96
N LEU B 612 -53.91 -30.75 10.13
CA LEU B 612 -53.52 -31.56 8.98
C LEU B 612 -54.78 -32.13 8.35
N GLU B 613 -55.75 -32.50 9.19
CA GLU B 613 -57.00 -33.06 8.71
C GLU B 613 -57.70 -32.15 7.71
N LYS B 614 -57.30 -30.88 7.67
CA LYS B 614 -57.90 -29.91 6.74
C LYS B 614 -57.33 -30.05 5.33
N VAL B 615 -56.15 -30.67 5.21
CA VAL B 615 -55.50 -30.86 3.91
C VAL B 615 -55.46 -32.29 3.39
N THR B 616 -55.47 -33.28 4.30
CA THR B 616 -55.49 -34.70 3.91
C THR B 616 -56.20 -35.52 4.95
N ASN B 617 -56.30 -36.81 4.65
CA ASN B 617 -56.95 -37.78 5.51
C ASN B 617 -55.86 -38.42 6.36
N LEU B 618 -56.08 -38.46 7.66
CA LEU B 618 -55.10 -39.04 8.56
C LEU B 618 -55.35 -40.52 8.76
N GLU B 619 -54.44 -41.17 9.48
CA GLU B 619 -54.57 -42.59 9.77
C GLU B 619 -54.18 -42.85 11.21
N MET C 1 -48.43 24.64 18.02
CA MET C 1 -47.06 25.23 18.16
C MET C 1 -46.26 25.06 16.87
N TYR C 2 -45.81 26.17 16.31
CA TYR C 2 -45.04 26.12 15.08
C TYR C 2 -43.57 26.40 15.32
N GLY C 3 -42.74 25.96 14.39
CA GLY C 3 -41.32 26.16 14.50
C GLY C 3 -40.70 25.30 15.58
N TRP C 4 -41.00 25.61 16.84
CA TRP C 4 -40.47 24.83 17.94
C TRP C 4 -41.28 23.55 18.06
N TRP C 5 -40.66 22.51 18.60
CA TRP C 5 -41.39 21.25 18.76
C TRP C 5 -41.99 21.30 20.14
N GLY C 6 -41.23 21.84 21.08
CA GLY C 6 -41.68 21.91 22.45
C GLY C 6 -41.15 20.69 23.17
N ARG C 7 -40.29 19.94 22.49
CA ARG C 7 -39.71 18.75 23.07
C ARG C 7 -38.20 18.84 23.18
N ILE C 8 -37.66 18.23 24.23
CA ILE C 8 -36.24 18.20 24.50
C ILE C 8 -35.96 16.73 24.74
N LEU C 9 -34.93 16.19 24.10
CA LEU C 9 -34.57 14.78 24.28
C LEU C 9 -33.62 14.67 25.46
N ARG C 10 -33.95 13.79 26.41
CA ARG C 10 -33.12 13.57 27.61
C ARG C 10 -32.49 12.19 27.66
N VAL C 11 -31.20 12.14 28.00
CA VAL C 11 -30.49 10.86 28.07
C VAL C 11 -29.64 10.79 29.33
N ASN C 12 -29.87 9.75 30.12
CA ASN C 12 -29.13 9.55 31.36
C ASN C 12 -28.20 8.37 31.15
N LEU C 13 -26.93 8.67 30.87
CA LEU C 13 -25.94 7.65 30.61
C LEU C 13 -25.60 6.81 31.83
N THR C 14 -26.01 7.25 33.01
CA THR C 14 -25.75 6.50 34.23
C THR C 14 -26.80 5.39 34.40
N THR C 15 -28.06 5.72 34.17
CA THR C 15 -29.13 4.74 34.32
C THR C 15 -29.54 4.16 32.97
N GLY C 16 -29.07 4.76 31.90
CA GLY C 16 -29.43 4.30 30.57
C GLY C 16 -30.87 4.67 30.26
N GLU C 17 -31.44 5.54 31.09
CA GLU C 17 -32.82 5.98 30.90
C GLU C 17 -32.92 7.07 29.84
N VAL C 18 -33.87 6.92 28.92
CA VAL C 18 -34.06 7.89 27.85
C VAL C 18 -35.51 8.30 27.78
N LYS C 19 -35.74 9.61 27.80
CA LYS C 19 -37.10 10.14 27.74
C LYS C 19 -37.17 11.49 27.05
N VAL C 20 -38.39 11.93 26.78
CA VAL C 20 -38.59 13.21 26.15
C VAL C 20 -39.32 14.15 27.11
N GLN C 21 -38.72 15.30 27.34
CA GLN C 21 -39.30 16.29 28.21
C GLN C 21 -39.98 17.37 27.38
N GLU C 22 -41.18 17.74 27.77
CA GLU C 22 -41.89 18.79 27.07
C GLU C 22 -41.72 20.05 27.89
N TYR C 23 -41.51 21.17 27.21
CA TYR C 23 -41.40 22.42 27.91
C TYR C 23 -42.46 23.35 27.33
N PRO C 24 -42.89 24.36 28.11
CA PRO C 24 -43.92 25.32 27.70
C PRO C 24 -43.55 26.18 26.49
N GLU C 25 -44.56 26.45 25.66
CA GLU C 25 -44.33 27.27 24.49
C GLU C 25 -43.81 28.64 24.89
N GLU C 26 -44.15 29.12 26.08
CA GLU C 26 -43.68 30.45 26.49
C GLU C 26 -42.21 30.45 26.87
N VAL C 27 -41.67 29.27 27.19
CA VAL C 27 -40.26 29.16 27.51
C VAL C 27 -39.57 29.30 26.15
N ALA C 28 -40.20 28.72 25.13
CA ALA C 28 -39.68 28.77 23.78
C ALA C 28 -39.59 30.20 23.30
N LYS C 29 -40.70 30.94 23.41
CA LYS C 29 -40.75 32.35 22.97
C LYS C 29 -39.74 33.19 23.73
N LYS C 30 -39.67 32.96 25.04
CA LYS C 30 -38.80 33.69 25.94
C LYS C 30 -37.30 33.50 25.70
N PHE C 31 -36.88 32.27 25.45
CA PHE C 31 -35.45 32.03 25.21
C PHE C 31 -35.12 31.71 23.76
N ILE C 32 -36.14 31.50 22.94
CA ILE C 32 -36.01 31.23 21.50
C ILE C 32 -35.36 29.88 21.14
N GLY C 33 -34.11 29.68 21.55
CA GLY C 33 -33.44 28.43 21.26
C GLY C 33 -31.97 28.52 21.60
N GLY C 34 -31.20 27.59 21.06
CA GLY C 34 -29.77 27.58 21.28
C GLY C 34 -29.29 27.96 22.65
N ARG C 35 -28.46 29.00 22.72
CA ARG C 35 -27.88 29.47 23.97
C ARG C 35 -28.96 29.94 24.94
N GLY C 36 -30.11 30.32 24.41
CA GLY C 36 -31.19 30.76 25.26
C GLY C 36 -31.73 29.59 26.06
N LEU C 37 -32.10 28.54 25.35
CA LEU C 37 -32.61 27.33 25.95
C LEU C 37 -31.54 26.68 26.80
N ALA C 38 -30.28 26.78 26.38
CA ALA C 38 -29.18 26.17 27.12
C ALA C 38 -28.95 26.81 28.49
N ALA C 39 -29.02 28.15 28.53
CA ALA C 39 -28.83 28.87 29.79
C ALA C 39 -29.97 28.55 30.78
N TRP C 40 -31.17 28.39 30.25
CA TRP C 40 -32.33 28.08 31.08
C TRP C 40 -32.13 26.72 31.77
N ILE C 41 -31.63 25.75 31.01
CA ILE C 41 -31.40 24.40 31.50
C ILE C 41 -30.27 24.35 32.50
N LEU C 42 -29.17 25.03 32.20
CA LEU C 42 -28.02 25.02 33.09
C LEU C 42 -28.32 25.79 34.37
N TRP C 43 -29.25 26.72 34.32
CA TRP C 43 -29.59 27.47 35.53
C TRP C 43 -30.33 26.55 36.48
N ASN C 44 -31.29 25.82 35.94
CA ASN C 44 -32.10 24.89 36.73
C ASN C 44 -31.45 23.56 37.08
N GLU C 45 -30.74 22.94 36.13
CA GLU C 45 -30.17 21.62 36.36
C GLU C 45 -28.67 21.46 36.50
N ALA C 46 -27.94 22.56 36.64
CA ALA C 46 -26.49 22.47 36.78
C ALA C 46 -26.03 23.40 37.90
N ARG C 47 -26.72 23.28 39.04
CA ARG C 47 -26.45 24.08 40.23
C ARG C 47 -25.39 23.46 41.14
N GLY C 48 -24.23 24.10 41.23
CA GLY C 48 -23.15 23.61 42.08
C GLY C 48 -22.42 22.33 41.69
N VAL C 49 -22.74 21.79 40.52
CA VAL C 49 -22.11 20.56 40.05
C VAL C 49 -20.66 20.75 39.64
N GLU C 50 -19.89 19.68 39.77
CA GLU C 50 -18.49 19.68 39.39
C GLU C 50 -18.48 19.51 37.88
N PRO C 51 -17.84 20.43 37.13
CA PRO C 51 -17.75 20.37 35.67
C PRO C 51 -17.43 19.00 35.04
N LEU C 52 -16.56 18.22 35.67
CA LEU C 52 -16.23 16.91 35.10
C LEU C 52 -16.92 15.76 35.83
N SER C 53 -17.91 16.10 36.64
CA SER C 53 -18.68 15.12 37.39
C SER C 53 -19.89 14.70 36.56
N PRO C 54 -20.51 13.56 36.90
CA PRO C 54 -21.68 13.08 36.16
C PRO C 54 -22.93 13.97 36.24
N GLU C 55 -23.02 14.82 37.27
CA GLU C 55 -24.19 15.68 37.43
C GLU C 55 -24.30 16.85 36.45
N ASN C 56 -23.18 17.25 35.85
CA ASN C 56 -23.12 18.34 34.90
C ASN C 56 -23.93 17.96 33.66
N LYS C 57 -24.54 18.95 33.00
CA LYS C 57 -25.36 18.68 31.81
C LYS C 57 -24.77 19.11 30.45
N LEU C 58 -24.61 18.14 29.54
CA LEU C 58 -24.08 18.38 28.19
C LEU C 58 -25.28 18.69 27.29
N ILE C 59 -25.42 19.95 26.91
CA ILE C 59 -26.55 20.34 26.09
C ILE C 59 -26.24 20.60 24.63
N PHE C 60 -27.10 20.05 23.78
CA PHE C 60 -27.02 20.23 22.35
C PHE C 60 -28.32 20.91 22.03
N ALA C 61 -28.26 22.21 21.76
CA ALA C 61 -29.47 22.97 21.49
C ALA C 61 -29.52 23.66 20.14
N ALA C 62 -30.63 23.46 19.44
CA ALA C 62 -30.87 24.08 18.14
C ALA C 62 -31.97 25.14 18.38
N GLY C 63 -32.38 25.83 17.33
CA GLY C 63 -33.41 26.84 17.48
C GLY C 63 -34.42 26.66 16.38
N PRO C 64 -35.47 27.49 16.31
CA PRO C 64 -36.49 27.36 15.26
C PRO C 64 -36.01 27.42 13.81
N PHE C 65 -34.77 27.86 13.60
CA PHE C 65 -34.20 27.96 12.23
C PHE C 65 -33.64 26.62 11.75
N ASN C 66 -33.09 25.86 12.68
CA ASN C 66 -32.49 24.58 12.42
C ASN C 66 -33.45 23.45 12.03
N GLY C 67 -33.01 22.61 11.11
CA GLY C 67 -33.84 21.50 10.64
C GLY C 67 -34.56 21.92 9.37
N LEU C 68 -34.59 23.23 9.15
CA LEU C 68 -35.26 23.81 7.99
C LEU C 68 -34.27 24.45 7.05
N PRO C 69 -34.67 24.62 5.79
CA PRO C 69 -33.80 25.25 4.79
C PRO C 69 -33.77 26.75 5.04
N THR C 70 -32.81 27.20 5.84
CA THR C 70 -32.68 28.61 6.14
C THR C 70 -31.23 29.05 5.87
N PRO C 71 -31.05 30.28 5.35
CA PRO C 71 -29.72 30.81 5.05
C PRO C 71 -28.68 30.51 6.13
N SER C 72 -27.76 29.61 5.81
CA SER C 72 -26.70 29.22 6.74
C SER C 72 -27.25 28.89 8.13
N GLY C 73 -28.41 28.25 8.15
CA GLY C 73 -29.07 27.88 9.40
C GLY C 73 -28.85 26.43 9.75
N GLY C 74 -27.57 26.02 9.73
CA GLY C 74 -27.22 24.66 10.04
C GLY C 74 -26.30 24.63 11.24
N LYS C 75 -26.43 25.61 12.12
CA LYS C 75 -25.59 25.69 13.32
C LYS C 75 -26.20 24.99 14.52
N LEU C 76 -25.42 24.88 15.61
CA LEU C 76 -25.87 24.22 16.82
C LEU C 76 -24.98 24.60 17.99
N VAL C 77 -25.59 24.85 19.14
CA VAL C 77 -24.86 25.23 20.33
C VAL C 77 -24.60 24.01 21.19
N VAL C 78 -23.46 24.00 21.87
CA VAL C 78 -23.10 22.91 22.76
C VAL C 78 -22.76 23.60 24.07
N ALA C 79 -23.58 23.40 25.09
CA ALA C 79 -23.38 24.04 26.39
C ALA C 79 -23.27 23.09 27.56
N ALA C 80 -22.60 23.56 28.61
CA ALA C 80 -22.40 22.79 29.83
C ALA C 80 -21.62 23.70 30.76
N LYS C 81 -21.57 23.37 32.04
CA LYS C 81 -20.79 24.19 32.94
C LYS C 81 -19.37 23.90 32.44
N SER C 82 -18.58 24.96 32.27
CA SER C 82 -17.24 24.81 31.74
C SER C 82 -16.21 24.33 32.76
N PRO C 83 -15.45 23.28 32.40
CA PRO C 83 -14.38 22.66 33.20
C PRO C 83 -13.13 23.55 33.24
N LEU C 84 -13.07 24.50 32.32
CA LEU C 84 -11.95 25.44 32.22
C LEU C 84 -12.18 26.70 33.05
N THR C 85 -13.34 27.34 32.86
CA THR C 85 -13.69 28.59 33.56
C THR C 85 -14.52 28.41 34.83
N GLY C 86 -15.29 27.34 34.91
CA GLY C 86 -16.11 27.13 36.10
C GLY C 86 -17.42 27.89 36.09
N GLY C 87 -17.67 28.62 35.02
CA GLY C 87 -18.89 29.37 34.91
C GLY C 87 -19.69 28.77 33.77
N TYR C 88 -20.57 29.55 33.17
CA TYR C 88 -21.36 29.05 32.06
C TYR C 88 -20.47 28.93 30.82
N GLY C 89 -20.65 27.84 30.09
CA GLY C 89 -19.88 27.65 28.88
C GLY C 89 -20.70 27.15 27.71
N ASP C 90 -20.24 27.47 26.52
CA ASP C 90 -20.87 27.00 25.31
C ASP C 90 -20.07 27.38 24.06
N GLY C 91 -20.46 26.81 22.94
CA GLY C 91 -19.78 27.08 21.69
C GLY C 91 -20.78 26.79 20.60
N ASN C 92 -20.40 27.08 19.37
CA ASN C 92 -21.28 26.86 18.24
C ASN C 92 -20.51 26.07 17.18
N LEU C 93 -21.21 25.31 16.35
CA LEU C 93 -20.57 24.56 15.29
C LEU C 93 -21.62 24.23 14.24
N GLY C 94 -21.21 24.23 12.97
CA GLY C 94 -22.13 23.87 11.89
C GLY C 94 -22.04 22.37 11.74
N THR C 95 -23.16 21.71 11.44
CA THR C 95 -23.16 20.25 11.33
C THR C 95 -24.53 19.72 10.94
N MET C 96 -24.54 18.67 10.15
CA MET C 96 -25.80 18.07 9.72
C MET C 96 -26.53 17.47 10.92
N ALA C 97 -25.86 17.42 12.05
CA ALA C 97 -26.47 16.88 13.26
C ALA C 97 -27.55 17.88 13.71
N SER C 98 -27.30 19.14 13.39
CA SER C 98 -28.21 20.23 13.74
C SER C 98 -29.49 20.02 12.94
N VAL C 99 -29.32 19.68 11.68
CA VAL C 99 -30.46 19.45 10.81
C VAL C 99 -31.24 18.19 11.22
N HIS C 100 -30.51 17.13 11.55
CA HIS C 100 -31.16 15.88 11.91
C HIS C 100 -31.84 15.90 13.27
N LEU C 101 -31.18 16.44 14.28
CA LEU C 101 -31.77 16.53 15.61
C LEU C 101 -33.17 17.14 15.57
N ARG C 102 -33.33 18.15 14.74
CA ARG C 102 -34.59 18.85 14.59
C ARG C 102 -35.60 18.17 13.68
N ARG C 103 -35.17 17.50 12.62
CA ARG C 103 -36.13 16.79 11.76
C ARG C 103 -36.54 15.50 12.50
N ALA C 104 -35.74 15.13 13.48
CA ALA C 104 -35.98 13.95 14.30
C ALA C 104 -37.07 14.24 15.35
N GLY C 105 -37.40 15.52 15.51
CA GLY C 105 -38.44 15.92 16.45
C GLY C 105 -38.02 16.56 17.76
N TYR C 106 -36.79 17.05 17.87
CA TYR C 106 -36.35 17.68 19.12
C TYR C 106 -35.81 19.09 18.92
N ASP C 107 -35.93 19.90 19.97
CA ASP C 107 -35.42 21.26 19.93
C ASP C 107 -34.04 21.18 20.54
N ALA C 108 -33.83 20.17 21.35
CA ALA C 108 -32.55 19.99 22.00
C ALA C 108 -32.33 18.58 22.52
N LEU C 109 -31.09 18.32 22.92
CA LEU C 109 -30.72 17.05 23.48
C LEU C 109 -29.88 17.38 24.69
N VAL C 110 -30.30 16.86 25.84
CA VAL C 110 -29.56 17.08 27.07
C VAL C 110 -29.04 15.72 27.47
N VAL C 111 -27.78 15.68 27.87
CA VAL C 111 -27.14 14.45 28.28
C VAL C 111 -26.67 14.62 29.73
N GLU C 112 -26.95 13.64 30.58
CA GLU C 112 -26.54 13.70 31.97
C GLU C 112 -25.93 12.37 32.41
N GLY C 113 -25.27 12.38 33.57
CA GLY C 113 -24.69 11.16 34.08
C GLY C 113 -23.35 10.83 33.48
N LYS C 114 -23.03 9.55 33.38
CA LYS C 114 -21.77 9.09 32.81
C LYS C 114 -21.84 7.58 32.65
N ALA C 115 -21.54 7.08 31.45
CA ALA C 115 -21.60 5.64 31.19
C ALA C 115 -20.42 4.90 31.82
N LYS C 116 -20.58 3.60 32.06
CA LYS C 116 -19.49 2.82 32.65
C LYS C 116 -18.37 2.59 31.64
N LYS C 117 -18.74 2.47 30.37
CA LYS C 117 -17.78 2.24 29.29
C LYS C 117 -18.11 3.16 28.11
N PRO C 118 -17.10 3.46 27.26
CA PRO C 118 -17.34 4.33 26.11
C PRO C 118 -18.57 3.91 25.32
N VAL C 119 -19.47 4.87 25.09
CA VAL C 119 -20.69 4.64 24.34
C VAL C 119 -20.93 5.83 23.41
N TYR C 120 -21.95 5.73 22.58
CA TYR C 120 -22.34 6.83 21.71
C TYR C 120 -23.84 6.77 21.58
N ILE C 121 -24.47 7.95 21.48
CA ILE C 121 -25.90 8.04 21.38
C ILE C 121 -26.35 8.02 19.92
N TYR C 122 -27.37 7.21 19.66
CA TYR C 122 -27.93 7.02 18.34
C TYR C 122 -29.37 7.48 18.35
N ILE C 123 -29.71 8.37 17.44
CA ILE C 123 -31.06 8.90 17.37
C ILE C 123 -31.53 8.81 15.95
N GLU C 124 -32.70 8.22 15.77
CA GLU C 124 -33.31 8.11 14.46
C GLU C 124 -34.78 8.41 14.75
N ASP C 125 -35.15 9.67 14.60
CA ASP C 125 -36.52 10.07 14.86
C ASP C 125 -36.82 9.68 16.31
N ASP C 126 -37.86 8.87 16.54
CA ASP C 126 -38.19 8.46 17.90
C ASP C 126 -37.36 7.29 18.42
N ASN C 127 -36.64 6.64 17.52
CA ASN C 127 -35.80 5.51 17.90
C ASN C 127 -34.50 6.08 18.43
N VAL C 128 -34.28 5.99 19.73
CA VAL C 128 -33.06 6.52 20.37
C VAL C 128 -32.43 5.45 21.26
N SER C 129 -31.13 5.23 21.13
CA SER C 129 -30.46 4.20 21.92
C SER C 129 -29.05 4.56 22.33
N ILE C 130 -28.57 3.94 23.40
CA ILE C 130 -27.20 4.13 23.87
C ILE C 130 -26.48 2.84 23.48
N LEU C 131 -25.44 2.95 22.65
CA LEU C 131 -24.72 1.77 22.20
C LEU C 131 -23.27 1.80 22.62
N SER C 132 -22.62 0.66 22.52
CA SER C 132 -21.23 0.56 22.89
C SER C 132 -20.35 1.24 21.86
N ALA C 133 -19.35 1.97 22.34
CA ALA C 133 -18.42 2.67 21.48
C ALA C 133 -17.03 2.29 21.97
N GLU C 134 -16.94 1.09 22.53
CA GLU C 134 -15.67 0.59 23.06
C GLU C 134 -14.62 0.45 21.98
N GLY C 135 -15.05 0.08 20.77
CA GLY C 135 -14.11 -0.07 19.67
C GLY C 135 -13.63 1.27 19.11
N LEU C 136 -14.39 2.33 19.39
CA LEU C 136 -14.08 3.68 18.91
C LEU C 136 -13.14 4.46 19.84
N TRP C 137 -13.36 4.37 21.13
CA TRP C 137 -12.53 5.07 22.09
C TRP C 137 -11.04 5.03 21.73
N GLY C 138 -10.42 6.19 21.58
CA GLY C 138 -9.01 6.22 21.25
C GLY C 138 -8.73 6.75 19.87
N LYS C 139 -9.70 6.61 18.97
CA LYS C 139 -9.60 7.06 17.59
C LYS C 139 -9.82 8.55 17.42
N THR C 140 -9.27 9.09 16.34
CA THR C 140 -9.40 10.50 16.04
C THR C 140 -10.85 10.83 15.78
N THR C 141 -11.14 12.12 15.66
CA THR C 141 -12.49 12.57 15.39
C THR C 141 -12.84 12.24 13.95
N PHE C 142 -11.83 12.31 13.07
CA PHE C 142 -12.04 12.01 11.65
C PHE C 142 -12.38 10.52 11.45
N GLU C 143 -11.60 9.66 12.08
CA GLU C 143 -11.79 8.22 11.97
C GLU C 143 -13.11 7.76 12.55
N THR C 144 -13.44 8.25 13.75
CA THR C 144 -14.67 7.90 14.44
C THR C 144 -15.91 8.21 13.60
N GLU C 145 -15.98 9.41 13.04
CA GLU C 145 -17.13 9.79 12.21
C GLU C 145 -17.14 8.90 10.98
N ARG C 146 -15.95 8.70 10.39
CA ARG C 146 -15.82 7.87 9.20
C ARG C 146 -16.38 6.45 9.43
N GLU C 147 -15.91 5.78 10.47
CA GLU C 147 -16.38 4.43 10.76
C GLU C 147 -17.86 4.38 11.06
N LEU C 148 -18.35 5.36 11.81
CA LEU C 148 -19.76 5.39 12.14
C LEU C 148 -20.62 5.52 10.89
N LYS C 149 -20.18 6.33 9.92
CA LYS C 149 -20.95 6.49 8.70
C LYS C 149 -20.84 5.24 7.84
N GLU C 150 -19.74 4.50 7.99
CA GLU C 150 -19.53 3.27 7.22
C GLU C 150 -20.47 2.16 7.69
N ILE C 151 -21.10 2.36 8.84
CA ILE C 151 -22.04 1.40 9.38
C ILE C 151 -23.47 1.88 9.16
N HIS C 152 -23.73 3.13 9.56
CA HIS C 152 -25.08 3.67 9.47
C HIS C 152 -25.49 4.38 8.20
N GLY C 153 -24.51 4.82 7.42
CA GLY C 153 -24.83 5.50 6.18
C GLY C 153 -24.30 6.91 6.12
N LYS C 154 -24.63 7.61 5.03
CA LYS C 154 -24.15 8.97 4.82
C LYS C 154 -25.18 9.97 5.32
N ASN C 155 -26.46 9.59 5.28
CA ASN C 155 -27.56 10.43 5.72
C ASN C 155 -27.62 10.67 7.23
N VAL C 156 -26.52 11.06 7.84
CA VAL C 156 -26.50 11.31 9.27
C VAL C 156 -25.58 12.44 9.69
N GLY C 157 -25.84 12.98 10.87
CA GLY C 157 -25.04 14.05 11.44
C GLY C 157 -24.30 13.34 12.53
N VAL C 158 -23.01 13.63 12.69
CA VAL C 158 -22.24 12.97 13.72
C VAL C 158 -21.39 13.94 14.51
N LEU C 159 -21.48 13.83 15.84
CA LEU C 159 -20.67 14.67 16.72
C LEU C 159 -19.75 13.69 17.43
N THR C 160 -18.46 14.01 17.49
CA THR C 160 -17.51 13.11 18.12
C THR C 160 -16.48 13.92 18.90
N ILE C 161 -15.68 13.24 19.71
CA ILE C 161 -14.61 13.87 20.46
C ILE C 161 -13.34 13.06 20.17
N GLY C 162 -12.20 13.73 20.16
CA GLY C 162 -10.96 13.03 19.89
C GLY C 162 -10.24 12.69 21.17
N PRO C 163 -9.11 11.97 21.08
CA PRO C 163 -8.36 11.60 22.28
C PRO C 163 -8.21 12.72 23.33
N ALA C 164 -8.25 13.98 22.89
CA ALA C 164 -8.10 15.10 23.81
C ALA C 164 -9.33 15.25 24.67
N GLY C 165 -10.49 14.93 24.11
CA GLY C 165 -11.73 15.02 24.85
C GLY C 165 -11.80 13.85 25.84
N GLU C 166 -11.27 12.71 25.43
CA GLU C 166 -11.25 11.52 26.25
C GLU C 166 -10.30 11.70 27.43
N ASN C 167 -9.18 12.39 27.18
CA ASN C 167 -8.19 12.63 28.21
C ASN C 167 -8.52 13.84 29.06
N LEU C 168 -9.66 14.46 28.76
CA LEU C 168 -10.16 15.62 29.48
C LEU C 168 -9.28 16.87 29.43
N VAL C 169 -8.81 17.25 28.26
CA VAL C 169 -8.01 18.46 28.12
C VAL C 169 -9.04 19.58 28.32
N LYS C 170 -8.75 20.48 29.25
CA LYS C 170 -9.67 21.57 29.61
C LYS C 170 -10.29 22.36 28.46
N TYR C 171 -9.58 22.46 27.34
CA TYR C 171 -10.12 23.18 26.20
C TYR C 171 -10.44 22.24 25.05
N ALA C 172 -10.86 21.03 25.39
CA ALA C 172 -11.21 20.02 24.38
C ALA C 172 -12.55 20.43 23.81
N VAL C 173 -12.80 20.08 22.55
CA VAL C 173 -14.05 20.45 21.90
C VAL C 173 -14.73 19.29 21.20
N VAL C 174 -15.89 19.59 20.62
CA VAL C 174 -16.68 18.59 19.90
C VAL C 174 -16.53 18.86 18.39
N ILE C 175 -16.13 17.83 17.64
CA ILE C 175 -15.92 17.98 16.20
C ILE C 175 -16.95 17.27 15.35
N SER C 176 -17.10 17.74 14.11
CA SER C 176 -18.03 17.16 13.16
C SER C 176 -17.51 17.45 11.75
N GLN C 177 -17.65 16.49 10.85
CA GLN C 177 -17.21 16.64 9.46
C GLN C 177 -15.78 17.18 9.29
N GLU C 178 -14.84 16.55 9.98
CA GLU C 178 -13.43 16.92 9.92
C GLU C 178 -13.22 18.41 9.73
N GLY C 179 -13.63 19.21 10.71
CA GLY C 179 -13.42 20.64 10.55
C GLY C 179 -14.21 21.58 11.42
N ARG C 180 -15.50 21.32 11.59
CA ARG C 180 -16.36 22.17 12.42
C ARG C 180 -16.16 21.84 13.92
N ALA C 181 -15.88 22.85 14.73
CA ALA C 181 -15.67 22.66 16.16
C ALA C 181 -16.62 23.47 17.04
N ALA C 182 -16.79 23.07 18.29
CA ALA C 182 -17.67 23.79 19.21
C ALA C 182 -17.34 23.48 20.65
N GLY C 183 -17.37 24.51 21.49
CA GLY C 183 -17.09 24.31 22.90
C GLY C 183 -15.73 24.67 23.44
N ARG C 184 -15.13 25.76 22.95
CA ARG C 184 -13.83 26.17 23.46
C ARG C 184 -13.70 25.96 24.99
N PRO C 185 -14.72 26.38 25.79
CA PRO C 185 -14.68 26.22 27.25
C PRO C 185 -14.69 24.81 27.84
N GLY C 186 -14.28 23.81 27.07
CA GLY C 186 -14.23 22.46 27.59
C GLY C 186 -15.41 21.56 27.33
N MET C 187 -16.27 21.92 26.39
CA MET C 187 -17.42 21.08 26.09
C MET C 187 -17.00 19.67 25.67
N GLY C 188 -15.81 19.53 25.10
CA GLY C 188 -15.33 18.23 24.69
C GLY C 188 -14.81 17.46 25.88
N ALA C 189 -14.32 18.17 26.89
CA ALA C 189 -13.81 17.56 28.12
C ALA C 189 -14.99 16.98 28.91
N VAL C 190 -16.12 17.68 28.86
CA VAL C 190 -17.34 17.24 29.53
C VAL C 190 -17.89 15.99 28.86
N MET C 191 -17.95 16.04 27.53
CA MET C 191 -18.46 14.92 26.75
C MET C 191 -17.55 13.73 27.05
N GLY C 192 -16.28 14.00 27.29
CA GLY C 192 -15.34 12.94 27.58
C GLY C 192 -15.49 12.38 28.97
N SER C 193 -15.73 13.24 29.96
CA SER C 193 -15.89 12.84 31.35
C SER C 193 -17.09 11.92 31.53
N LYS C 194 -18.00 11.97 30.57
CA LYS C 194 -19.22 11.16 30.60
C LYS C 194 -19.07 9.84 29.83
N LYS C 195 -17.88 9.57 29.30
CA LYS C 195 -17.64 8.34 28.54
C LYS C 195 -18.47 8.31 27.25
N LEU C 196 -18.78 9.48 26.71
CA LEU C 196 -19.56 9.62 25.47
C LEU C 196 -18.59 9.92 24.33
N LYS C 197 -18.45 8.98 23.40
CA LYS C 197 -17.53 9.17 22.29
C LYS C 197 -18.18 9.93 21.15
N ALA C 198 -19.44 9.64 20.86
CA ALA C 198 -20.08 10.36 19.78
C ALA C 198 -21.60 10.33 19.85
N VAL C 199 -22.22 11.09 18.94
CA VAL C 199 -23.65 11.17 18.81
C VAL C 199 -23.92 11.08 17.31
N VAL C 200 -24.88 10.25 16.95
CA VAL C 200 -25.24 10.06 15.55
C VAL C 200 -26.72 10.38 15.45
N ILE C 201 -27.07 11.29 14.55
CA ILE C 201 -28.46 11.68 14.41
C ILE C 201 -28.99 11.62 12.99
N ARG C 202 -30.23 11.17 12.87
CA ARG C 202 -30.91 11.11 11.57
C ARG C 202 -32.36 11.44 11.86
N GLY C 203 -32.90 12.41 11.12
CA GLY C 203 -34.28 12.79 11.32
C GLY C 203 -34.94 12.94 9.99
N THR C 204 -36.16 12.43 9.87
CA THR C 204 -36.92 12.49 8.63
C THR C 204 -38.25 13.23 8.76
N LYS C 205 -38.54 13.76 9.94
CA LYS C 205 -39.82 14.43 10.14
C LYS C 205 -39.96 15.81 9.50
N GLU C 206 -41.22 16.23 9.32
CA GLU C 206 -41.51 17.54 8.77
C GLU C 206 -41.78 18.52 9.91
N ILE C 207 -40.87 19.46 10.11
CA ILE C 207 -41.00 20.45 11.17
C ILE C 207 -42.15 21.42 10.89
N PRO C 208 -43.17 21.44 11.78
CA PRO C 208 -44.34 22.32 11.62
C PRO C 208 -43.97 23.80 11.45
N VAL C 209 -44.50 24.42 10.40
CA VAL C 209 -44.19 25.80 10.05
C VAL C 209 -45.44 26.66 9.80
N ALA C 210 -45.46 27.84 10.40
CA ALA C 210 -46.57 28.77 10.32
C ALA C 210 -46.91 29.31 8.93
N ASP C 211 -45.90 29.76 8.19
CA ASP C 211 -46.09 30.33 6.86
C ASP C 211 -45.07 29.75 5.89
N LYS C 212 -45.37 28.57 5.37
CA LYS C 212 -44.48 27.88 4.44
C LYS C 212 -44.07 28.70 3.24
N GLU C 213 -45.03 29.35 2.60
CA GLU C 213 -44.73 30.17 1.42
C GLU C 213 -43.80 31.36 1.73
N GLU C 214 -44.03 32.06 2.84
CA GLU C 214 -43.17 33.19 3.18
C GLU C 214 -41.78 32.69 3.56
N LEU C 215 -41.70 31.52 4.18
CA LEU C 215 -40.39 30.97 4.57
C LEU C 215 -39.53 30.72 3.33
N LYS C 216 -40.18 30.28 2.25
CA LYS C 216 -39.50 30.00 1.00
C LYS C 216 -39.09 31.29 0.26
N LYS C 217 -39.97 32.28 0.29
CA LYS C 217 -39.73 33.56 -0.37
C LYS C 217 -38.55 34.27 0.28
N LEU C 218 -38.58 34.35 1.60
CA LEU C 218 -37.53 35.00 2.37
C LEU C 218 -36.17 34.32 2.19
N SER C 219 -36.17 33.00 2.30
CA SER C 219 -34.95 32.23 2.16
C SER C 219 -34.33 32.40 0.79
N GLN C 220 -35.15 32.34 -0.25
CA GLN C 220 -34.66 32.50 -1.61
C GLN C 220 -34.03 33.87 -1.78
N GLU C 221 -34.72 34.89 -1.27
CA GLU C 221 -34.25 36.25 -1.35
C GLU C 221 -32.94 36.43 -0.60
N ALA C 222 -32.89 35.97 0.64
CA ALA C 222 -31.68 36.09 1.44
C ALA C 222 -30.50 35.36 0.78
N TYR C 223 -30.77 34.21 0.16
CA TYR C 223 -29.74 33.42 -0.50
C TYR C 223 -29.21 34.18 -1.70
N ASN C 224 -30.11 34.84 -2.42
CA ASN C 224 -29.73 35.61 -3.59
C ASN C 224 -29.04 36.90 -3.21
N GLU C 225 -29.36 37.44 -2.03
CA GLU C 225 -28.73 38.66 -1.58
C GLU C 225 -27.26 38.37 -1.29
N ILE C 226 -26.98 37.14 -0.87
CA ILE C 226 -25.62 36.71 -0.58
C ILE C 226 -24.83 36.53 -1.90
N LEU C 227 -25.43 35.80 -2.82
CA LEU C 227 -24.83 35.51 -4.11
C LEU C 227 -24.47 36.77 -4.85
N ASN C 228 -25.32 37.77 -4.71
CA ASN C 228 -25.09 39.02 -5.41
C ASN C 228 -24.36 40.11 -4.62
N SER C 229 -23.86 39.79 -3.43
CA SER C 229 -23.15 40.79 -2.63
C SER C 229 -21.77 41.01 -3.20
N PRO C 230 -21.30 42.27 -3.16
CA PRO C 230 -19.97 42.57 -3.69
C PRO C 230 -18.85 41.80 -3.00
N GLY C 231 -19.04 41.44 -1.74
CA GLY C 231 -17.99 40.73 -1.04
C GLY C 231 -18.01 39.22 -1.20
N TYR C 232 -18.96 38.71 -1.98
CA TYR C 232 -19.07 37.28 -2.19
C TYR C 232 -17.84 36.68 -2.86
N PRO C 233 -17.36 37.29 -3.94
CA PRO C 233 -16.19 36.74 -4.62
C PRO C 233 -14.94 36.60 -3.75
N PHE C 234 -14.58 37.66 -3.02
CA PHE C 234 -13.41 37.60 -2.16
C PHE C 234 -13.65 36.70 -0.97
N TRP C 235 -14.90 36.61 -0.55
CA TRP C 235 -15.22 35.75 0.59
C TRP C 235 -14.99 34.29 0.19
N LYS C 236 -15.53 33.93 -0.97
CA LYS C 236 -15.38 32.58 -1.48
C LYS C 236 -13.90 32.24 -1.57
N ARG C 237 -13.08 33.20 -1.96
CA ARG C 237 -11.65 32.99 -2.11
C ARG C 237 -10.87 32.76 -0.81
N GLN C 238 -10.97 33.71 0.12
CA GLN C 238 -10.23 33.62 1.36
C GLN C 238 -10.96 33.32 2.66
N GLY C 239 -12.28 33.49 2.68
CA GLY C 239 -13.04 33.23 3.89
C GLY C 239 -12.54 34.07 5.07
N THR C 240 -12.43 33.45 6.24
CA THR C 240 -11.96 34.17 7.42
C THR C 240 -10.47 34.41 7.33
N MET C 241 -9.81 33.76 6.39
CA MET C 241 -8.36 33.91 6.22
C MET C 241 -7.89 35.33 5.89
N ALA C 242 -8.77 36.12 5.29
CA ALA C 242 -8.45 37.50 4.96
C ALA C 242 -8.12 38.39 6.18
N ALA C 243 -8.36 37.90 7.39
CA ALA C 243 -8.08 38.68 8.58
C ALA C 243 -6.60 38.72 8.96
N VAL C 244 -5.82 37.77 8.45
CA VAL C 244 -4.38 37.71 8.74
C VAL C 244 -3.69 39.02 8.30
N GLU C 245 -3.83 39.34 7.02
CA GLU C 245 -3.22 40.55 6.49
C GLU C 245 -3.85 41.79 7.13
N TRP C 246 -5.16 41.73 7.32
CA TRP C 246 -5.89 42.83 7.93
C TRP C 246 -5.39 43.12 9.35
N CYS C 247 -5.21 42.07 10.15
CA CYS C 247 -4.75 42.30 11.51
C CYS C 247 -3.32 42.79 11.57
N ASN C 248 -2.49 42.30 10.66
CA ASN C 248 -1.09 42.69 10.65
C ASN C 248 -0.93 44.16 10.29
N THR C 249 -1.70 44.59 9.31
CA THR C 249 -1.70 45.95 8.84
C THR C 249 -2.13 46.89 9.97
N ASN C 250 -2.99 46.38 10.85
CA ASN C 250 -3.49 47.17 11.98
C ASN C 250 -2.86 46.79 13.32
N TYR C 251 -1.83 45.97 13.32
CA TYR C 251 -1.15 45.57 14.55
C TYR C 251 -2.05 44.87 15.58
N ALA C 252 -3.02 44.11 15.08
CA ALA C 252 -3.95 43.37 15.93
C ALA C 252 -3.65 41.88 15.83
N LEU C 253 -2.60 41.54 15.09
CA LEU C 253 -2.20 40.15 14.88
C LEU C 253 -1.37 39.62 16.03
N PRO C 254 -1.94 38.74 16.87
CA PRO C 254 -1.24 38.18 18.01
C PRO C 254 0.06 37.51 17.59
N THR C 255 1.18 38.02 18.10
CA THR C 255 2.47 37.46 17.74
C THR C 255 3.30 37.09 18.96
N ARG C 256 3.72 35.83 19.05
CA ARG C 256 4.54 35.36 20.17
C ARG C 256 3.92 35.61 21.54
N ASN C 257 2.76 35.01 21.79
CA ASN C 257 2.02 35.16 23.04
C ASN C 257 1.63 36.63 23.17
N PHE C 258 0.89 37.11 22.17
CA PHE C 258 0.41 38.50 22.13
C PHE C 258 1.43 39.56 22.51
N SER C 259 2.72 39.26 22.40
CA SER C 259 3.75 40.25 22.72
C SER C 259 3.74 41.44 21.75
N ASP C 260 3.29 41.21 20.51
CA ASP C 260 3.21 42.25 19.49
C ASP C 260 2.03 42.02 18.55
N GLY C 261 1.62 43.08 17.86
CA GLY C 261 0.52 42.98 16.92
C GLY C 261 1.02 42.89 15.50
N TYR C 262 2.34 42.74 15.32
CA TYR C 262 2.94 42.63 13.98
C TYR C 262 3.82 41.41 13.84
N PHE C 263 3.66 40.70 12.71
CA PHE C 263 4.44 39.50 12.41
C PHE C 263 5.10 39.67 11.05
N GLU C 264 6.43 39.59 11.04
CA GLU C 264 7.20 39.76 9.80
C GLU C 264 6.91 38.70 8.74
N PHE C 265 6.54 37.50 9.15
CA PHE C 265 6.26 36.42 8.22
C PHE C 265 4.79 36.16 7.98
N ALA C 266 3.97 37.18 8.21
CA ALA C 266 2.53 37.09 8.03
C ALA C 266 2.14 36.78 6.60
N ARG C 267 2.96 37.20 5.65
CA ARG C 267 2.66 36.94 4.24
C ARG C 267 2.66 35.44 3.98
N SER C 268 3.62 34.72 4.58
CA SER C 268 3.72 33.28 4.38
C SER C 268 2.64 32.46 5.10
N ILE C 269 1.64 33.13 5.69
CA ILE C 269 0.53 32.44 6.38
C ILE C 269 -0.81 33.17 6.20
N ASP C 270 -0.90 33.99 5.17
CA ASP C 270 -2.13 34.74 4.93
C ASP C 270 -3.11 34.09 3.95
N GLY C 271 -4.16 34.83 3.62
CA GLY C 271 -5.20 34.33 2.72
C GLY C 271 -4.76 34.09 1.29
N TYR C 272 -3.65 34.73 0.89
CA TYR C 272 -3.12 34.59 -0.46
C TYR C 272 -2.26 33.33 -0.56
N THR C 273 -1.57 33.01 0.53
CA THR C 273 -0.74 31.80 0.61
C THR C 273 -1.73 30.62 0.76
N MET C 274 -2.78 30.84 1.56
CA MET C 274 -3.83 29.84 1.74
C MET C 274 -4.40 29.54 0.34
N GLU C 275 -4.93 30.56 -0.30
CA GLU C 275 -5.52 30.45 -1.65
C GLU C 275 -4.72 29.57 -2.63
N GLY C 276 -3.40 29.67 -2.59
CA GLY C 276 -2.57 28.89 -3.49
C GLY C 276 -2.25 27.50 -2.97
N MET C 277 -2.82 27.16 -1.83
CA MET C 277 -2.64 25.85 -1.19
C MET C 277 -3.98 25.11 -1.10
N LYS C 278 -5.04 25.73 -1.59
CA LYS C 278 -6.36 25.13 -1.50
C LYS C 278 -6.58 23.98 -2.46
N VAL C 279 -7.22 22.94 -1.94
CA VAL C 279 -7.51 21.75 -2.72
C VAL C 279 -8.99 21.40 -2.63
N GLN C 280 -9.71 22.07 -1.73
CA GLN C 280 -11.13 21.81 -1.53
C GLN C 280 -11.84 22.81 -0.63
N GLN C 281 -13.13 23.00 -0.88
CA GLN C 281 -13.93 23.92 -0.08
C GLN C 281 -15.23 23.27 0.43
N ARG C 282 -15.41 23.26 1.74
CA ARG C 282 -16.64 22.72 2.30
C ARG C 282 -17.33 23.79 3.15
N GLY C 283 -18.57 23.52 3.55
CA GLY C 283 -19.29 24.46 4.36
C GLY C 283 -20.28 23.77 5.26
N CYS C 284 -21.08 24.54 5.99
CA CYS C 284 -22.07 23.96 6.88
C CYS C 284 -23.38 23.77 6.12
N PRO C 285 -24.34 23.08 6.75
CA PRO C 285 -25.61 22.85 6.06
C PRO C 285 -26.31 24.15 5.65
N TYR C 286 -27.01 24.08 4.54
CA TYR C 286 -27.76 25.19 4.00
C TYR C 286 -27.02 26.50 3.77
N CYS C 287 -25.71 26.40 3.57
CA CYS C 287 -24.91 27.58 3.31
C CYS C 287 -24.48 27.67 1.85
N ASN C 288 -24.74 28.81 1.25
CA ASN C 288 -24.38 29.00 -0.14
C ASN C 288 -23.15 29.90 -0.29
N MET C 289 -22.42 30.08 0.81
CA MET C 289 -21.19 30.87 0.80
C MET C 289 -20.18 30.19 1.71
N PRO C 290 -19.91 28.89 1.49
CA PRO C 290 -18.98 28.05 2.25
C PRO C 290 -17.64 28.69 2.50
N CYS C 291 -17.07 28.38 3.65
CA CYS C 291 -15.80 28.97 4.00
C CYS C 291 -14.86 27.98 4.67
N GLY C 292 -15.17 26.69 4.53
CA GLY C 292 -14.32 25.65 5.08
C GLY C 292 -13.29 25.39 4.00
N ASN C 293 -12.24 26.20 4.01
CA ASN C 293 -11.16 26.11 3.03
C ASN C 293 -10.11 25.09 3.43
N VAL C 294 -10.00 24.03 2.62
CA VAL C 294 -9.07 22.94 2.86
C VAL C 294 -7.80 23.05 2.03
N VAL C 295 -6.66 22.98 2.69
CA VAL C 295 -5.36 23.05 2.04
C VAL C 295 -4.65 21.75 2.37
N LEU C 296 -3.41 21.59 1.91
CA LEU C 296 -2.61 20.40 2.25
C LEU C 296 -1.47 20.92 3.12
N ASP C 297 -1.21 20.26 4.24
CA ASP C 297 -0.15 20.69 5.13
C ASP C 297 1.23 20.22 4.68
N ALA C 298 2.23 20.55 5.48
CA ALA C 298 3.60 20.18 5.16
C ALA C 298 3.79 18.67 5.11
N GLU C 299 2.74 17.92 5.41
CA GLU C 299 2.83 16.46 5.38
C GLU C 299 1.85 15.84 4.39
N GLY C 300 1.34 16.65 3.47
CA GLY C 300 0.43 16.16 2.44
C GLY C 300 -1.01 15.93 2.84
N GLN C 301 -1.32 16.15 4.12
CA GLN C 301 -2.67 15.95 4.65
C GLN C 301 -3.56 17.18 4.56
N GLU C 302 -4.86 16.93 4.53
CA GLU C 302 -5.85 17.99 4.44
C GLU C 302 -6.11 18.69 5.78
N SER C 303 -6.15 20.00 5.73
CA SER C 303 -6.37 20.80 6.91
C SER C 303 -7.38 21.86 6.55
N GLU C 304 -8.45 21.95 7.34
CA GLU C 304 -9.48 22.96 7.12
C GLU C 304 -9.04 24.21 7.88
N LEU C 305 -8.70 25.27 7.15
CA LEU C 305 -8.19 26.49 7.75
C LEU C 305 -9.18 27.60 8.06
N ASP C 306 -8.99 28.25 9.21
CA ASP C 306 -9.81 29.38 9.67
C ASP C 306 -8.85 30.39 10.25
N TYR C 307 -9.23 31.67 10.30
CA TYR C 307 -8.31 32.69 10.80
C TYR C 307 -7.78 32.49 12.19
N GLU C 308 -8.68 32.22 13.12
CA GLU C 308 -8.30 32.05 14.50
C GLU C 308 -7.33 30.87 14.67
N ASN C 309 -7.51 29.84 13.85
CA ASN C 309 -6.65 28.66 13.88
C ASN C 309 -5.20 29.02 13.56
N VAL C 310 -5.03 29.69 12.43
CA VAL C 310 -3.73 30.13 11.94
C VAL C 310 -3.05 31.23 12.81
N ALA C 311 -3.82 32.22 13.29
CA ALA C 311 -3.26 33.28 14.11
C ALA C 311 -2.74 32.74 15.43
N LEU C 312 -3.52 31.83 16.02
CA LEU C 312 -3.15 31.27 17.30
C LEU C 312 -2.07 30.19 17.21
N LEU C 313 -2.07 29.42 16.11
CA LEU C 313 -1.05 28.38 15.92
C LEU C 313 0.08 28.87 15.00
N GLY C 314 -0.10 30.05 14.41
CA GLY C 314 0.91 30.59 13.51
C GLY C 314 1.71 31.73 14.09
N SER C 315 1.30 32.96 13.79
CA SER C 315 2.00 34.15 14.28
C SER C 315 2.12 34.17 15.80
N ASN C 316 1.09 33.69 16.48
CA ASN C 316 1.14 33.67 17.94
C ASN C 316 2.27 32.77 18.42
N LEU C 317 2.59 31.75 17.61
CA LEU C 317 3.65 30.80 17.94
C LEU C 317 4.96 31.15 17.25
N GLY C 318 4.93 32.23 16.48
CA GLY C 318 6.12 32.68 15.76
C GLY C 318 6.52 31.75 14.61
N ILE C 319 5.55 31.02 14.08
CA ILE C 319 5.78 30.09 12.97
C ILE C 319 5.29 30.75 11.68
N GLY C 320 6.22 31.06 10.79
CA GLY C 320 5.87 31.74 9.54
C GLY C 320 5.55 30.94 8.28
N LYS C 321 5.31 29.63 8.40
CA LYS C 321 5.01 28.79 7.24
C LYS C 321 3.63 28.16 7.40
N LEU C 322 2.71 28.48 6.50
CA LEU C 322 1.34 27.96 6.60
C LEU C 322 1.17 26.46 6.52
N ASN C 323 2.01 25.77 5.76
CA ASN C 323 1.86 24.32 5.66
C ASN C 323 2.26 23.62 6.96
N GLU C 324 3.05 24.31 7.77
CA GLU C 324 3.47 23.79 9.05
C GLU C 324 2.41 24.14 10.11
N VAL C 325 1.80 25.30 9.96
CA VAL C 325 0.74 25.73 10.88
C VAL C 325 -0.42 24.76 10.59
N SER C 326 -0.56 24.40 9.31
CA SER C 326 -1.62 23.50 8.86
C SER C 326 -1.52 22.11 9.50
N VAL C 327 -0.29 21.69 9.82
CA VAL C 327 -0.09 20.39 10.45
C VAL C 327 -0.67 20.45 11.86
N LEU C 328 -0.32 21.50 12.60
CA LEU C 328 -0.80 21.72 13.96
C LEU C 328 -2.33 21.85 13.95
N ASN C 329 -2.84 22.54 12.95
CA ASN C 329 -4.28 22.73 12.81
C ASN C 329 -5.00 21.39 12.71
N ARG C 330 -4.52 20.53 11.81
CA ARG C 330 -5.12 19.22 11.62
C ARG C 330 -5.12 18.44 12.92
N ILE C 331 -4.00 18.43 13.62
CA ILE C 331 -3.90 17.72 14.89
C ILE C 331 -5.01 18.17 15.83
N ALA C 332 -5.06 19.47 16.11
CA ALA C 332 -6.08 20.03 16.99
C ALA C 332 -7.45 19.49 16.61
N ASP C 333 -7.66 19.35 15.31
CA ASP C 333 -8.93 18.87 14.79
C ASP C 333 -9.22 17.40 15.06
N GLU C 334 -8.25 16.52 14.82
CA GLU C 334 -8.50 15.10 15.05
C GLU C 334 -8.37 14.68 16.49
N MET C 335 -7.58 15.42 17.26
CA MET C 335 -7.42 15.12 18.67
C MET C 335 -8.62 15.73 19.39
N GLY C 336 -9.29 16.65 18.69
CA GLY C 336 -10.47 17.31 19.24
C GLY C 336 -10.22 18.38 20.29
N MET C 337 -9.34 19.34 20.00
CA MET C 337 -9.08 20.41 20.96
C MET C 337 -9.07 21.79 20.30
N ASP C 338 -9.49 22.78 21.08
CA ASP C 338 -9.58 24.18 20.65
C ASP C 338 -8.26 24.73 20.12
N THR C 339 -8.24 25.09 18.84
CA THR C 339 -7.03 25.65 18.24
C THR C 339 -6.60 26.91 18.98
N ILE C 340 -7.57 27.73 19.38
CA ILE C 340 -7.25 28.98 20.06
C ILE C 340 -6.60 28.80 21.42
N SER C 341 -7.27 28.09 22.32
CA SER C 341 -6.73 27.86 23.66
C SER C 341 -5.48 26.99 23.62
N LEU C 342 -5.38 26.14 22.59
CA LEU C 342 -4.23 25.27 22.47
C LEU C 342 -3.02 26.10 22.06
N GLY C 343 -3.24 27.02 21.14
CA GLY C 343 -2.16 27.86 20.68
C GLY C 343 -1.69 28.81 21.77
N VAL C 344 -2.64 29.30 22.56
CA VAL C 344 -2.28 30.23 23.62
C VAL C 344 -1.52 29.52 24.74
N SER C 345 -1.88 28.27 25.01
CA SER C 345 -1.18 27.53 26.05
C SER C 345 0.23 27.17 25.60
N ILE C 346 0.39 26.84 24.32
CA ILE C 346 1.72 26.52 23.78
C ILE C 346 2.54 27.81 23.75
N ALA C 347 1.95 28.88 23.20
CA ALA C 347 2.62 30.19 23.13
C ALA C 347 3.04 30.64 24.52
N HIS C 348 2.21 30.33 25.51
CA HIS C 348 2.49 30.68 26.90
C HIS C 348 3.73 29.91 27.36
N VAL C 349 3.79 28.64 27.00
CA VAL C 349 4.92 27.78 27.35
C VAL C 349 6.22 28.25 26.68
N MET C 350 6.14 28.71 25.43
CA MET C 350 7.32 29.17 24.69
C MET C 350 7.91 30.41 25.33
N GLU C 351 7.04 31.32 25.76
CA GLU C 351 7.50 32.54 26.41
C GLU C 351 8.15 32.15 27.73
N ALA C 352 7.43 31.40 28.54
CA ALA C 352 7.94 30.95 29.82
C ALA C 352 9.29 30.23 29.65
N VAL C 353 9.40 29.41 28.61
CA VAL C 353 10.65 28.68 28.34
C VAL C 353 11.73 29.70 28.06
N GLU C 354 11.44 30.64 27.17
CA GLU C 354 12.38 31.69 26.80
C GLU C 354 12.79 32.58 27.96
N ARG C 355 11.88 32.75 28.92
CA ARG C 355 12.15 33.58 30.09
C ARG C 355 13.01 32.88 31.15
N GLY C 356 13.25 31.59 30.96
CA GLY C 356 14.06 30.84 31.91
C GLY C 356 13.20 30.26 33.01
N ILE C 357 11.90 30.51 32.93
CA ILE C 357 10.95 30.02 33.92
C ILE C 357 10.83 28.50 33.78
N LEU C 358 10.50 28.03 32.58
CA LEU C 358 10.39 26.60 32.30
C LEU C 358 11.78 26.22 31.76
N LYS C 359 12.25 25.02 32.09
CA LYS C 359 13.58 24.59 31.66
C LYS C 359 13.59 23.77 30.38
N GLU C 360 12.52 23.01 30.15
CA GLU C 360 12.41 22.20 28.95
C GLU C 360 11.14 22.62 28.24
N GLY C 361 11.20 22.64 26.91
CA GLY C 361 10.02 23.02 26.15
C GLY C 361 10.42 23.73 24.88
N PRO C 362 9.47 23.98 23.98
CA PRO C 362 9.81 24.66 22.73
C PRO C 362 9.90 26.18 22.91
N THR C 363 10.40 26.85 21.88
CA THR C 363 10.51 28.29 21.87
C THR C 363 9.71 28.73 20.65
N PHE C 364 9.64 30.03 20.42
CA PHE C 364 8.88 30.54 19.30
C PHE C 364 9.56 30.14 18.00
N GLY C 365 8.77 29.86 16.97
CA GLY C 365 9.35 29.46 15.71
C GLY C 365 9.74 27.99 15.66
N ASP C 366 9.58 27.31 16.80
CA ASP C 366 9.90 25.89 16.91
C ASP C 366 8.73 24.99 16.51
N PHE C 367 8.55 24.80 15.21
CA PHE C 367 7.44 23.98 14.73
C PHE C 367 7.45 22.57 15.33
N LYS C 368 8.52 21.83 15.12
CA LYS C 368 8.64 20.47 15.63
C LYS C 368 8.34 20.35 17.11
N GLY C 369 9.00 21.17 17.92
CA GLY C 369 8.81 21.13 19.35
C GLY C 369 7.40 21.52 19.72
N ALA C 370 6.76 22.31 18.86
CA ALA C 370 5.40 22.76 19.08
C ALA C 370 4.42 21.67 18.71
N LYS C 371 4.81 20.88 17.71
CA LYS C 371 3.99 19.77 17.22
C LYS C 371 4.02 18.64 18.23
N GLN C 372 5.15 18.48 18.92
CA GLN C 372 5.30 17.42 19.91
C GLN C 372 4.51 17.75 21.17
N LEU C 373 4.43 19.04 21.50
CA LEU C 373 3.69 19.45 22.68
C LEU C 373 2.18 19.41 22.43
N ALA C 374 1.75 19.75 21.22
CA ALA C 374 0.32 19.73 20.89
C ALA C 374 -0.21 18.33 21.06
N LEU C 375 0.65 17.35 20.76
CA LEU C 375 0.27 15.94 20.86
C LEU C 375 0.38 15.45 22.28
N ASP C 376 1.39 15.94 22.98
CA ASP C 376 1.61 15.57 24.37
C ASP C 376 0.47 16.09 25.24
N ILE C 377 -0.15 17.19 24.80
CA ILE C 377 -1.29 17.78 25.51
C ILE C 377 -2.51 16.92 25.20
N ALA C 378 -2.68 16.59 23.92
CA ALA C 378 -3.79 15.74 23.49
C ALA C 378 -3.86 14.42 24.27
N TYR C 379 -2.70 13.82 24.53
CA TYR C 379 -2.63 12.55 25.26
C TYR C 379 -2.10 12.70 26.67
N ARG C 380 -2.04 13.94 27.15
CA ARG C 380 -1.57 14.23 28.49
C ARG C 380 -0.34 13.39 28.78
N LYS C 381 0.71 13.59 27.99
CA LYS C 381 1.96 12.84 28.13
C LYS C 381 3.05 13.67 28.78
N GLY C 382 3.53 13.20 29.91
CA GLY C 382 4.58 13.91 30.62
C GLY C 382 4.08 15.09 31.41
N GLU C 383 5.01 15.70 32.12
CA GLU C 383 4.71 16.85 32.96
C GLU C 383 4.28 18.06 32.16
N LEU C 384 5.10 18.47 31.19
CA LEU C 384 4.77 19.64 30.38
C LEU C 384 3.42 19.56 29.69
N GLY C 385 3.12 18.46 29.01
CA GLY C 385 1.85 18.33 28.31
C GLY C 385 0.61 18.38 29.20
N ASN C 386 0.70 17.81 30.39
CA ASN C 386 -0.42 17.78 31.32
C ASN C 386 -0.73 19.15 31.88
N LEU C 387 0.30 19.96 32.05
CA LEU C 387 0.13 21.30 32.58
C LEU C 387 -0.57 22.19 31.57
N ALA C 388 -0.02 22.20 30.35
CA ALA C 388 -0.56 23.01 29.27
C ALA C 388 -1.99 22.61 28.94
N ALA C 389 -2.32 21.36 29.25
CA ALA C 389 -3.64 20.82 28.97
C ALA C 389 -4.64 21.39 29.96
N GLU C 390 -4.14 22.19 30.89
CA GLU C 390 -5.01 22.77 31.89
C GLU C 390 -5.39 24.21 31.53
N GLY C 391 -4.73 24.77 30.52
CA GLY C 391 -5.01 26.14 30.12
C GLY C 391 -3.99 27.09 30.70
N VAL C 392 -4.01 28.35 30.28
CA VAL C 392 -3.06 29.33 30.78
C VAL C 392 -3.33 29.82 32.20
N LYS C 393 -4.60 30.00 32.55
CA LYS C 393 -4.95 30.47 33.90
C LYS C 393 -4.41 29.49 34.91
N ALA C 394 -4.78 28.22 34.74
CA ALA C 394 -4.34 27.17 35.64
C ALA C 394 -2.81 27.08 35.60
N MET C 395 -2.27 27.02 34.39
CA MET C 395 -0.84 26.93 34.20
C MET C 395 -0.11 28.10 34.86
N ALA C 396 -0.69 29.29 34.73
CA ALA C 396 -0.10 30.52 35.29
C ALA C 396 0.07 30.44 36.81
N GLU C 397 -0.97 29.98 37.48
CA GLU C 397 -0.96 29.83 38.91
C GLU C 397 0.17 28.89 39.34
N LYS C 398 0.33 27.81 38.57
CA LYS C 398 1.35 26.82 38.88
C LYS C 398 2.75 27.34 38.61
N LEU C 399 2.93 27.93 37.44
CA LEU C 399 4.23 28.44 37.05
C LEU C 399 4.50 29.84 37.59
N GLY C 400 3.46 30.48 38.13
CA GLY C 400 3.60 31.83 38.67
C GLY C 400 3.93 32.82 37.57
N THR C 401 3.11 32.82 36.52
CA THR C 401 3.34 33.70 35.37
C THR C 401 2.08 34.46 34.91
N HIS C 402 1.33 35.00 35.87
CA HIS C 402 0.12 35.77 35.56
C HIS C 402 0.42 36.87 34.53
N ASP C 403 1.67 37.34 34.55
CA ASP C 403 2.20 38.37 33.67
C ASP C 403 1.80 38.23 32.21
N PHE C 404 2.08 37.06 31.65
CA PHE C 404 1.76 36.83 30.25
C PHE C 404 0.75 35.71 30.03
N ALA C 405 -0.28 35.67 30.89
CA ALA C 405 -1.34 34.68 30.79
C ALA C 405 -2.53 35.38 30.14
N MET C 406 -2.65 35.21 28.82
CA MET C 406 -3.72 35.83 28.03
C MET C 406 -5.08 35.13 28.09
N HIS C 407 -5.88 35.52 29.06
CA HIS C 407 -7.20 34.95 29.24
C HIS C 407 -8.06 35.94 29.99
N VAL C 408 -9.35 35.64 30.03
CA VAL C 408 -10.33 36.43 30.75
C VAL C 408 -11.36 35.43 31.29
N LYS C 409 -11.45 35.37 32.61
CA LYS C 409 -12.37 34.45 33.28
C LYS C 409 -11.91 33.00 33.11
N GLY C 410 -10.73 32.80 32.56
CA GLY C 410 -10.25 31.43 32.39
C GLY C 410 -10.14 30.95 30.95
N LEU C 411 -10.80 31.67 30.04
CA LEU C 411 -10.78 31.32 28.62
C LEU C 411 -9.69 32.15 27.92
N GLU C 412 -8.84 31.48 27.13
CA GLU C 412 -7.75 32.13 26.41
C GLU C 412 -8.25 33.23 25.45
N VAL C 413 -7.48 34.30 25.30
CA VAL C 413 -7.86 35.39 24.38
C VAL C 413 -7.79 34.92 22.93
N SER C 414 -8.68 35.47 22.11
CA SER C 414 -8.78 35.16 20.68
C SER C 414 -7.67 35.79 19.82
N GLY C 415 -7.86 35.75 18.51
CA GLY C 415 -6.86 36.27 17.59
C GLY C 415 -6.81 37.76 17.28
N TYR C 416 -7.10 38.58 18.29
CA TYR C 416 -7.08 40.03 18.14
C TYR C 416 -6.32 40.67 19.29
N ASN C 417 -5.16 41.23 18.98
CA ASN C 417 -4.36 41.92 20.00
C ASN C 417 -4.95 43.32 20.19
N CYS C 418 -5.32 43.65 21.42
CA CYS C 418 -5.96 44.92 21.74
C CYS C 418 -5.18 45.94 22.58
N TYR C 419 -3.89 46.08 22.32
CA TYR C 419 -3.07 47.02 23.08
C TYR C 419 -3.60 48.44 22.94
N ILE C 420 -4.18 48.71 21.78
CA ILE C 420 -4.68 50.04 21.47
C ILE C 420 -6.17 50.03 21.07
N TYR C 421 -6.88 48.98 21.45
CA TYR C 421 -8.29 48.89 21.12
C TYR C 421 -9.18 48.71 22.35
N PRO C 422 -9.66 49.82 22.93
CA PRO C 422 -10.50 49.80 24.11
C PRO C 422 -11.77 48.95 23.94
N ALA C 423 -12.55 49.23 22.90
CA ALA C 423 -13.80 48.50 22.63
C ALA C 423 -13.59 46.99 22.49
N MET C 424 -12.72 46.56 21.60
CA MET C 424 -12.48 45.13 21.44
C MET C 424 -12.02 44.51 22.77
N ALA C 425 -11.19 45.24 23.49
CA ALA C 425 -10.68 44.78 24.76
C ALA C 425 -11.83 44.62 25.74
N LEU C 426 -12.77 45.58 25.70
CA LEU C 426 -13.96 45.55 26.56
C LEU C 426 -14.76 44.34 26.13
N ALA C 427 -14.78 44.13 24.81
CA ALA C 427 -15.47 43.00 24.22
C ALA C 427 -14.95 41.71 24.88
N TYR C 428 -13.64 41.53 24.87
CA TYR C 428 -13.03 40.36 25.48
C TYR C 428 -13.32 40.26 26.99
N GLY C 429 -13.21 41.38 27.70
CA GLY C 429 -13.44 41.38 29.12
C GLY C 429 -14.86 41.05 29.55
N THR C 430 -15.85 41.43 28.73
CA THR C 430 -17.24 41.19 29.07
C THR C 430 -17.91 39.96 28.42
N SER C 431 -17.20 39.25 27.55
CA SER C 431 -17.75 38.07 26.88
C SER C 431 -18.40 37.17 27.92
N ALA C 432 -19.64 36.75 27.68
CA ALA C 432 -20.41 35.92 28.62
C ALA C 432 -19.80 34.56 28.95
N ILE C 433 -19.00 33.99 28.04
CA ILE C 433 -18.37 32.70 28.27
C ILE C 433 -16.88 32.83 28.62
N GLY C 434 -16.36 34.05 28.53
CA GLY C 434 -14.95 34.28 28.82
C GLY C 434 -14.32 34.87 27.57
N ALA C 435 -13.02 35.15 27.59
CA ALA C 435 -12.33 35.74 26.45
C ALA C 435 -12.70 35.11 25.11
N HIS C 436 -13.37 35.88 24.26
CA HIS C 436 -13.76 35.40 22.95
C HIS C 436 -14.25 36.61 22.17
N HIS C 437 -14.11 36.57 20.85
CA HIS C 437 -14.53 37.66 19.97
C HIS C 437 -15.91 37.27 19.43
N LYS C 438 -16.36 36.09 19.80
CA LYS C 438 -17.64 35.57 19.35
C LYS C 438 -18.78 36.56 19.41
N GLU C 439 -19.12 36.97 20.64
CA GLU C 439 -20.23 37.89 20.92
C GLU C 439 -20.07 39.33 20.48
N ALA C 440 -18.85 39.79 20.30
CA ALA C 440 -18.63 41.18 19.91
C ALA C 440 -17.30 41.41 19.22
N TRP C 441 -17.29 41.30 17.89
CA TRP C 441 -16.09 41.52 17.08
C TRP C 441 -16.22 42.98 16.65
N VAL C 442 -15.87 43.87 17.59
CA VAL C 442 -16.00 45.31 17.39
C VAL C 442 -14.74 46.02 16.88
N ILE C 443 -13.62 45.33 16.84
CA ILE C 443 -12.38 45.93 16.37
C ILE C 443 -12.50 46.49 14.95
N ALA C 444 -13.30 45.84 14.11
CA ALA C 444 -13.47 46.30 12.73
C ALA C 444 -14.12 47.68 12.70
N TRP C 445 -15.13 47.87 13.53
CA TRP C 445 -15.86 49.12 13.61
C TRP C 445 -14.97 50.17 14.26
N GLU C 446 -14.30 49.73 15.30
CA GLU C 446 -13.39 50.56 16.07
C GLU C 446 -12.24 51.07 15.20
N ILE C 447 -11.95 50.33 14.14
CA ILE C 447 -10.86 50.69 13.23
C ILE C 447 -11.39 51.42 11.99
N GLY C 448 -12.53 50.98 11.45
CA GLY C 448 -13.07 51.65 10.28
C GLY C 448 -12.95 50.88 8.98
N THR C 449 -12.24 49.76 8.99
CA THR C 449 -12.07 48.92 7.80
C THR C 449 -12.39 47.49 8.19
N ALA C 450 -12.55 46.62 7.20
CA ALA C 450 -12.85 45.22 7.47
C ALA C 450 -12.02 44.33 6.55
N PRO C 451 -11.63 43.13 7.02
CA PRO C 451 -10.84 42.23 6.18
C PRO C 451 -11.48 41.99 4.80
N ILE C 452 -12.80 41.87 4.75
CA ILE C 452 -13.53 41.66 3.51
C ILE C 452 -13.19 42.70 2.43
N GLU C 453 -12.51 43.77 2.83
CA GLU C 453 -12.14 44.82 1.88
C GLU C 453 -10.78 44.61 1.18
N TYR C 462 -5.64 56.09 12.74
CA TYR C 462 -6.27 55.55 14.00
C TYR C 462 -5.71 56.13 15.31
N LYS C 463 -6.61 56.69 16.12
CA LYS C 463 -6.24 57.25 17.41
C LYS C 463 -7.12 56.63 18.50
N ILE C 464 -6.48 56.04 19.51
CA ILE C 464 -7.19 55.41 20.62
C ILE C 464 -8.28 56.34 21.16
N SER C 465 -9.23 55.77 21.90
CA SER C 465 -10.33 56.54 22.48
C SER C 465 -11.17 55.60 23.35
N TYR C 466 -11.60 56.10 24.50
CA TYR C 466 -12.42 55.31 25.40
C TYR C 466 -13.82 55.93 25.48
N ASP C 467 -14.25 56.49 24.35
CA ASP C 467 -15.55 57.13 24.23
C ASP C 467 -16.65 56.17 24.74
N PRO C 468 -17.54 56.69 25.60
CA PRO C 468 -18.64 55.92 26.19
C PRO C 468 -19.53 55.19 25.19
N ILE C 469 -19.55 55.69 23.96
CA ILE C 469 -20.37 55.07 22.93
C ILE C 469 -19.84 53.70 22.53
N LYS C 470 -18.59 53.42 22.87
CA LYS C 470 -17.99 52.13 22.54
C LYS C 470 -18.64 51.03 23.37
N ALA C 471 -18.93 51.33 24.63
CA ALA C 471 -19.57 50.36 25.51
C ALA C 471 -20.97 50.09 24.96
N GLN C 472 -21.59 51.11 24.38
CA GLN C 472 -22.91 50.94 23.81
C GLN C 472 -22.82 50.03 22.60
N LYS C 473 -21.74 50.17 21.83
CA LYS C 473 -21.54 49.37 20.61
C LYS C 473 -21.34 47.90 20.96
N VAL C 474 -20.45 47.68 21.92
CA VAL C 474 -20.16 46.34 22.37
C VAL C 474 -21.45 45.65 22.82
N VAL C 475 -22.36 46.40 23.42
CA VAL C 475 -23.63 45.83 23.89
C VAL C 475 -24.61 45.55 22.75
N GLU C 476 -24.68 46.44 21.77
CA GLU C 476 -25.58 46.24 20.65
C GLU C 476 -25.16 44.98 19.89
N LEU C 477 -23.85 44.85 19.67
CA LEU C 477 -23.28 43.71 18.96
C LEU C 477 -23.56 42.39 19.69
N GLN C 478 -23.33 42.38 20.99
CA GLN C 478 -23.57 41.20 21.81
C GLN C 478 -25.02 40.75 21.73
N ARG C 479 -25.92 41.68 21.47
CA ARG C 479 -27.32 41.33 21.39
C ARG C 479 -27.56 40.49 20.16
N LEU C 480 -26.84 40.86 19.10
CA LEU C 480 -26.93 40.20 17.82
C LEU C 480 -26.09 38.92 17.73
N ARG C 481 -24.80 39.04 17.97
CA ARG C 481 -23.90 37.90 17.87
C ARG C 481 -23.90 36.96 19.05
N GLY C 482 -24.00 37.50 20.26
CA GLY C 482 -24.03 36.68 21.46
C GLY C 482 -25.45 36.35 21.85
N GLY C 483 -26.40 36.95 21.15
CA GLY C 483 -27.80 36.71 21.45
C GLY C 483 -28.59 36.14 20.29
N LEU C 484 -29.11 37.00 19.43
CA LEU C 484 -29.91 36.50 18.31
C LEU C 484 -29.32 35.26 17.62
N PHE C 485 -28.16 35.43 17.01
CA PHE C 485 -27.56 34.33 16.26
C PHE C 485 -27.24 33.08 17.05
N GLU C 486 -27.04 33.21 18.36
CA GLU C 486 -26.76 32.02 19.17
C GLU C 486 -28.06 31.35 19.65
N MET C 487 -29.20 31.97 19.35
CA MET C 487 -30.50 31.43 19.79
C MET C 487 -31.34 30.96 18.61
N LEU C 488 -31.01 31.39 17.41
CA LEU C 488 -31.77 31.04 16.24
C LEU C 488 -31.78 29.54 15.89
N THR C 489 -30.62 28.90 15.72
CA THR C 489 -29.29 29.51 15.82
C THR C 489 -28.71 29.41 14.41
N ALA C 490 -28.41 30.56 13.80
CA ALA C 490 -27.88 30.59 12.44
C ALA C 490 -26.48 31.19 12.41
N CYS C 491 -25.90 31.34 11.21
CA CYS C 491 -24.55 31.89 11.07
C CYS C 491 -24.57 33.41 10.94
N ARG C 492 -23.65 34.06 11.64
CA ARG C 492 -23.56 35.51 11.62
C ARG C 492 -22.73 36.09 10.47
N LEU C 493 -21.84 35.30 9.91
CA LEU C 493 -20.99 35.73 8.80
C LEU C 493 -21.74 36.28 7.60
N PRO C 494 -22.84 35.65 7.17
CA PRO C 494 -23.53 36.21 6.02
C PRO C 494 -23.77 37.70 6.23
N TRP C 495 -24.21 38.05 7.42
CA TRP C 495 -24.46 39.44 7.77
C TRP C 495 -23.15 40.19 8.01
N VAL C 496 -22.30 39.64 8.87
CA VAL C 496 -21.01 40.23 9.23
C VAL C 496 -20.10 40.47 8.03
N GLU C 497 -19.85 39.41 7.25
CA GLU C 497 -18.95 39.46 6.09
C GLU C 497 -19.47 40.02 4.77
N VAL C 498 -20.58 39.48 4.27
CA VAL C 498 -21.09 39.97 2.99
C VAL C 498 -22.22 40.97 3.10
N GLY C 499 -22.61 41.28 4.33
CA GLY C 499 -23.65 42.27 4.57
C GLY C 499 -25.10 41.92 4.28
N LEU C 500 -25.54 40.73 4.66
CA LEU C 500 -26.93 40.36 4.44
C LEU C 500 -27.78 41.21 5.38
N SER C 501 -28.86 41.80 4.87
CA SER C 501 -29.71 42.62 5.70
C SER C 501 -30.17 41.79 6.90
N LEU C 502 -30.17 42.37 8.10
CA LEU C 502 -30.60 41.63 9.30
C LEU C 502 -32.11 41.53 9.34
N ASP C 503 -32.77 42.40 8.58
CA ASP C 503 -34.22 42.45 8.51
C ASP C 503 -34.84 41.14 8.07
N TYR C 504 -33.99 40.23 7.62
CA TYR C 504 -34.44 38.93 7.18
C TYR C 504 -34.80 38.03 8.36
N TYR C 505 -34.01 38.13 9.42
CA TYR C 505 -34.21 37.29 10.59
C TYR C 505 -35.53 37.40 11.36
N PRO C 506 -35.94 38.63 11.77
CA PRO C 506 -37.22 38.67 12.49
C PRO C 506 -38.35 38.14 11.60
N LYS C 507 -38.21 38.35 10.29
CA LYS C 507 -39.24 37.89 9.36
C LYS C 507 -39.24 36.38 9.19
N LEU C 508 -38.06 35.77 9.23
CA LEU C 508 -37.96 34.33 9.08
C LEU C 508 -38.51 33.72 10.36
N LEU C 509 -38.18 34.33 11.49
CA LEU C 509 -38.65 33.90 12.82
C LEU C 509 -40.18 33.88 12.89
N LYS C 510 -40.79 34.89 12.26
CA LYS C 510 -42.24 34.99 12.24
C LYS C 510 -42.82 34.00 11.22
N ALA C 511 -42.06 33.73 10.16
CA ALA C 511 -42.53 32.78 9.15
C ALA C 511 -42.55 31.34 9.68
N ILE C 512 -41.53 31.01 10.47
CA ILE C 512 -41.40 29.66 11.05
C ILE C 512 -42.30 29.40 12.26
N THR C 513 -42.20 30.26 13.28
CA THR C 513 -42.98 30.09 14.51
C THR C 513 -44.38 30.69 14.50
N GLY C 514 -44.59 31.75 13.73
CA GLY C 514 -45.91 32.36 13.71
C GLY C 514 -45.99 33.51 14.70
N VAL C 515 -44.90 33.71 15.45
CA VAL C 515 -44.78 34.75 16.47
C VAL C 515 -44.00 35.98 16.01
N THR C 516 -44.62 37.17 16.10
CA THR C 516 -43.95 38.41 15.71
C THR C 516 -42.95 38.85 16.78
N TYR C 517 -41.73 39.16 16.34
CA TYR C 517 -40.67 39.62 17.24
C TYR C 517 -40.16 40.95 16.71
N THR C 518 -40.28 42.00 17.50
CA THR C 518 -39.78 43.30 17.06
C THR C 518 -38.30 43.28 17.40
N TRP C 519 -37.55 44.30 17.01
CA TRP C 519 -36.12 44.29 17.31
C TRP C 519 -35.90 44.48 18.80
N ASP C 520 -36.82 45.16 19.48
CA ASP C 520 -36.70 45.40 20.91
C ASP C 520 -36.96 44.09 21.63
N ASP C 521 -37.91 43.32 21.10
CA ASP C 521 -38.25 42.04 21.67
C ASP C 521 -36.96 41.23 21.71
N LEU C 522 -36.24 41.30 20.60
CA LEU C 522 -34.98 40.58 20.47
C LEU C 522 -33.86 41.09 21.39
N TYR C 523 -33.69 42.40 21.47
CA TYR C 523 -32.64 42.93 22.35
C TYR C 523 -32.97 42.54 23.79
N LYS C 524 -34.25 42.57 24.14
CA LYS C 524 -34.68 42.19 25.49
C LYS C 524 -34.39 40.71 25.70
N ALA C 525 -34.89 39.88 24.79
CA ALA C 525 -34.65 38.43 24.85
C ALA C 525 -33.14 38.20 24.95
N ALA C 526 -32.36 38.95 24.19
CA ALA C 526 -30.90 38.82 24.22
C ALA C 526 -30.34 39.25 25.57
N ASP C 527 -30.80 40.40 26.06
CA ASP C 527 -30.34 40.94 27.35
C ASP C 527 -30.76 40.02 28.49
N ARG C 528 -31.89 39.35 28.33
CA ARG C 528 -32.37 38.42 29.33
C ARG C 528 -31.34 37.32 29.50
N VAL C 529 -30.91 36.76 28.37
CA VAL C 529 -29.93 35.69 28.36
C VAL C 529 -28.59 36.13 28.92
N TYR C 530 -28.17 37.34 28.61
CA TYR C 530 -26.89 37.82 29.13
C TYR C 530 -26.89 37.92 30.65
N SER C 531 -27.96 38.47 31.22
CA SER C 531 -28.06 38.62 32.66
C SER C 531 -28.23 37.26 33.37
N LEU C 532 -29.04 36.39 32.78
CA LEU C 532 -29.24 35.07 33.36
C LEU C 532 -27.89 34.32 33.40
N ILE C 533 -27.09 34.49 32.35
CA ILE C 533 -25.78 33.85 32.25
C ILE C 533 -24.85 34.47 33.26
N ARG C 534 -24.92 35.80 33.39
CA ARG C 534 -24.06 36.50 34.34
C ARG C 534 -24.44 36.03 35.74
N ALA C 535 -25.74 35.83 35.96
CA ALA C 535 -26.23 35.33 37.24
C ALA C 535 -25.71 33.91 37.52
N TYR C 536 -25.75 33.05 36.50
CA TYR C 536 -25.26 31.69 36.66
C TYR C 536 -23.82 31.73 37.13
N TRP C 537 -23.01 32.57 36.49
CA TRP C 537 -21.61 32.70 36.85
C TRP C 537 -21.49 33.07 38.33
N VAL C 538 -22.10 34.19 38.73
CA VAL C 538 -22.06 34.66 40.11
C VAL C 538 -22.48 33.59 41.13
N ARG C 539 -23.62 32.97 40.90
CA ARG C 539 -24.11 31.93 41.79
C ARG C 539 -23.07 30.79 41.94
N GLU C 540 -22.57 30.30 40.81
CA GLU C 540 -21.58 29.21 40.79
C GLU C 540 -20.29 29.55 41.51
N PHE C 541 -19.90 30.83 41.44
CA PHE C 541 -18.67 31.30 42.08
C PHE C 541 -18.97 31.59 43.53
N ASN C 542 -20.23 31.36 43.92
CA ASN C 542 -20.71 31.58 45.29
C ASN C 542 -20.62 33.02 45.79
N GLY C 543 -20.85 33.98 44.91
CA GLY C 543 -20.80 35.36 45.34
C GLY C 543 -19.46 36.03 45.17
N LYS C 544 -18.39 35.25 45.10
CA LYS C 544 -17.04 35.79 44.92
C LYS C 544 -16.99 36.38 43.51
N TRP C 545 -17.30 37.68 43.40
CA TRP C 545 -17.35 38.35 42.11
C TRP C 545 -17.23 39.87 42.19
N ASP C 546 -16.66 40.46 41.14
CA ASP C 546 -16.50 41.91 41.05
C ASP C 546 -16.09 42.31 39.63
N ARG C 547 -15.87 43.60 39.42
CA ARG C 547 -15.51 44.12 38.12
C ARG C 547 -14.22 43.57 37.49
N LYS C 548 -13.20 43.30 38.27
CA LYS C 548 -11.94 42.76 37.74
C LYS C 548 -12.20 41.52 36.89
N MET C 549 -13.28 40.81 37.19
CA MET C 549 -13.65 39.62 36.44
C MET C 549 -13.77 40.01 34.98
N ASP C 550 -14.32 41.19 34.75
CA ASP C 550 -14.53 41.71 33.42
C ASP C 550 -13.34 42.51 32.87
N TYR C 551 -12.16 42.26 33.43
CA TYR C 551 -10.98 42.97 32.98
C TYR C 551 -10.20 42.17 31.94
N PRO C 552 -9.56 42.87 30.99
CA PRO C 552 -8.77 42.24 29.92
C PRO C 552 -7.42 41.83 30.48
N PRO C 553 -6.68 40.99 29.74
CA PRO C 553 -5.37 40.59 30.27
C PRO C 553 -4.57 41.80 30.72
N LYS C 554 -3.88 41.64 31.83
CA LYS C 554 -3.09 42.72 32.39
C LYS C 554 -1.92 43.14 31.50
N ARG C 555 -1.54 42.29 30.55
CA ARG C 555 -0.43 42.59 29.63
C ARG C 555 -0.72 43.78 28.72
N TRP C 556 -1.99 44.01 28.42
CA TRP C 556 -2.38 45.12 27.56
C TRP C 556 -2.29 46.45 28.30
N PHE C 557 -1.90 46.39 29.57
CA PHE C 557 -1.77 47.57 30.43
C PHE C 557 -0.31 47.85 30.79
N THR C 558 0.43 46.81 31.17
CA THR C 558 1.83 46.96 31.54
C THR C 558 2.82 47.11 30.39
N GLU C 559 2.46 46.65 29.19
CA GLU C 559 3.35 46.80 28.04
C GLU C 559 2.54 47.26 26.83
N GLY C 560 3.22 47.56 25.74
CA GLY C 560 2.52 48.02 24.55
C GLY C 560 3.06 47.41 23.28
N LEU C 561 2.51 47.81 22.14
CA LEU C 561 2.98 47.27 20.87
C LEU C 561 4.50 47.45 20.88
N LYS C 562 5.21 46.50 20.26
CA LYS C 562 6.67 46.54 20.23
C LYS C 562 7.22 47.08 18.92
N SER C 563 6.34 47.39 17.97
CA SER C 563 6.76 47.91 16.68
C SER C 563 5.63 48.67 15.96
N GLY C 564 6.01 49.47 14.97
CA GLY C 564 5.02 50.23 14.22
C GLY C 564 4.82 51.63 14.76
N PRO C 565 4.00 52.45 14.09
CA PRO C 565 3.73 53.82 14.51
C PRO C 565 3.12 53.91 15.91
N HIS C 566 2.57 52.79 16.40
CA HIS C 566 1.96 52.78 17.72
C HIS C 566 2.83 52.10 18.77
N LYS C 567 4.10 51.91 18.44
CA LYS C 567 5.06 51.27 19.35
C LYS C 567 4.97 51.91 20.74
N GLY C 568 4.98 51.10 21.79
CA GLY C 568 4.91 51.62 23.15
C GLY C 568 3.49 51.82 23.70
N GLU C 569 2.56 52.16 22.82
CA GLU C 569 1.16 52.38 23.20
C GLU C 569 0.46 51.13 23.75
N HIS C 570 -0.47 51.35 24.67
CA HIS C 570 -1.23 50.29 25.30
C HIS C 570 -2.53 50.85 25.86
N LEU C 571 -3.19 50.08 26.72
CA LEU C 571 -4.45 50.51 27.33
C LEU C 571 -4.22 51.18 28.68
N ASP C 572 -5.13 52.08 29.04
CA ASP C 572 -5.06 52.81 30.31
C ASP C 572 -6.12 52.28 31.29
N GLU C 573 -5.68 51.87 32.47
CA GLU C 573 -6.57 51.32 33.50
C GLU C 573 -7.76 52.19 33.88
N LYS C 574 -7.48 53.41 34.30
CA LYS C 574 -8.50 54.37 34.72
C LYS C 574 -9.57 54.59 33.68
N LYS C 575 -9.17 54.81 32.44
CA LYS C 575 -10.12 55.06 31.37
C LYS C 575 -10.87 53.81 30.95
N TYR C 576 -10.24 52.63 31.11
CA TYR C 576 -10.92 51.38 30.76
C TYR C 576 -11.95 51.11 31.84
N ASP C 577 -11.58 51.41 33.08
CA ASP C 577 -12.47 51.19 34.21
C ASP C 577 -13.77 51.95 34.05
N GLU C 578 -13.69 53.15 33.46
CA GLU C 578 -14.89 53.95 33.25
C GLU C 578 -15.72 53.39 32.12
N LEU C 579 -15.05 52.91 31.07
CA LEU C 579 -15.72 52.33 29.91
C LEU C 579 -16.61 51.22 30.41
N LEU C 580 -16.04 50.40 31.28
CA LEU C 580 -16.74 49.27 31.85
C LEU C 580 -17.97 49.74 32.65
N SER C 581 -17.77 50.66 33.60
CA SER C 581 -18.88 51.16 34.41
C SER C 581 -20.01 51.57 33.47
N GLU C 582 -19.66 52.29 32.41
CA GLU C 582 -20.67 52.71 31.45
C GLU C 582 -21.39 51.47 30.92
N TYR C 583 -20.61 50.44 30.60
CA TYR C 583 -21.17 49.17 30.11
C TYR C 583 -22.18 48.63 31.12
N TYR C 584 -21.75 48.57 32.38
CA TYR C 584 -22.61 48.09 33.47
C TYR C 584 -23.86 48.96 33.57
N ARG C 585 -23.69 50.26 33.34
CA ARG C 585 -24.82 51.20 33.40
C ARG C 585 -25.85 50.88 32.33
N ILE C 586 -25.38 50.58 31.12
CA ILE C 586 -26.26 50.25 30.02
C ILE C 586 -26.97 48.92 30.32
N ARG C 587 -26.20 47.93 30.75
CA ARG C 587 -26.77 46.61 31.04
C ARG C 587 -27.68 46.61 32.26
N GLY C 588 -27.43 47.52 33.19
CA GLY C 588 -28.25 47.56 34.40
C GLY C 588 -27.67 46.70 35.50
N TRP C 589 -26.34 46.66 35.55
CA TRP C 589 -25.61 45.87 36.54
C TRP C 589 -24.85 46.79 37.49
N ASP C 590 -24.60 46.34 38.72
CA ASP C 590 -23.89 47.16 39.69
C ASP C 590 -22.41 47.25 39.32
N GLU C 591 -21.60 47.87 40.17
CA GLU C 591 -20.18 48.06 39.89
C GLU C 591 -19.34 46.85 40.17
N ARG C 592 -20.02 45.71 40.29
CA ARG C 592 -19.39 44.42 40.54
C ARG C 592 -19.66 43.54 39.30
N GLY C 593 -20.49 44.05 38.40
CA GLY C 593 -20.82 43.32 37.20
C GLY C 593 -21.98 42.38 37.45
N ILE C 594 -22.62 42.55 38.61
CA ILE C 594 -23.74 41.71 38.99
C ILE C 594 -25.03 42.39 38.59
N PRO C 595 -26.01 41.63 38.07
CA PRO C 595 -27.26 42.31 37.70
C PRO C 595 -28.05 42.80 38.92
N LYS C 596 -28.80 43.87 38.73
CA LYS C 596 -29.60 44.44 39.81
C LYS C 596 -30.99 43.81 39.85
N LYS C 597 -31.61 43.78 41.03
CA LYS C 597 -32.95 43.19 41.19
C LYS C 597 -33.92 43.84 40.23
N GLU C 598 -33.79 45.16 40.04
CA GLU C 598 -34.66 45.86 39.14
C GLU C 598 -34.48 45.35 37.71
N THR C 599 -33.22 45.23 37.28
CA THR C 599 -32.92 44.73 35.93
C THR C 599 -33.48 43.31 35.74
N LEU C 600 -33.15 42.41 36.68
CA LEU C 600 -33.63 41.03 36.60
C LEU C 600 -35.14 40.99 36.55
N LYS C 601 -35.80 41.90 37.26
CA LYS C 601 -37.26 41.94 37.29
C LYS C 601 -37.74 42.35 35.90
N GLU C 602 -37.06 43.34 35.34
CA GLU C 602 -37.37 43.88 34.02
C GLU C 602 -37.35 42.79 32.96
N LEU C 603 -36.30 41.96 33.00
CA LEU C 603 -36.12 40.90 32.03
C LEU C 603 -36.88 39.60 32.34
N ASP C 604 -37.77 39.63 33.32
CA ASP C 604 -38.53 38.43 33.70
C ASP C 604 -37.63 37.39 34.34
N LEU C 605 -36.58 37.84 35.03
CA LEU C 605 -35.67 36.90 35.66
C LEU C 605 -35.76 36.94 37.18
N ASP C 606 -36.96 37.22 37.67
CA ASP C 606 -37.22 37.30 39.12
C ASP C 606 -36.72 36.11 39.92
N PHE C 607 -37.06 34.91 39.43
CA PHE C 607 -36.67 33.66 40.07
C PHE C 607 -35.17 33.57 40.32
N VAL C 608 -34.42 34.53 39.75
CA VAL C 608 -32.97 34.54 39.93
C VAL C 608 -32.57 35.26 41.20
N ILE C 609 -33.39 36.21 41.63
CA ILE C 609 -33.08 37.00 42.82
C ILE C 609 -32.88 36.19 44.10
N PRO C 610 -33.88 35.38 44.51
CA PRO C 610 -33.69 34.60 45.73
C PRO C 610 -32.39 33.79 45.76
N GLU C 611 -32.00 33.26 44.61
CA GLU C 611 -30.78 32.46 44.52
C GLU C 611 -29.50 33.25 44.71
N LEU C 612 -29.43 34.43 44.10
CA LEU C 612 -28.23 35.27 44.22
C LEU C 612 -28.10 35.88 45.62
N GLU C 613 -29.22 36.33 46.16
CA GLU C 613 -29.24 36.92 47.50
C GLU C 613 -28.58 35.98 48.53
N LYS C 614 -28.66 34.67 48.31
CA LYS C 614 -28.04 33.72 49.22
C LYS C 614 -26.52 33.75 49.18
N VAL C 615 -25.92 34.30 48.12
CA VAL C 615 -24.45 34.34 47.98
C VAL C 615 -23.81 35.72 48.17
N THR C 616 -24.55 36.80 47.85
CA THR C 616 -24.07 38.19 48.03
C THR C 616 -25.25 39.14 48.13
N ASN C 617 -24.93 40.43 48.21
CA ASN C 617 -25.96 41.47 48.30
C ASN C 617 -26.29 41.95 46.90
N LEU C 618 -27.58 42.13 46.63
CA LEU C 618 -28.01 42.59 45.33
C LEU C 618 -28.39 44.06 45.42
N GLU C 619 -28.42 44.75 44.27
CA GLU C 619 -28.78 46.16 44.22
C GLU C 619 -29.91 46.37 43.25
N MET D 1 49.85 21.41 -19.18
CA MET D 1 48.54 22.14 -19.17
C MET D 1 47.86 21.88 -17.85
N TYR D 2 47.46 22.95 -17.17
CA TYR D 2 46.77 22.83 -15.89
C TYR D 2 45.33 23.17 -16.15
N GLY D 3 44.45 22.77 -15.24
CA GLY D 3 43.04 23.06 -15.40
C GLY D 3 42.41 22.14 -16.43
N TRP D 4 42.57 22.50 -17.71
CA TRP D 4 42.01 21.68 -18.76
C TRP D 4 42.70 20.31 -18.82
N TRP D 5 42.01 19.34 -19.41
CA TRP D 5 42.55 18.00 -19.58
C TRP D 5 43.02 17.99 -21.01
N GLY D 6 42.35 18.79 -21.84
CA GLY D 6 42.68 18.83 -23.25
C GLY D 6 42.19 17.51 -23.82
N ARG D 7 41.21 16.92 -23.15
CA ARG D 7 40.65 15.64 -23.57
C ARG D 7 39.13 15.64 -23.68
N ILE D 8 38.63 15.12 -24.80
CA ILE D 8 37.20 15.02 -25.08
C ILE D 8 36.85 13.55 -25.36
N LEU D 9 35.97 12.99 -24.54
CA LEU D 9 35.55 11.61 -24.72
C LEU D 9 34.54 11.55 -25.85
N ARG D 10 34.75 10.62 -26.77
CA ARG D 10 33.85 10.48 -27.91
C ARG D 10 33.10 9.14 -27.92
N VAL D 11 31.80 9.21 -28.20
CA VAL D 11 30.99 8.02 -28.26
C VAL D 11 30.10 7.96 -29.50
N ASN D 12 30.34 6.93 -30.31
CA ASN D 12 29.57 6.71 -31.53
C ASN D 12 28.57 5.63 -31.20
N LEU D 13 27.31 5.98 -31.18
CA LEU D 13 26.29 5.02 -30.84
C LEU D 13 25.95 4.12 -32.01
N THR D 14 26.36 4.52 -33.21
CA THR D 14 26.09 3.68 -34.36
C THR D 14 27.10 2.55 -34.46
N THR D 15 28.36 2.87 -34.22
CA THR D 15 29.42 1.87 -34.31
C THR D 15 29.84 1.25 -32.98
N GLY D 16 29.44 1.88 -31.88
CA GLY D 16 29.80 1.36 -30.57
C GLY D 16 31.20 1.77 -30.21
N GLU D 17 31.82 2.53 -31.11
CA GLU D 17 33.19 3.01 -30.90
C GLU D 17 33.30 4.15 -29.89
N VAL D 18 34.18 3.95 -28.91
CA VAL D 18 34.43 4.93 -27.86
C VAL D 18 35.93 5.23 -27.84
N LYS D 19 36.30 6.50 -27.94
CA LYS D 19 37.71 6.86 -27.91
C LYS D 19 37.88 8.20 -27.24
N VAL D 20 39.13 8.66 -27.15
CA VAL D 20 39.41 9.95 -26.54
C VAL D 20 40.17 10.87 -27.47
N GLN D 21 39.50 11.95 -27.87
CA GLN D 21 40.09 12.95 -28.77
C GLN D 21 40.88 13.99 -27.99
N GLU D 22 42.10 14.27 -28.45
CA GLU D 22 42.91 15.30 -27.82
C GLU D 22 42.75 16.55 -28.66
N TYR D 23 42.32 17.64 -28.04
CA TYR D 23 42.18 18.85 -28.81
C TYR D 23 43.33 19.77 -28.43
N PRO D 24 43.68 20.70 -29.32
CA PRO D 24 44.80 21.62 -29.06
C PRO D 24 44.71 22.43 -27.77
N GLU D 25 45.86 22.61 -27.13
CA GLU D 25 45.95 23.38 -25.89
C GLU D 25 45.55 24.83 -26.04
N GLU D 26 45.72 25.40 -27.22
CA GLU D 26 45.35 26.80 -27.44
C GLU D 26 43.90 26.92 -27.87
N VAL D 27 43.25 25.79 -28.15
CA VAL D 27 41.84 25.84 -28.52
C VAL D 27 41.12 25.96 -27.18
N ALA D 28 41.80 25.51 -26.13
CA ALA D 28 41.25 25.56 -24.78
C ALA D 28 41.39 26.98 -24.23
N LYS D 29 42.48 27.65 -24.55
CA LYS D 29 42.68 29.02 -24.10
C LYS D 29 41.77 29.97 -24.86
N LYS D 30 41.54 29.65 -26.12
CA LYS D 30 40.73 30.45 -27.01
C LYS D 30 39.25 30.41 -26.75
N PHE D 31 38.75 29.21 -26.44
CA PHE D 31 37.32 29.02 -26.20
C PHE D 31 36.95 28.72 -24.75
N ILE D 32 37.98 28.52 -23.92
CA ILE D 32 37.84 28.26 -22.49
C ILE D 32 37.12 26.98 -22.09
N GLY D 33 35.91 26.77 -22.61
CA GLY D 33 35.21 25.56 -22.24
C GLY D 33 33.71 25.71 -22.39
N GLY D 34 32.96 24.75 -21.87
CA GLY D 34 31.51 24.83 -21.97
C GLY D 34 31.04 25.25 -23.34
N ARG D 35 30.15 26.24 -23.39
CA ARG D 35 29.61 26.73 -24.65
C ARG D 35 30.70 27.17 -25.63
N GLY D 36 31.85 27.59 -25.11
CA GLY D 36 32.94 28.00 -25.97
C GLY D 36 33.34 26.81 -26.81
N LEU D 37 33.64 25.71 -26.12
CA LEU D 37 34.05 24.45 -26.74
C LEU D 37 32.94 23.83 -27.61
N ALA D 38 31.70 23.91 -27.12
CA ALA D 38 30.56 23.36 -27.83
C ALA D 38 30.40 24.01 -29.19
N ALA D 39 30.58 25.33 -29.22
CA ALA D 39 30.44 26.11 -30.45
C ALA D 39 31.49 25.70 -31.48
N TRP D 40 32.72 25.53 -31.02
CA TRP D 40 33.84 25.12 -31.86
C TRP D 40 33.61 23.71 -32.42
N ILE D 41 33.23 22.76 -31.57
CA ILE D 41 32.97 21.40 -32.03
C ILE D 41 31.85 21.41 -33.05
N LEU D 42 30.74 22.05 -32.71
CA LEU D 42 29.59 22.10 -33.60
C LEU D 42 29.88 22.70 -34.96
N TRP D 43 30.69 23.75 -34.99
CA TRP D 43 31.01 24.42 -36.24
C TRP D 43 31.72 23.48 -37.19
N ASN D 44 32.62 22.65 -36.66
CA ASN D 44 33.38 21.70 -37.46
C ASN D 44 32.67 20.38 -37.77
N GLU D 45 32.02 19.78 -36.77
CA GLU D 45 31.36 18.48 -36.93
C GLU D 45 29.85 18.44 -37.15
N ALA D 46 29.22 19.60 -37.33
CA ALA D 46 27.77 19.63 -37.55
C ALA D 46 27.42 20.53 -38.74
N ARG D 47 28.18 20.37 -39.81
CA ARG D 47 28.00 21.11 -41.05
C ARG D 47 26.78 20.62 -41.82
N GLY D 48 25.72 21.42 -41.85
CA GLY D 48 24.52 21.06 -42.59
C GLY D 48 23.80 19.76 -42.28
N VAL D 49 23.88 19.30 -41.03
CA VAL D 49 23.22 18.06 -40.65
C VAL D 49 21.76 18.27 -40.18
N GLU D 50 20.98 17.18 -40.14
CA GLU D 50 19.60 17.24 -39.68
C GLU D 50 19.62 17.09 -38.16
N PRO D 51 19.03 18.06 -37.44
CA PRO D 51 19.00 18.05 -35.98
C PRO D 51 18.66 16.71 -35.34
N LEU D 52 17.78 15.95 -35.97
CA LEU D 52 17.37 14.65 -35.42
C LEU D 52 17.99 13.46 -36.15
N SER D 53 18.98 13.73 -36.99
CA SER D 53 19.69 12.68 -37.73
C SER D 53 20.84 12.20 -36.86
N PRO D 54 21.41 11.04 -37.18
CA PRO D 54 22.52 10.46 -36.41
C PRO D 54 23.81 11.25 -36.48
N GLU D 55 23.89 12.16 -37.45
CA GLU D 55 25.10 12.95 -37.65
C GLU D 55 25.18 14.18 -36.75
N ASN D 56 24.06 14.55 -36.14
CA ASN D 56 24.05 15.70 -35.23
C ASN D 56 24.87 15.29 -34.01
N LYS D 57 25.54 16.23 -33.37
CA LYS D 57 26.36 15.91 -32.20
C LYS D 57 25.79 16.40 -30.85
N LEU D 58 25.66 15.49 -29.88
CA LEU D 58 25.16 15.86 -28.56
C LEU D 58 26.35 16.12 -27.66
N ILE D 59 26.57 17.39 -27.34
CA ILE D 59 27.69 17.81 -26.52
C ILE D 59 27.35 18.07 -25.06
N PHE D 60 28.22 17.59 -24.18
CA PHE D 60 28.08 17.79 -22.75
C PHE D 60 29.40 18.47 -22.40
N ALA D 61 29.41 19.80 -22.42
CA ALA D 61 30.64 20.55 -22.18
C ALA D 61 30.83 21.22 -20.84
N ALA D 62 31.99 20.96 -20.25
CA ALA D 62 32.38 21.51 -18.99
C ALA D 62 33.47 22.55 -19.26
N GLY D 63 33.97 23.16 -18.19
CA GLY D 63 35.03 24.14 -18.31
C GLY D 63 36.00 23.87 -17.19
N PRO D 64 37.13 24.58 -17.15
CA PRO D 64 38.15 24.38 -16.10
C PRO D 64 37.66 24.52 -14.65
N PHE D 65 36.53 25.18 -14.45
CA PHE D 65 35.97 25.38 -13.11
C PHE D 65 35.40 24.10 -12.56
N ASN D 66 34.82 23.29 -13.44
CA ASN D 66 34.16 22.04 -13.09
C ASN D 66 35.06 20.90 -12.62
N GLY D 67 34.54 20.13 -11.66
CA GLY D 67 35.29 19.02 -11.10
C GLY D 67 36.08 19.50 -9.91
N LEU D 68 36.30 20.80 -9.87
CA LEU D 68 37.03 21.45 -8.79
C LEU D 68 36.09 22.21 -7.86
N PRO D 69 36.44 22.32 -6.57
CA PRO D 69 35.64 23.02 -5.55
C PRO D 69 35.69 24.54 -5.74
N THR D 70 34.83 25.04 -6.60
CA THR D 70 34.76 26.46 -6.89
C THR D 70 33.35 26.97 -6.62
N PRO D 71 33.22 28.27 -6.27
CA PRO D 71 31.95 28.94 -5.97
C PRO D 71 30.84 28.66 -6.99
N SER D 72 29.85 27.87 -6.56
CA SER D 72 28.71 27.51 -7.38
C SER D 72 29.19 27.10 -8.76
N GLY D 73 30.26 26.32 -8.79
CA GLY D 73 30.82 25.87 -10.07
C GLY D 73 30.54 24.42 -10.45
N GLY D 74 29.26 24.03 -10.37
CA GLY D 74 28.87 22.68 -10.72
C GLY D 74 27.90 22.71 -11.88
N LYS D 75 28.12 23.62 -12.82
CA LYS D 75 27.26 23.74 -13.99
C LYS D 75 27.82 22.98 -15.20
N LEU D 76 26.99 22.76 -16.21
CA LEU D 76 27.41 22.04 -17.39
C LEU D 76 26.57 22.48 -18.58
N VAL D 77 27.21 22.69 -19.72
CA VAL D 77 26.48 23.09 -20.91
C VAL D 77 26.15 21.85 -21.73
N VAL D 78 24.96 21.85 -22.32
CA VAL D 78 24.52 20.74 -23.16
C VAL D 78 24.19 21.40 -24.50
N ALA D 79 24.74 20.86 -25.59
CA ALA D 79 24.51 21.47 -26.88
C ALA D 79 24.40 20.53 -28.08
N ALA D 80 23.89 21.07 -29.18
CA ALA D 80 23.69 20.34 -30.41
C ALA D 80 22.95 21.30 -31.33
N LYS D 81 22.86 20.97 -32.62
CA LYS D 81 22.13 21.82 -33.55
C LYS D 81 20.68 21.65 -33.09
N SER D 82 20.02 22.77 -32.81
CA SER D 82 18.66 22.72 -32.31
C SER D 82 17.61 22.21 -33.30
N PRO D 83 16.77 21.25 -32.87
CA PRO D 83 15.70 20.66 -33.70
C PRO D 83 14.49 21.58 -33.72
N LEU D 84 14.52 22.60 -32.86
CA LEU D 84 13.42 23.56 -32.75
C LEU D 84 13.69 24.84 -33.54
N THR D 85 14.92 25.31 -33.53
CA THR D 85 15.27 26.54 -34.21
C THR D 85 16.05 26.29 -35.49
N GLY D 86 16.73 25.15 -35.54
CA GLY D 86 17.54 24.81 -36.70
C GLY D 86 18.88 25.51 -36.65
N GLY D 87 19.25 26.04 -35.49
CA GLY D 87 20.53 26.73 -35.35
C GLY D 87 21.36 26.17 -34.23
N TYR D 88 22.30 26.96 -33.73
CA TYR D 88 23.13 26.50 -32.62
C TYR D 88 22.24 26.56 -31.39
N GLY D 89 22.07 25.43 -30.73
CA GLY D 89 21.26 25.45 -29.53
C GLY D 89 22.10 24.93 -28.38
N ASP D 90 21.81 25.42 -27.19
CA ASP D 90 22.50 24.93 -26.02
C ASP D 90 21.71 25.29 -24.75
N GLY D 91 22.13 24.72 -23.63
CA GLY D 91 21.47 24.97 -22.36
C GLY D 91 22.44 24.69 -21.24
N ASN D 92 22.06 25.08 -20.02
CA ASN D 92 22.93 24.90 -18.86
C ASN D 92 22.15 24.23 -17.73
N LEU D 93 22.88 23.52 -16.86
CA LEU D 93 22.28 22.82 -15.72
C LEU D 93 23.29 22.44 -14.63
N GLY D 94 22.83 22.44 -13.38
CA GLY D 94 23.66 22.06 -12.24
C GLY D 94 23.48 20.56 -12.08
N THR D 95 24.56 19.83 -11.85
CA THR D 95 24.46 18.38 -11.73
C THR D 95 25.80 17.81 -11.28
N MET D 96 25.76 16.67 -10.60
CA MET D 96 27.00 16.05 -10.15
C MET D 96 27.73 15.44 -11.34
N ALA D 97 27.03 15.32 -12.47
CA ALA D 97 27.61 14.79 -13.69
C ALA D 97 28.74 15.73 -14.12
N SER D 98 28.59 17.01 -13.79
CA SER D 98 29.58 18.02 -14.13
C SER D 98 30.89 17.75 -13.40
N VAL D 99 30.78 17.49 -12.11
CA VAL D 99 31.94 17.23 -11.28
C VAL D 99 32.57 15.91 -11.71
N HIS D 100 31.74 14.91 -11.90
CA HIS D 100 32.21 13.60 -12.28
C HIS D 100 32.83 13.53 -13.66
N LEU D 101 32.20 14.13 -14.65
CA LEU D 101 32.73 14.12 -16.01
C LEU D 101 34.17 14.59 -15.99
N ARG D 102 34.41 15.71 -15.32
CA ARG D 102 35.75 16.28 -15.25
C ARG D 102 36.72 15.51 -14.35
N ARG D 103 36.25 14.99 -13.23
CA ARG D 103 37.14 14.22 -12.37
C ARG D 103 37.47 12.88 -13.04
N ALA D 104 36.73 12.54 -14.10
CA ALA D 104 36.92 11.30 -14.84
C ALA D 104 38.03 11.47 -15.87
N GLY D 105 38.44 12.71 -16.09
CA GLY D 105 39.50 12.98 -17.05
C GLY D 105 39.11 13.63 -18.36
N TYR D 106 37.86 14.01 -18.52
CA TYR D 106 37.37 14.64 -19.76
C TYR D 106 36.85 16.09 -19.58
N ASP D 107 37.12 16.94 -20.58
CA ASP D 107 36.67 18.33 -20.59
C ASP D 107 35.28 18.38 -21.18
N ALA D 108 34.91 17.32 -21.89
CA ALA D 108 33.58 17.26 -22.49
C ALA D 108 33.28 15.85 -23.00
N LEU D 109 32.04 15.63 -23.41
CA LEU D 109 31.63 14.35 -23.94
C LEU D 109 30.74 14.63 -25.14
N VAL D 110 31.14 14.12 -26.31
CA VAL D 110 30.36 14.29 -27.52
C VAL D 110 29.85 12.91 -27.96
N VAL D 111 28.55 12.82 -28.11
CA VAL D 111 27.87 11.60 -28.50
C VAL D 111 27.42 11.76 -29.95
N GLU D 112 27.62 10.74 -30.78
CA GLU D 112 27.21 10.81 -32.18
C GLU D 112 26.60 9.49 -32.61
N GLY D 113 25.81 9.52 -33.66
CA GLY D 113 25.21 8.28 -34.11
C GLY D 113 23.81 8.09 -33.57
N LYS D 114 23.40 6.83 -33.48
CA LYS D 114 22.09 6.45 -32.98
C LYS D 114 22.08 4.96 -32.74
N ALA D 115 21.82 4.55 -31.49
CA ALA D 115 21.76 3.14 -31.14
C ALA D 115 20.58 2.47 -31.82
N LYS D 116 20.63 1.14 -31.91
CA LYS D 116 19.53 0.39 -32.53
C LYS D 116 18.37 0.35 -31.56
N LYS D 117 18.71 0.17 -30.28
CA LYS D 117 17.71 0.13 -29.22
C LYS D 117 18.14 1.13 -28.14
N PRO D 118 17.25 1.41 -27.17
CA PRO D 118 17.57 2.34 -26.08
C PRO D 118 18.81 1.89 -25.31
N VAL D 119 19.71 2.85 -25.06
CA VAL D 119 20.94 2.57 -24.32
C VAL D 119 21.29 3.74 -23.42
N TYR D 120 22.27 3.53 -22.55
CA TYR D 120 22.74 4.61 -21.69
C TYR D 120 24.25 4.50 -21.62
N ILE D 121 24.92 5.65 -21.53
CA ILE D 121 26.37 5.68 -21.47
C ILE D 121 26.80 5.62 -20.03
N TYR D 122 27.78 4.79 -19.78
CA TYR D 122 28.30 4.60 -18.44
C TYR D 122 29.75 5.05 -18.44
N ILE D 123 30.10 5.89 -17.47
CA ILE D 123 31.45 6.40 -17.39
C ILE D 123 31.95 6.29 -15.94
N GLU D 124 33.19 5.84 -15.79
CA GLU D 124 33.84 5.75 -14.51
C GLU D 124 35.30 5.85 -14.88
N ASP D 125 35.79 7.09 -14.94
CA ASP D 125 37.18 7.36 -15.32
C ASP D 125 37.40 6.81 -16.74
N ASP D 126 38.43 5.97 -16.89
CA ASP D 126 38.77 5.39 -18.19
C ASP D 126 37.79 4.34 -18.70
N ASN D 127 37.00 3.78 -17.80
CA ASN D 127 36.03 2.75 -18.14
C ASN D 127 34.74 3.37 -18.69
N VAL D 128 34.53 3.25 -20.00
CA VAL D 128 33.36 3.82 -20.65
C VAL D 128 32.67 2.79 -21.51
N SER D 129 31.34 2.68 -21.40
CA SER D 129 30.59 1.71 -22.18
C SER D 129 29.20 2.20 -22.53
N ILE D 130 28.60 1.50 -23.48
CA ILE D 130 27.26 1.77 -23.96
C ILE D 130 26.46 0.55 -23.50
N LEU D 131 25.53 0.76 -22.57
CA LEU D 131 24.72 -0.33 -22.06
C LEU D 131 23.27 -0.25 -22.48
N SER D 132 22.60 -1.40 -22.39
CA SER D 132 21.19 -1.48 -22.76
C SER D 132 20.36 -0.74 -21.72
N ALA D 133 19.33 -0.03 -22.18
CA ALA D 133 18.46 0.72 -21.29
C ALA D 133 17.05 0.45 -21.72
N GLU D 134 16.90 -0.67 -22.42
CA GLU D 134 15.61 -1.10 -22.94
C GLU D 134 14.56 -1.14 -21.85
N GLY D 135 14.96 -1.60 -20.66
CA GLY D 135 14.05 -1.67 -19.53
C GLY D 135 13.75 -0.32 -18.89
N LEU D 136 14.53 0.70 -19.25
CA LEU D 136 14.35 2.05 -18.73
C LEU D 136 13.47 2.87 -19.64
N TRP D 137 13.58 2.64 -20.93
CA TRP D 137 12.76 3.39 -21.87
C TRP D 137 11.31 3.53 -21.44
N GLY D 138 10.79 4.75 -21.48
CA GLY D 138 9.41 4.97 -21.10
C GLY D 138 9.20 5.50 -19.68
N LYS D 139 10.24 5.45 -18.86
CA LYS D 139 10.15 5.91 -17.47
C LYS D 139 10.46 7.39 -17.33
N THR D 140 9.97 7.99 -16.25
CA THR D 140 10.19 9.41 -15.99
C THR D 140 11.66 9.62 -15.72
N THR D 141 12.05 10.87 -15.69
CA THR D 141 13.43 11.24 -15.44
C THR D 141 13.77 10.93 -13.97
N PHE D 142 12.80 11.15 -13.09
CA PHE D 142 12.99 10.90 -11.67
C PHE D 142 13.24 9.41 -11.41
N GLU D 143 12.35 8.57 -11.94
CA GLU D 143 12.47 7.13 -11.76
C GLU D 143 13.73 6.57 -12.42
N THR D 144 14.04 7.06 -13.62
CA THR D 144 15.23 6.58 -14.32
C THR D 144 16.49 6.83 -13.52
N GLU D 145 16.68 8.04 -13.01
CA GLU D 145 17.88 8.31 -12.24
C GLU D 145 17.88 7.48 -10.94
N ARG D 146 16.70 7.30 -10.38
CA ARG D 146 16.55 6.55 -9.14
C ARG D 146 16.97 5.09 -9.35
N GLU D 147 16.49 4.49 -10.43
CA GLU D 147 16.81 3.09 -10.73
C GLU D 147 18.29 2.94 -11.04
N LEU D 148 18.86 3.90 -11.76
CA LEU D 148 20.27 3.82 -12.10
C LEU D 148 21.16 3.94 -10.86
N LYS D 149 20.75 4.71 -9.87
CA LYS D 149 21.56 4.84 -8.65
C LYS D 149 21.34 3.61 -7.77
N GLU D 150 20.17 2.99 -7.93
CA GLU D 150 19.80 1.78 -7.16
C GLU D 150 20.72 0.64 -7.62
N ILE D 151 21.22 0.76 -8.85
CA ILE D 151 22.11 -0.25 -9.40
C ILE D 151 23.56 0.12 -9.09
N HIS D 152 24.00 1.24 -9.67
CA HIS D 152 25.38 1.69 -9.52
C HIS D 152 25.82 2.43 -8.25
N GLY D 153 24.89 2.95 -7.46
CA GLY D 153 25.28 3.67 -6.26
C GLY D 153 24.85 5.12 -6.26
N LYS D 154 25.03 5.78 -5.12
CA LYS D 154 24.64 7.17 -4.96
C LYS D 154 25.65 8.17 -5.51
N ASN D 155 26.94 7.84 -5.41
CA ASN D 155 28.01 8.72 -5.86
C ASN D 155 28.27 8.68 -7.36
N VAL D 156 27.34 9.27 -8.11
CA VAL D 156 27.46 9.35 -9.56
C VAL D 156 26.62 10.54 -10.02
N GLY D 157 26.97 11.11 -11.17
CA GLY D 157 26.22 12.21 -11.73
C GLY D 157 25.43 11.59 -12.85
N VAL D 158 24.12 11.81 -12.87
CA VAL D 158 23.25 11.23 -13.88
C VAL D 158 22.48 12.26 -14.68
N LEU D 159 22.46 12.08 -16.00
CA LEU D 159 21.72 12.97 -16.89
C LEU D 159 20.69 12.07 -17.60
N THR D 160 19.44 12.51 -17.70
CA THR D 160 18.41 11.68 -18.32
C THR D 160 17.38 12.42 -19.16
N ILE D 161 16.47 11.66 -19.74
CA ILE D 161 15.39 12.21 -20.55
C ILE D 161 14.12 11.42 -20.22
N GLY D 162 12.96 12.06 -20.39
CA GLY D 162 11.71 11.41 -20.11
C GLY D 162 10.96 11.20 -21.41
N PRO D 163 9.70 10.77 -21.34
CA PRO D 163 8.90 10.55 -22.55
C PRO D 163 8.92 11.67 -23.58
N ALA D 164 8.88 12.92 -23.12
CA ALA D 164 8.88 14.06 -24.02
C ALA D 164 10.15 14.04 -24.85
N GLY D 165 11.23 13.55 -24.24
CA GLY D 165 12.50 13.46 -24.94
C GLY D 165 12.49 12.28 -25.92
N GLU D 166 12.11 11.11 -25.42
CA GLU D 166 12.03 9.91 -26.23
C GLU D 166 11.10 10.12 -27.41
N ASN D 167 10.04 10.90 -27.19
CA ASN D 167 9.04 11.18 -28.24
C ASN D 167 9.39 12.36 -29.14
N LEU D 168 10.58 12.91 -28.97
CA LEU D 168 11.03 14.01 -29.81
C LEU D 168 10.23 15.31 -29.76
N VAL D 169 9.80 15.72 -28.56
CA VAL D 169 9.08 16.97 -28.39
C VAL D 169 10.16 18.00 -28.64
N LYS D 170 9.94 18.90 -29.60
CA LYS D 170 10.95 19.88 -30.00
C LYS D 170 11.68 20.65 -28.91
N TYR D 171 11.01 20.94 -27.81
CA TYR D 171 11.64 21.67 -26.71
C TYR D 171 11.95 20.73 -25.56
N ALA D 172 12.24 19.48 -25.88
CA ALA D 172 12.56 18.48 -24.87
C ALA D 172 13.90 18.89 -24.28
N VAL D 173 14.11 18.60 -23.00
CA VAL D 173 15.36 18.96 -22.32
C VAL D 173 16.01 17.80 -21.57
N VAL D 174 17.18 18.07 -21.02
CA VAL D 174 17.93 17.09 -20.25
C VAL D 174 17.72 17.37 -18.76
N ILE D 175 17.33 16.35 -18.02
CA ILE D 175 17.04 16.47 -16.59
C ILE D 175 18.10 15.79 -15.71
N SER D 176 18.30 16.34 -14.51
CA SER D 176 19.24 15.77 -13.54
C SER D 176 18.80 16.13 -12.11
N GLN D 177 18.97 15.19 -11.20
CA GLN D 177 18.64 15.38 -9.80
C GLN D 177 17.25 15.97 -9.56
N GLU D 178 16.25 15.36 -10.17
CA GLU D 178 14.84 15.75 -10.04
C GLU D 178 14.59 17.25 -9.96
N GLY D 179 14.74 17.96 -11.07
CA GLY D 179 14.50 19.39 -11.03
C GLY D 179 15.46 20.25 -11.83
N ARG D 180 16.72 19.85 -11.90
CA ARG D 180 17.71 20.60 -12.68
C ARG D 180 17.55 20.28 -14.18
N ALA D 181 17.35 21.30 -15.01
CA ALA D 181 17.16 21.07 -16.44
C ALA D 181 18.13 21.80 -17.35
N ALA D 182 18.23 21.35 -18.60
CA ALA D 182 19.13 22.01 -19.54
C ALA D 182 18.81 21.72 -20.99
N GLY D 183 18.88 22.75 -21.83
CA GLY D 183 18.66 22.54 -23.25
C GLY D 183 17.29 22.88 -23.82
N ARG D 184 16.78 24.05 -23.49
CA ARG D 184 15.47 24.49 -23.97
C ARG D 184 15.24 24.22 -25.47
N PRO D 185 16.22 24.51 -26.34
CA PRO D 185 16.03 24.27 -27.77
C PRO D 185 16.07 22.80 -28.23
N GLY D 186 15.41 21.92 -27.48
CA GLY D 186 15.37 20.51 -27.85
C GLY D 186 16.62 19.65 -27.71
N MET D 187 17.43 19.88 -26.68
CA MET D 187 18.62 19.06 -26.50
C MET D 187 18.19 17.68 -25.99
N GLY D 188 16.98 17.64 -25.42
CA GLY D 188 16.43 16.40 -24.91
C GLY D 188 15.91 15.59 -26.07
N ALA D 189 15.41 16.29 -27.08
CA ALA D 189 14.90 15.64 -28.28
C ALA D 189 16.07 15.15 -29.14
N VAL D 190 17.25 15.74 -28.99
CA VAL D 190 18.40 15.28 -29.76
C VAL D 190 18.87 14.01 -29.07
N MET D 191 18.92 14.07 -27.74
CA MET D 191 19.32 12.90 -26.95
C MET D 191 18.38 11.73 -27.23
N GLY D 192 17.09 12.02 -27.33
CA GLY D 192 16.12 10.98 -27.58
C GLY D 192 16.14 10.39 -28.98
N SER D 193 16.58 11.18 -29.96
CA SER D 193 16.64 10.74 -31.36
C SER D 193 17.82 9.81 -31.62
N LYS D 194 18.74 9.80 -30.66
CA LYS D 194 19.91 8.95 -30.74
C LYS D 194 19.63 7.75 -29.87
N LYS D 195 18.38 7.64 -29.40
CA LYS D 195 17.97 6.53 -28.54
C LYS D 195 18.82 6.43 -27.28
N LEU D 196 19.33 7.57 -26.79
CA LEU D 196 20.16 7.62 -25.59
C LEU D 196 19.30 8.03 -24.39
N LYS D 197 19.05 7.08 -23.49
CA LYS D 197 18.18 7.32 -22.34
C LYS D 197 18.83 8.02 -21.17
N ALA D 198 20.12 7.78 -20.95
CA ALA D 198 20.78 8.42 -19.82
C ALA D 198 22.29 8.34 -19.92
N VAL D 199 22.97 9.07 -19.03
CA VAL D 199 24.42 9.07 -18.95
C VAL D 199 24.76 9.00 -17.48
N VAL D 200 25.52 7.99 -17.09
CA VAL D 200 25.93 7.82 -15.69
C VAL D 200 27.42 8.11 -15.63
N ILE D 201 27.82 9.04 -14.76
CA ILE D 201 29.24 9.40 -14.67
C ILE D 201 29.84 9.33 -13.27
N ARG D 202 31.13 9.03 -13.23
CA ARG D 202 31.83 8.93 -11.97
C ARG D 202 33.33 9.12 -12.19
N GLY D 203 33.89 10.13 -11.52
CA GLY D 203 35.32 10.42 -11.64
C GLY D 203 36.00 10.40 -10.30
N THR D 204 37.28 10.05 -10.30
CA THR D 204 38.06 9.97 -9.07
C THR D 204 39.43 10.59 -9.25
N LYS D 205 39.78 10.88 -10.49
CA LYS D 205 41.07 11.48 -10.76
C LYS D 205 41.08 12.92 -10.26
N GLU D 206 42.22 13.36 -9.75
CA GLU D 206 42.31 14.75 -9.30
C GLU D 206 42.83 15.57 -10.49
N ILE D 207 42.10 16.66 -10.78
CA ILE D 207 42.40 17.57 -11.87
C ILE D 207 43.64 18.40 -11.58
N PRO D 208 44.63 18.39 -12.50
CA PRO D 208 45.86 19.18 -12.29
C PRO D 208 45.52 20.67 -12.26
N VAL D 209 45.99 21.37 -11.21
CA VAL D 209 45.71 22.79 -10.98
C VAL D 209 47.01 23.61 -10.85
N ALA D 210 47.07 24.76 -11.52
CA ALA D 210 48.25 25.62 -11.49
C ALA D 210 48.65 26.12 -10.11
N ASP D 211 47.68 26.65 -9.36
CA ASP D 211 47.93 27.22 -8.03
C ASP D 211 46.84 26.75 -7.06
N LYS D 212 47.09 25.64 -6.38
CA LYS D 212 46.13 25.08 -5.42
C LYS D 212 45.94 26.01 -4.23
N GLU D 213 47.05 26.61 -3.80
CA GLU D 213 47.02 27.53 -2.69
C GLU D 213 46.05 28.69 -2.94
N GLU D 214 46.14 29.30 -4.12
CA GLU D 214 45.28 30.42 -4.47
C GLU D 214 43.87 29.99 -4.80
N LEU D 215 43.70 28.77 -5.31
CA LEU D 215 42.37 28.27 -5.64
C LEU D 215 41.53 28.24 -4.36
N LYS D 216 42.14 27.73 -3.30
CA LYS D 216 41.46 27.62 -2.02
C LYS D 216 41.10 28.99 -1.48
N LYS D 217 42.12 29.79 -1.19
CA LYS D 217 41.89 31.14 -0.69
C LYS D 217 40.74 31.83 -1.41
N LEU D 218 40.88 31.98 -2.73
CA LEU D 218 39.86 32.62 -3.54
C LEU D 218 38.47 32.05 -3.34
N SER D 219 38.38 30.72 -3.30
CA SER D 219 37.11 30.04 -3.13
C SER D 219 36.49 30.27 -1.76
N GLN D 220 37.31 30.23 -0.71
CA GLN D 220 36.82 30.45 0.65
C GLN D 220 36.30 31.87 0.81
N GLU D 221 37.09 32.82 0.31
CA GLU D 221 36.77 34.24 0.35
C GLU D 221 35.45 34.51 -0.36
N ALA D 222 35.27 33.85 -1.51
CA ALA D 222 34.06 34.02 -2.31
C ALA D 222 32.86 33.41 -1.62
N TYR D 223 33.08 32.31 -0.91
CA TYR D 223 31.99 31.64 -0.23
C TYR D 223 31.45 32.52 0.90
N ASN D 224 32.35 33.10 1.69
CA ASN D 224 31.97 33.98 2.80
C ASN D 224 31.29 35.26 2.33
N GLU D 225 31.79 35.85 1.25
CA GLU D 225 31.19 37.06 0.71
C GLU D 225 29.73 36.79 0.35
N ILE D 226 29.42 35.54 0.05
CA ILE D 226 28.06 35.14 -0.28
C ILE D 226 27.27 35.10 1.02
N LEU D 227 27.85 34.47 2.05
CA LEU D 227 27.20 34.37 3.34
C LEU D 227 26.91 35.73 3.97
N ASN D 228 27.90 36.61 3.96
CA ASN D 228 27.77 37.92 4.55
C ASN D 228 27.03 38.95 3.72
N SER D 229 26.72 38.62 2.48
CA SER D 229 26.01 39.56 1.64
C SER D 229 24.59 39.81 2.14
N PRO D 230 24.13 41.07 2.06
CA PRO D 230 22.79 41.48 2.50
C PRO D 230 21.65 40.69 1.87
N GLY D 231 21.73 40.43 0.57
CA GLY D 231 20.67 39.69 -0.10
C GLY D 231 20.56 38.21 0.22
N TYR D 232 21.63 37.64 0.75
CA TYR D 232 21.64 36.22 1.08
C TYR D 232 20.39 35.71 1.80
N PRO D 233 20.02 36.32 2.95
CA PRO D 233 18.84 35.89 3.71
C PRO D 233 17.51 35.80 2.94
N PHE D 234 17.21 36.84 2.17
CA PHE D 234 15.98 36.84 1.38
C PHE D 234 16.15 35.82 0.27
N TRP D 235 17.37 35.74 -0.28
CA TRP D 235 17.63 34.77 -1.33
C TRP D 235 17.35 33.34 -0.84
N LYS D 236 17.90 33.00 0.33
CA LYS D 236 17.70 31.66 0.89
C LYS D 236 16.22 31.36 1.09
N ARG D 237 15.40 32.41 1.19
CA ARG D 237 13.95 32.23 1.37
C ARG D 237 13.12 32.05 0.09
N GLN D 238 13.20 33.00 -0.84
CA GLN D 238 12.41 32.95 -2.08
C GLN D 238 13.13 32.60 -3.39
N GLY D 239 14.46 32.59 -3.37
CA GLY D 239 15.19 32.29 -4.59
C GLY D 239 14.71 33.14 -5.75
N THR D 240 14.64 32.57 -6.94
CA THR D 240 14.19 33.31 -8.10
C THR D 240 12.71 33.65 -8.03
N MET D 241 12.01 33.06 -7.07
CA MET D 241 10.58 33.27 -6.92
C MET D 241 10.17 34.71 -6.56
N ALA D 242 11.14 35.50 -6.12
CA ALA D 242 10.92 36.89 -5.76
C ALA D 242 10.60 37.75 -6.97
N ALA D 243 10.83 37.22 -8.16
CA ALA D 243 10.57 37.97 -9.39
C ALA D 243 9.09 37.98 -9.75
N VAL D 244 8.33 37.04 -9.22
CA VAL D 244 6.90 36.99 -9.52
C VAL D 244 6.25 38.32 -9.13
N GLU D 245 6.46 38.73 -7.89
CA GLU D 245 5.89 39.97 -7.39
C GLU D 245 6.54 41.19 -8.07
N TRP D 246 7.86 41.18 -8.18
CA TRP D 246 8.62 42.25 -8.82
C TRP D 246 8.18 42.49 -10.26
N CYS D 247 7.89 41.42 -10.99
CA CYS D 247 7.46 41.57 -12.35
C CYS D 247 6.02 42.07 -12.42
N ASN D 248 5.22 41.71 -11.43
CA ASN D 248 3.84 42.16 -11.43
C ASN D 248 3.81 43.65 -11.11
N THR D 249 4.72 44.09 -10.25
CA THR D 249 4.81 45.48 -9.86
C THR D 249 5.28 46.33 -11.03
N ASN D 250 5.88 45.70 -12.05
CA ASN D 250 6.40 46.43 -13.20
C ASN D 250 5.77 46.08 -14.55
N TYR D 251 4.57 45.50 -14.53
CA TYR D 251 3.87 45.16 -15.76
C TYR D 251 4.70 44.33 -16.74
N ALA D 252 5.58 43.50 -16.17
CA ALA D 252 6.47 42.64 -16.91
C ALA D 252 6.21 41.14 -16.70
N LEU D 253 5.16 40.79 -15.97
CA LEU D 253 4.85 39.38 -15.71
C LEU D 253 3.98 38.80 -16.83
N PRO D 254 4.54 37.87 -17.65
CA PRO D 254 3.76 37.26 -18.74
C PRO D 254 2.41 36.67 -18.28
N THR D 255 1.32 37.29 -18.72
CA THR D 255 -0.02 36.86 -18.34
C THR D 255 -0.92 36.56 -19.54
N ARG D 256 -1.37 35.32 -19.63
CA ARG D 256 -2.24 34.90 -20.72
C ARG D 256 -1.59 35.12 -22.08
N ASN D 257 -0.53 34.33 -22.33
CA ASN D 257 0.24 34.41 -23.56
C ASN D 257 0.65 35.85 -23.79
N PHE D 258 1.34 36.40 -22.80
CA PHE D 258 1.86 37.77 -22.85
C PHE D 258 0.83 38.85 -23.19
N SER D 259 -0.45 38.54 -23.04
CA SER D 259 -1.51 39.50 -23.33
C SER D 259 -1.36 40.74 -22.44
N ASP D 260 -0.87 40.55 -21.22
CA ASP D 260 -0.68 41.65 -20.30
C ASP D 260 0.58 41.46 -19.49
N GLY D 261 0.93 42.44 -18.68
CA GLY D 261 2.14 42.33 -17.87
C GLY D 261 1.79 42.24 -16.40
N TYR D 262 0.49 42.18 -16.12
CA TYR D 262 -0.01 42.12 -14.75
C TYR D 262 -1.01 40.97 -14.58
N PHE D 263 -0.88 40.25 -13.46
CA PHE D 263 -1.80 39.15 -13.16
C PHE D 263 -2.59 39.46 -11.89
N GLU D 264 -3.91 39.46 -12.01
CA GLU D 264 -4.77 39.76 -10.88
C GLU D 264 -4.54 38.82 -9.71
N PHE D 265 -4.17 37.57 -9.99
CA PHE D 265 -3.91 36.59 -8.93
C PHE D 265 -2.44 36.24 -8.71
N ALA D 266 -1.55 37.20 -8.97
CA ALA D 266 -0.11 36.99 -8.82
C ALA D 266 0.29 36.56 -7.41
N ARG D 267 -0.41 37.10 -6.42
CA ARG D 267 -0.13 36.81 -5.02
C ARG D 267 -0.15 35.32 -4.64
N SER D 268 -1.12 34.58 -5.18
CA SER D 268 -1.25 33.16 -4.87
C SER D 268 -0.33 32.21 -5.65
N ILE D 269 0.66 32.77 -6.33
CA ILE D 269 1.65 32.00 -7.07
C ILE D 269 2.95 32.78 -6.89
N ASP D 270 3.02 33.59 -5.84
CA ASP D 270 4.20 34.40 -5.63
C ASP D 270 5.16 33.73 -4.66
N GLY D 271 6.32 34.37 -4.46
CA GLY D 271 7.34 33.80 -3.59
C GLY D 271 7.01 33.68 -2.12
N TYR D 272 6.03 34.45 -1.66
CA TYR D 272 5.63 34.43 -0.26
C TYR D 272 4.77 33.19 -0.04
N THR D 273 4.03 32.82 -1.09
CA THR D 273 3.16 31.67 -1.06
C THR D 273 4.05 30.42 -1.10
N MET D 274 5.06 30.46 -1.96
CA MET D 274 5.99 29.35 -2.06
C MET D 274 6.66 29.13 -0.71
N GLU D 275 7.01 30.22 -0.03
CA GLU D 275 7.65 30.12 1.27
C GLU D 275 6.77 29.31 2.19
N GLY D 276 5.47 29.59 2.20
CA GLY D 276 4.55 28.88 3.07
C GLY D 276 4.25 27.47 2.61
N MET D 277 4.85 27.07 1.50
CA MET D 277 4.64 25.74 0.92
C MET D 277 5.92 24.91 0.84
N LYS D 278 7.03 25.49 1.25
CA LYS D 278 8.31 24.80 1.19
C LYS D 278 8.46 23.62 2.16
N VAL D 279 9.04 22.53 1.65
CA VAL D 279 9.26 21.33 2.45
C VAL D 279 10.72 20.89 2.36
N GLN D 280 11.40 21.31 1.30
CA GLN D 280 12.81 20.97 1.13
C GLN D 280 13.52 22.01 0.27
N GLN D 281 14.84 22.08 0.40
CA GLN D 281 15.64 23.01 -0.39
C GLN D 281 16.93 22.32 -0.89
N ARG D 282 17.08 22.24 -2.20
CA ARG D 282 18.25 21.60 -2.81
C ARG D 282 19.09 22.63 -3.55
N GLY D 283 20.15 22.16 -4.18
CA GLY D 283 21.03 23.05 -4.92
C GLY D 283 21.90 22.27 -5.89
N CYS D 284 22.82 22.97 -6.52
CA CYS D 284 23.75 22.36 -7.45
C CYS D 284 25.04 22.16 -6.66
N PRO D 285 26.05 21.48 -7.23
CA PRO D 285 27.31 21.24 -6.52
C PRO D 285 28.18 22.47 -6.18
N TYR D 286 28.82 22.40 -5.01
CA TYR D 286 29.71 23.46 -4.54
C TYR D 286 29.05 24.83 -4.35
N CYS D 287 27.75 24.82 -4.08
CA CYS D 287 26.99 26.05 -3.88
C CYS D 287 26.54 26.22 -2.43
N ASN D 288 26.94 27.34 -1.81
CA ASN D 288 26.56 27.59 -0.42
C ASN D 288 25.30 28.46 -0.26
N MET D 289 24.62 28.70 -1.39
CA MET D 289 23.38 29.49 -1.43
C MET D 289 22.34 28.77 -2.30
N PRO D 290 21.99 27.53 -1.91
CA PRO D 290 21.01 26.76 -2.69
C PRO D 290 19.75 27.55 -2.96
N CYS D 291 19.13 27.27 -4.09
CA CYS D 291 17.93 27.99 -4.45
C CYS D 291 16.87 27.09 -5.07
N GLY D 292 17.07 25.78 -4.94
CA GLY D 292 16.11 24.83 -5.49
C GLY D 292 15.07 24.56 -4.40
N ASN D 293 14.04 25.40 -4.39
CA ASN D 293 12.97 25.32 -3.40
C ASN D 293 11.90 24.29 -3.76
N VAL D 294 11.72 23.29 -2.91
CA VAL D 294 10.77 22.23 -3.16
C VAL D 294 9.48 22.35 -2.34
N VAL D 295 8.35 22.34 -3.05
CA VAL D 295 7.05 22.44 -2.40
C VAL D 295 6.26 21.16 -2.67
N LEU D 296 5.02 21.15 -2.24
CA LEU D 296 4.15 20.02 -2.48
C LEU D 296 3.10 20.60 -3.41
N ASP D 297 2.78 19.92 -4.49
CA ASP D 297 1.77 20.45 -5.38
C ASP D 297 0.38 20.08 -4.90
N ALA D 298 -0.63 20.43 -5.71
CA ALA D 298 -2.01 20.15 -5.37
C ALA D 298 -2.24 18.68 -5.09
N GLU D 299 -1.33 17.83 -5.58
CA GLU D 299 -1.46 16.39 -5.39
C GLU D 299 -0.58 15.79 -4.31
N GLY D 300 0.12 16.65 -3.56
CA GLY D 300 0.96 16.16 -2.50
C GLY D 300 2.31 15.67 -2.91
N GLN D 301 2.69 15.95 -4.16
CA GLN D 301 3.98 15.53 -4.71
C GLN D 301 5.01 16.66 -4.59
N GLU D 302 6.28 16.30 -4.40
CA GLU D 302 7.34 17.29 -4.31
C GLU D 302 7.50 17.94 -5.68
N SER D 303 7.83 19.23 -5.69
CA SER D 303 8.01 19.99 -6.92
C SER D 303 9.05 21.09 -6.67
N GLU D 304 10.08 21.14 -7.52
CA GLU D 304 11.15 22.14 -7.39
C GLU D 304 10.72 23.36 -8.21
N LEU D 305 10.56 24.50 -7.55
CA LEU D 305 10.10 25.69 -8.26
C LEU D 305 11.12 26.74 -8.57
N ASP D 306 10.92 27.37 -9.72
CA ASP D 306 11.79 28.44 -10.19
C ASP D 306 10.86 29.51 -10.78
N TYR D 307 11.27 30.77 -10.73
CA TYR D 307 10.41 31.82 -11.25
C TYR D 307 9.90 31.51 -12.66
N GLU D 308 10.84 31.20 -13.55
CA GLU D 308 10.50 30.94 -14.94
C GLU D 308 9.41 29.89 -15.16
N ASN D 309 9.43 28.83 -14.35
CA ASN D 309 8.45 27.74 -14.43
C ASN D 309 7.06 28.19 -14.03
N VAL D 310 7.00 28.95 -12.94
CA VAL D 310 5.75 29.46 -12.40
C VAL D 310 5.08 30.52 -13.27
N ALA D 311 5.88 31.37 -13.91
CA ALA D 311 5.36 32.43 -14.78
C ALA D 311 4.78 31.91 -16.09
N LEU D 312 5.52 31.02 -16.75
CA LEU D 312 5.06 30.48 -18.02
C LEU D 312 4.00 29.40 -17.87
N LEU D 313 3.96 28.76 -16.70
CA LEU D 313 2.99 27.70 -16.41
C LEU D 313 1.87 28.23 -15.51
N GLY D 314 2.08 29.44 -15.01
CA GLY D 314 1.11 30.07 -14.11
C GLY D 314 0.38 31.27 -14.65
N SER D 315 0.90 32.46 -14.37
CA SER D 315 0.25 33.68 -14.85
C SER D 315 0.12 33.67 -16.36
N ASN D 316 1.04 33.01 -17.04
CA ASN D 316 0.99 32.95 -18.49
C ASN D 316 -0.16 32.10 -18.96
N LEU D 317 -0.60 31.18 -18.11
CA LEU D 317 -1.72 30.29 -18.43
C LEU D 317 -3.01 30.77 -17.75
N GLY D 318 -2.91 31.85 -16.97
CA GLY D 318 -4.06 32.37 -16.28
C GLY D 318 -4.46 31.47 -15.12
N ILE D 319 -3.47 30.80 -14.53
CA ILE D 319 -3.69 29.87 -13.41
C ILE D 319 -3.14 30.49 -12.14
N GLY D 320 -4.03 30.86 -11.22
CA GLY D 320 -3.61 31.53 -9.99
C GLY D 320 -3.29 30.77 -8.73
N LYS D 321 -3.32 29.43 -8.75
CA LYS D 321 -2.99 28.66 -7.55
C LYS D 321 -1.62 28.03 -7.69
N LEU D 322 -0.69 28.37 -6.81
CA LEU D 322 0.65 27.81 -6.90
C LEU D 322 0.70 26.28 -6.81
N ASN D 323 -0.21 25.68 -6.06
CA ASN D 323 -0.18 24.23 -5.92
C ASN D 323 -0.59 23.51 -7.20
N GLU D 324 -1.38 24.17 -8.03
CA GLU D 324 -1.85 23.58 -9.29
C GLU D 324 -0.81 23.83 -10.40
N VAL D 325 -0.07 24.92 -10.25
CA VAL D 325 0.98 25.28 -11.19
C VAL D 325 2.15 24.34 -10.90
N SER D 326 2.19 23.87 -9.66
CA SER D 326 3.25 22.97 -9.20
C SER D 326 3.13 21.60 -9.83
N VAL D 327 1.91 21.20 -10.16
CA VAL D 327 1.68 19.91 -10.80
C VAL D 327 2.32 20.01 -12.18
N LEU D 328 1.81 20.92 -12.99
CA LEU D 328 2.34 21.17 -14.33
C LEU D 328 3.85 21.16 -14.27
N ASN D 329 4.42 21.84 -13.28
CA ASN D 329 5.87 21.91 -13.12
C ASN D 329 6.47 20.53 -12.96
N ARG D 330 5.89 19.73 -12.07
CA ARG D 330 6.41 18.38 -11.84
C ARG D 330 6.37 17.56 -13.12
N ILE D 331 5.29 17.68 -13.88
CA ILE D 331 5.15 16.95 -15.14
C ILE D 331 6.22 17.32 -16.17
N ALA D 332 6.60 18.59 -16.25
CA ALA D 332 7.62 19.01 -17.21
C ALA D 332 8.97 18.42 -16.82
N ASP D 333 9.18 18.28 -15.52
CA ASP D 333 10.44 17.74 -15.02
C ASP D 333 10.52 16.23 -15.23
N GLU D 334 9.47 15.49 -14.91
CA GLU D 334 9.54 14.05 -15.10
C GLU D 334 9.42 13.63 -16.57
N MET D 335 8.70 14.41 -17.37
CA MET D 335 8.55 14.13 -18.81
C MET D 335 9.77 14.65 -19.55
N GLY D 336 10.58 15.45 -18.86
CA GLY D 336 11.78 16.01 -19.47
C GLY D 336 11.50 17.00 -20.58
N MET D 337 10.70 18.02 -20.28
CA MET D 337 10.41 19.04 -21.28
C MET D 337 10.45 20.44 -20.67
N ASP D 338 10.91 21.41 -21.46
CA ASP D 338 11.06 22.78 -21.01
C ASP D 338 9.77 23.36 -20.45
N THR D 339 9.84 23.92 -19.25
CA THR D 339 8.66 24.51 -18.63
C THR D 339 8.24 25.76 -19.39
N ILE D 340 9.21 26.53 -19.86
CA ILE D 340 8.95 27.79 -20.59
C ILE D 340 8.31 27.59 -21.95
N SER D 341 8.92 26.78 -22.79
CA SER D 341 8.39 26.55 -24.13
C SER D 341 7.09 25.77 -24.06
N LEU D 342 6.94 24.95 -23.04
CA LEU D 342 5.73 24.18 -22.84
C LEU D 342 4.61 25.16 -22.48
N GLY D 343 4.87 25.98 -21.47
CA GLY D 343 3.90 26.97 -21.04
C GLY D 343 3.55 27.96 -22.12
N VAL D 344 4.54 28.33 -22.93
CA VAL D 344 4.28 29.29 -24.00
C VAL D 344 3.41 28.63 -25.06
N SER D 345 3.73 27.38 -25.41
CA SER D 345 2.94 26.65 -26.41
C SER D 345 1.51 26.38 -25.92
N ILE D 346 1.37 25.99 -24.65
CA ILE D 346 0.03 25.73 -24.16
C ILE D 346 -0.77 27.03 -24.17
N ALA D 347 -0.13 28.13 -23.78
CA ALA D 347 -0.79 29.43 -23.75
C ALA D 347 -1.22 29.87 -25.15
N HIS D 348 -0.48 29.45 -26.15
CA HIS D 348 -0.80 29.78 -27.53
C HIS D 348 -2.09 29.05 -27.90
N VAL D 349 -2.15 27.79 -27.51
CA VAL D 349 -3.31 26.93 -27.75
C VAL D 349 -4.55 27.55 -27.08
N MET D 350 -4.36 28.07 -25.88
CA MET D 350 -5.44 28.68 -25.12
C MET D 350 -6.02 29.88 -25.86
N GLU D 351 -5.14 30.80 -26.25
CA GLU D 351 -5.60 31.98 -26.96
C GLU D 351 -6.30 31.54 -28.24
N ALA D 352 -5.71 30.60 -28.97
CA ALA D 352 -6.31 30.12 -30.20
C ALA D 352 -7.72 29.60 -29.93
N VAL D 353 -7.86 28.88 -28.82
CA VAL D 353 -9.15 28.32 -28.44
C VAL D 353 -10.15 29.40 -28.12
N GLU D 354 -9.70 30.46 -27.46
CA GLU D 354 -10.56 31.57 -27.08
C GLU D 354 -10.91 32.46 -28.27
N ARG D 355 -10.10 32.41 -29.31
CA ARG D 355 -10.34 33.22 -30.52
C ARG D 355 -11.17 32.41 -31.52
N GLY D 356 -11.53 31.19 -31.14
CA GLY D 356 -12.33 30.35 -32.00
C GLY D 356 -11.53 29.75 -33.14
N ILE D 357 -10.23 30.02 -33.14
CA ILE D 357 -9.33 29.50 -34.17
C ILE D 357 -9.16 27.99 -33.96
N LEU D 358 -9.21 27.56 -32.71
CA LEU D 358 -9.10 26.16 -32.39
C LEU D 358 -10.46 25.82 -31.82
N LYS D 359 -11.14 24.91 -32.50
CA LYS D 359 -12.46 24.46 -32.07
C LYS D 359 -12.40 23.68 -30.76
N GLU D 360 -11.24 23.10 -30.44
CA GLU D 360 -11.09 22.32 -29.20
C GLU D 360 -9.74 22.51 -28.51
N GLY D 361 -9.78 22.53 -27.18
CA GLY D 361 -8.56 22.71 -26.41
C GLY D 361 -8.82 23.51 -25.14
N PRO D 362 -7.80 23.72 -24.31
CA PRO D 362 -8.01 24.49 -23.07
C PRO D 362 -8.13 25.98 -23.31
N THR D 363 -8.52 26.71 -22.26
CA THR D 363 -8.67 28.16 -22.30
C THR D 363 -7.94 28.67 -21.07
N PHE D 364 -7.66 29.97 -21.00
CA PHE D 364 -6.95 30.45 -19.83
C PHE D 364 -7.64 30.11 -18.52
N GLY D 365 -6.84 29.65 -17.57
CA GLY D 365 -7.36 29.27 -16.27
C GLY D 365 -7.70 27.79 -16.18
N ASP D 366 -7.97 27.14 -17.32
CA ASP D 366 -8.32 25.72 -17.28
C ASP D 366 -7.13 24.88 -16.83
N PHE D 367 -7.12 24.51 -15.56
CA PHE D 367 -6.00 23.75 -15.03
C PHE D 367 -6.02 22.27 -15.39
N LYS D 368 -7.21 21.67 -15.45
CA LYS D 368 -7.33 20.26 -15.80
C LYS D 368 -7.00 20.06 -17.27
N GLY D 369 -7.44 20.99 -18.10
CA GLY D 369 -7.18 20.89 -19.53
C GLY D 369 -5.73 21.18 -19.87
N ALA D 370 -5.05 21.92 -18.98
CA ALA D 370 -3.65 22.27 -19.16
C ALA D 370 -2.79 21.07 -18.87
N LYS D 371 -3.07 20.42 -17.74
CA LYS D 371 -2.39 19.22 -17.29
C LYS D 371 -2.54 18.09 -18.34
N GLN D 372 -3.73 17.97 -18.90
CA GLN D 372 -4.02 16.97 -19.91
C GLN D 372 -3.19 17.20 -21.18
N LEU D 373 -3.12 18.45 -21.61
CA LEU D 373 -2.38 18.81 -22.81
C LEU D 373 -0.87 18.70 -22.62
N ALA D 374 -0.39 18.89 -21.40
CA ALA D 374 1.04 18.79 -21.12
C ALA D 374 1.45 17.32 -21.23
N LEU D 375 0.54 16.43 -20.82
CA LEU D 375 0.80 15.00 -20.87
C LEU D 375 0.58 14.46 -22.29
N ASP D 376 -0.38 15.06 -22.99
CA ASP D 376 -0.66 14.67 -24.37
C ASP D 376 0.50 15.14 -25.24
N ILE D 377 1.22 16.16 -24.78
CA ILE D 377 2.37 16.68 -25.52
C ILE D 377 3.56 15.77 -25.25
N ALA D 378 3.82 15.49 -23.97
CA ALA D 378 4.92 14.62 -23.60
C ALA D 378 4.83 13.29 -24.35
N TYR D 379 3.60 12.83 -24.59
CA TYR D 379 3.35 11.55 -25.27
C TYR D 379 2.82 11.71 -26.68
N ARG D 380 2.79 12.93 -27.20
CA ARG D 380 2.30 13.18 -28.55
C ARG D 380 0.97 12.44 -28.80
N LYS D 381 0.02 12.63 -27.89
CA LYS D 381 -1.31 12.01 -27.97
C LYS D 381 -2.27 12.96 -28.70
N GLY D 382 -2.96 12.44 -29.71
CA GLY D 382 -3.89 13.26 -30.46
C GLY D 382 -3.21 14.33 -31.32
N GLU D 383 -4.02 14.95 -32.19
CA GLU D 383 -3.55 16.01 -33.09
C GLU D 383 -3.01 17.26 -32.41
N LEU D 384 -3.75 17.75 -31.43
CA LEU D 384 -3.38 18.96 -30.68
C LEU D 384 -2.10 18.76 -29.89
N GLY D 385 -2.04 17.68 -29.12
CA GLY D 385 -0.86 17.40 -28.34
C GLY D 385 0.34 17.26 -29.26
N ASN D 386 0.10 16.79 -30.48
CA ASN D 386 1.19 16.61 -31.44
C ASN D 386 1.58 17.93 -32.09
N LEU D 387 0.60 18.83 -32.28
CA LEU D 387 0.91 20.11 -32.89
C LEU D 387 1.69 20.94 -31.89
N ALA D 388 1.18 21.01 -30.65
CA ALA D 388 1.82 21.76 -29.57
C ALA D 388 3.24 21.29 -29.29
N ALA D 389 3.51 20.02 -29.55
CA ALA D 389 4.84 19.45 -29.29
C ALA D 389 5.90 19.95 -30.27
N GLU D 390 5.51 20.87 -31.16
CA GLU D 390 6.41 21.42 -32.19
C GLU D 390 6.81 22.88 -31.93
N GLY D 391 6.36 23.46 -30.82
CA GLY D 391 6.69 24.85 -30.54
C GLY D 391 5.69 25.78 -31.19
N VAL D 392 5.70 27.05 -30.79
CA VAL D 392 4.74 28.02 -31.32
C VAL D 392 5.04 28.44 -32.74
N LYS D 393 6.31 28.54 -33.12
CA LYS D 393 6.63 28.94 -34.48
C LYS D 393 5.99 27.98 -35.47
N ALA D 394 6.27 26.68 -35.29
CA ALA D 394 5.74 25.64 -36.16
C ALA D 394 4.23 25.55 -36.04
N MET D 395 3.73 25.67 -34.82
CA MET D 395 2.29 25.60 -34.57
C MET D 395 1.56 26.79 -35.19
N ALA D 396 2.18 27.97 -35.08
CA ALA D 396 1.61 29.18 -35.64
C ALA D 396 1.55 29.09 -37.17
N GLU D 397 2.49 28.36 -37.76
CA GLU D 397 2.50 28.21 -39.20
C GLU D 397 1.30 27.36 -39.62
N LYS D 398 1.05 26.31 -38.85
CA LYS D 398 -0.04 25.40 -39.12
C LYS D 398 -1.44 26.00 -38.89
N LEU D 399 -1.56 26.86 -37.88
CA LEU D 399 -2.87 27.46 -37.58
C LEU D 399 -3.06 28.88 -38.14
N GLY D 400 -1.98 29.47 -38.64
CA GLY D 400 -2.06 30.83 -39.16
C GLY D 400 -2.26 31.79 -38.01
N THR D 401 -1.45 31.61 -36.96
CA THR D 401 -1.55 32.43 -35.75
C THR D 401 -0.24 33.15 -35.37
N HIS D 402 0.45 33.70 -36.35
CA HIS D 402 1.70 34.40 -36.09
C HIS D 402 1.54 35.61 -35.16
N ASP D 403 0.36 36.22 -35.18
CA ASP D 403 0.09 37.38 -34.33
C ASP D 403 0.45 37.17 -32.88
N PHE D 404 0.06 36.01 -32.34
CA PHE D 404 0.36 35.74 -30.95
C PHE D 404 1.29 34.56 -30.75
N ALA D 405 2.30 34.46 -31.60
CA ALA D 405 3.32 33.41 -31.50
C ALA D 405 4.54 34.09 -30.85
N MET D 406 4.68 33.91 -29.54
CA MET D 406 5.77 34.52 -28.78
C MET D 406 7.08 33.74 -28.83
N HIS D 407 7.94 34.09 -29.77
CA HIS D 407 9.21 33.41 -29.92
C HIS D 407 10.16 34.26 -30.76
N VAL D 408 11.42 33.88 -30.79
CA VAL D 408 12.42 34.58 -31.58
C VAL D 408 13.35 33.49 -32.10
N LYS D 409 13.51 33.42 -33.42
CA LYS D 409 14.36 32.42 -34.05
C LYS D 409 13.84 31.00 -33.78
N GLY D 410 12.56 30.91 -33.39
CA GLY D 410 11.94 29.63 -33.12
C GLY D 410 11.87 29.19 -31.67
N LEU D 411 12.68 29.81 -30.80
CA LEU D 411 12.67 29.50 -29.37
C LEU D 411 11.69 30.42 -28.65
N GLU D 412 10.79 29.82 -27.86
CA GLU D 412 9.75 30.56 -27.11
C GLU D 412 10.27 31.56 -26.07
N VAL D 413 9.71 32.76 -26.12
CA VAL D 413 10.07 33.85 -25.22
C VAL D 413 9.96 33.47 -23.73
N SER D 414 10.88 34.03 -22.95
CA SER D 414 10.97 33.79 -21.52
C SER D 414 9.92 34.56 -20.69
N GLY D 415 10.09 34.54 -19.37
CA GLY D 415 9.13 35.18 -18.49
C GLY D 415 9.17 36.67 -18.22
N TYR D 416 9.45 37.48 -19.24
CA TYR D 416 9.48 38.93 -19.07
C TYR D 416 8.79 39.60 -20.24
N ASN D 417 7.70 40.30 -19.96
CA ASN D 417 6.94 40.98 -20.99
C ASN D 417 7.59 42.33 -21.26
N CYS D 418 7.97 42.57 -22.51
CA CYS D 418 8.66 43.79 -22.86
C CYS D 418 7.91 44.77 -23.77
N TYR D 419 6.63 44.99 -23.49
CA TYR D 419 5.83 45.94 -24.26
C TYR D 419 6.44 47.32 -24.09
N ILE D 420 6.98 47.58 -22.92
CA ILE D 420 7.56 48.88 -22.65
C ILE D 420 9.03 48.83 -22.25
N TYR D 421 9.70 47.72 -22.53
CA TYR D 421 11.12 47.57 -22.18
C TYR D 421 11.97 47.25 -23.39
N PRO D 422 12.48 48.28 -24.08
CA PRO D 422 13.31 48.14 -25.29
C PRO D 422 14.62 47.38 -25.16
N ALA D 423 15.27 47.45 -24.00
CA ALA D 423 16.55 46.77 -23.82
C ALA D 423 16.37 45.28 -23.61
N MET D 424 15.27 44.89 -22.96
CA MET D 424 15.03 43.49 -22.74
C MET D 424 14.49 42.88 -24.04
N ALA D 425 13.76 43.69 -24.80
CA ALA D 425 13.22 43.23 -26.07
C ALA D 425 14.39 42.95 -27.00
N LEU D 426 15.40 43.82 -26.93
CA LEU D 426 16.61 43.67 -27.74
C LEU D 426 17.36 42.41 -27.30
N ALA D 427 17.37 42.15 -25.99
CA ALA D 427 18.02 40.97 -25.45
C ALA D 427 17.39 39.71 -26.04
N TYR D 428 16.06 39.65 -26.02
CA TYR D 428 15.35 38.51 -26.58
C TYR D 428 15.64 38.40 -28.07
N GLY D 429 15.60 39.53 -28.77
CA GLY D 429 15.85 39.50 -30.20
C GLY D 429 17.23 39.02 -30.61
N THR D 430 18.26 39.42 -29.86
CA THR D 430 19.62 39.05 -30.20
C THR D 430 20.20 37.83 -29.52
N SER D 431 19.49 37.26 -28.55
CA SER D 431 20.01 36.07 -27.85
C SER D 431 20.58 35.06 -28.84
N ALA D 432 21.79 34.59 -28.57
CA ALA D 432 22.52 33.64 -29.43
C ALA D 432 21.77 32.37 -29.81
N ILE D 433 20.97 31.85 -28.88
CA ILE D 433 20.21 30.61 -29.07
C ILE D 433 18.73 30.80 -29.38
N GLY D 434 18.26 32.04 -29.48
CA GLY D 434 16.85 32.30 -29.71
C GLY D 434 16.33 32.99 -28.45
N ALA D 435 15.05 33.34 -28.40
CA ALA D 435 14.50 34.03 -27.21
C ALA D 435 14.87 33.37 -25.88
N HIS D 436 15.50 34.13 -24.99
CA HIS D 436 15.90 33.65 -23.67
C HIS D 436 16.46 34.84 -22.92
N HIS D 437 16.23 34.88 -21.61
CA HIS D 437 16.71 35.98 -20.77
C HIS D 437 18.10 35.61 -20.26
N LYS D 438 18.50 34.38 -20.53
CA LYS D 438 19.80 33.86 -20.13
C LYS D 438 20.99 34.77 -20.37
N GLU D 439 21.20 35.18 -21.62
CA GLU D 439 22.36 36.00 -21.94
C GLU D 439 22.32 37.46 -21.50
N ALA D 440 21.14 38.00 -21.25
CA ALA D 440 21.06 39.38 -20.82
C ALA D 440 19.78 39.69 -20.07
N TRP D 441 19.85 39.69 -18.74
CA TRP D 441 18.68 40.02 -17.93
C TRP D 441 18.79 41.53 -17.65
N VAL D 442 18.68 42.30 -18.73
CA VAL D 442 18.79 43.75 -18.68
C VAL D 442 17.56 44.49 -18.14
N ILE D 443 16.47 43.77 -17.90
CA ILE D 443 15.26 44.43 -17.43
C ILE D 443 15.38 45.08 -16.06
N ALA D 444 16.15 44.46 -15.16
CA ALA D 444 16.34 45.03 -13.82
C ALA D 444 17.03 46.38 -13.95
N TRP D 445 18.13 46.41 -14.71
CA TRP D 445 18.92 47.61 -14.94
C TRP D 445 18.06 48.66 -15.61
N GLU D 446 17.30 48.25 -16.62
CA GLU D 446 16.43 49.15 -17.36
C GLU D 446 15.37 49.78 -16.46
N ILE D 447 14.98 49.09 -15.41
CA ILE D 447 13.95 49.59 -14.50
C ILE D 447 14.52 50.41 -13.34
N GLY D 448 15.55 49.88 -12.67
CA GLY D 448 16.14 50.59 -11.55
C GLY D 448 16.04 49.81 -10.26
N THR D 449 15.24 48.74 -10.27
CA THR D 449 15.06 47.88 -9.09
C THR D 449 15.29 46.40 -9.44
N ALA D 450 15.42 45.56 -8.42
CA ALA D 450 15.66 44.14 -8.60
C ALA D 450 14.78 43.32 -7.65
N PRO D 451 14.33 42.12 -8.09
CA PRO D 451 13.47 41.28 -7.24
C PRO D 451 14.07 40.99 -5.87
N ILE D 452 15.39 40.97 -5.77
CA ILE D 452 16.08 40.68 -4.51
C ILE D 452 15.87 41.75 -3.42
N GLU D 453 15.23 42.85 -3.78
CA GLU D 453 14.97 43.94 -2.83
C GLU D 453 13.59 43.86 -2.11
N TYR D 462 9.05 55.13 -14.09
CA TYR D 462 9.66 54.56 -15.33
C TYR D 462 9.18 55.24 -16.61
N LYS D 463 10.11 55.40 -17.55
CA LYS D 463 9.83 56.00 -18.85
C LYS D 463 10.56 55.20 -19.94
N ILE D 464 9.82 54.83 -20.98
CA ILE D 464 10.38 54.06 -22.09
C ILE D 464 11.43 54.88 -22.81
N SER D 465 12.60 54.29 -23.04
CA SER D 465 13.68 54.97 -23.74
C SER D 465 14.45 54.03 -24.68
N TYR D 466 14.88 54.54 -25.83
CA TYR D 466 15.63 53.71 -26.77
C TYR D 466 17.09 54.13 -26.83
N ASP D 467 17.58 54.70 -25.73
CA ASP D 467 18.96 55.16 -25.63
C ASP D 467 19.91 54.10 -26.18
N PRO D 468 20.79 54.49 -27.13
CA PRO D 468 21.76 53.57 -27.72
C PRO D 468 22.66 52.90 -26.70
N ILE D 469 22.71 53.46 -25.49
CA ILE D 469 23.55 52.90 -24.42
C ILE D 469 22.95 51.58 -23.94
N LYS D 470 21.68 51.36 -24.25
CA LYS D 470 21.00 50.14 -23.85
C LYS D 470 21.60 48.93 -24.59
N ALA D 471 21.89 49.11 -25.88
CA ALA D 471 22.46 48.03 -26.67
C ALA D 471 23.87 47.75 -26.18
N GLN D 472 24.50 48.74 -25.59
CA GLN D 472 25.85 48.57 -25.08
C GLN D 472 25.77 47.71 -23.81
N LYS D 473 24.73 47.92 -23.02
CA LYS D 473 24.54 47.15 -21.80
C LYS D 473 24.22 45.71 -22.13
N VAL D 474 23.43 45.51 -23.19
CA VAL D 474 23.06 44.16 -23.62
C VAL D 474 24.30 43.39 -24.07
N VAL D 475 25.22 44.07 -24.73
CA VAL D 475 26.43 43.43 -25.17
C VAL D 475 27.36 43.13 -23.99
N GLU D 476 27.42 44.03 -23.01
CA GLU D 476 28.27 43.82 -21.85
C GLU D 476 27.75 42.66 -20.98
N LEU D 477 26.43 42.53 -20.93
CA LEU D 477 25.82 41.46 -20.15
C LEU D 477 25.99 40.12 -20.88
N GLN D 478 25.78 40.14 -22.19
CA GLN D 478 25.91 38.95 -23.00
C GLN D 478 27.32 38.41 -22.88
N ARG D 479 28.30 39.31 -22.76
CA ARG D 479 29.69 38.89 -22.61
C ARG D 479 29.98 38.08 -21.36
N LEU D 480 29.32 38.39 -20.24
CA LEU D 480 29.57 37.63 -19.02
C LEU D 480 28.52 36.56 -18.78
N ARG D 481 27.30 36.84 -19.20
CA ARG D 481 26.22 35.88 -19.00
C ARG D 481 26.11 34.86 -20.15
N GLY D 482 26.29 35.32 -21.39
CA GLY D 482 26.18 34.41 -22.52
C GLY D 482 27.54 33.90 -22.94
N GLY D 483 28.58 34.43 -22.31
CA GLY D 483 29.93 34.02 -22.62
C GLY D 483 30.63 33.45 -21.42
N LEU D 484 31.24 34.32 -20.64
CA LEU D 484 31.97 33.93 -19.44
C LEU D 484 31.41 32.80 -18.58
N PHE D 485 30.22 32.98 -18.01
CA PHE D 485 29.70 31.93 -17.15
C PHE D 485 29.32 30.64 -17.87
N GLU D 486 29.13 30.71 -19.18
CA GLU D 486 28.78 29.54 -19.97
C GLU D 486 30.04 28.83 -20.43
N MET D 487 31.19 29.48 -20.25
CA MET D 487 32.47 28.92 -20.66
C MET D 487 33.27 28.33 -19.48
N LEU D 488 33.03 28.84 -18.28
CA LEU D 488 33.76 28.38 -17.09
C LEU D 488 33.54 26.92 -16.66
N THR D 489 32.30 26.47 -16.51
CA THR D 489 31.09 27.26 -16.69
C THR D 489 30.56 27.24 -15.27
N ALA D 490 30.09 28.38 -14.76
CA ALA D 490 29.59 28.42 -13.38
C ALA D 490 28.31 29.23 -13.29
N CYS D 491 27.68 29.20 -12.13
CA CYS D 491 26.44 29.94 -11.93
C CYS D 491 26.66 31.44 -11.90
N ARG D 492 25.82 32.18 -12.61
CA ARG D 492 25.90 33.63 -12.66
C ARG D 492 25.14 34.30 -11.51
N LEU D 493 24.25 33.55 -10.84
CA LEU D 493 23.41 34.06 -9.74
C LEU D 493 24.15 34.62 -8.53
N PRO D 494 25.24 33.96 -8.10
CA PRO D 494 25.90 34.57 -6.95
C PRO D 494 26.20 36.05 -7.22
N TRP D 495 26.61 36.34 -8.45
CA TRP D 495 26.94 37.71 -8.84
C TRP D 495 25.67 38.51 -9.08
N VAL D 496 24.81 37.99 -9.94
CA VAL D 496 23.56 38.66 -10.26
C VAL D 496 22.70 38.99 -9.06
N GLU D 497 22.47 38.01 -8.20
CA GLU D 497 21.61 38.19 -7.03
C GLU D 497 22.21 38.77 -5.77
N VAL D 498 23.30 38.20 -5.27
CA VAL D 498 23.87 38.71 -4.03
C VAL D 498 25.06 39.64 -4.21
N GLY D 499 25.45 39.86 -5.45
CA GLY D 499 26.53 40.77 -5.75
C GLY D 499 27.95 40.27 -5.55
N LEU D 500 28.18 38.97 -5.70
CA LEU D 500 29.55 38.48 -5.54
C LEU D 500 30.37 39.22 -6.58
N SER D 501 31.58 39.60 -6.21
CA SER D 501 32.49 40.33 -7.09
C SER D 501 32.86 39.52 -8.33
N LEU D 502 32.79 40.17 -9.49
CA LEU D 502 33.11 39.53 -10.75
C LEU D 502 34.61 39.27 -10.81
N ASP D 503 35.35 40.05 -10.04
CA ASP D 503 36.81 39.95 -10.01
C ASP D 503 37.38 38.60 -9.54
N TYR D 504 36.53 37.76 -9.00
CA TYR D 504 36.97 36.46 -8.52
C TYR D 504 37.23 35.52 -9.69
N TYR D 505 36.39 35.64 -10.71
CA TYR D 505 36.46 34.78 -11.89
C TYR D 505 37.76 34.84 -12.67
N PRO D 506 38.27 36.03 -12.98
CA PRO D 506 39.52 36.03 -13.73
C PRO D 506 40.64 35.46 -12.87
N LYS D 507 40.58 35.77 -11.58
CA LYS D 507 41.59 35.29 -10.64
C LYS D 507 41.50 33.79 -10.40
N LEU D 508 40.29 33.25 -10.46
CA LEU D 508 40.11 31.82 -10.26
C LEU D 508 40.59 31.10 -11.51
N LEU D 509 40.23 31.64 -12.68
CA LEU D 509 40.64 31.07 -13.98
C LEU D 509 42.16 30.90 -14.05
N LYS D 510 42.87 31.92 -13.59
CA LYS D 510 44.32 31.93 -13.59
C LYS D 510 44.94 30.97 -12.58
N ALA D 511 44.36 30.92 -11.38
CA ALA D 511 44.87 30.05 -10.32
C ALA D 511 44.75 28.58 -10.69
N ILE D 512 43.74 28.29 -11.51
CA ILE D 512 43.43 26.94 -11.96
C ILE D 512 44.22 26.52 -13.21
N THR D 513 44.10 27.28 -14.28
CA THR D 513 44.78 26.96 -15.52
C THR D 513 46.19 27.53 -15.64
N GLY D 514 46.57 28.48 -14.80
CA GLY D 514 47.91 29.06 -14.91
C GLY D 514 48.01 30.20 -15.92
N VAL D 515 46.99 30.30 -16.77
CA VAL D 515 46.95 31.34 -17.79
C VAL D 515 46.27 32.62 -17.25
N THR D 516 46.90 33.77 -17.49
CA THR D 516 46.34 35.02 -17.06
C THR D 516 45.32 35.50 -18.10
N TYR D 517 44.13 35.85 -17.65
CA TYR D 517 43.08 36.36 -18.54
C TYR D 517 42.74 37.75 -18.02
N THR D 518 42.94 38.78 -18.84
CA THR D 518 42.59 40.12 -18.42
C THR D 518 41.11 40.23 -18.75
N TRP D 519 40.46 41.31 -18.35
CA TRP D 519 39.04 41.41 -18.68
C TRP D 519 38.87 41.62 -20.15
N ASP D 520 39.87 42.22 -20.80
CA ASP D 520 39.77 42.45 -22.24
C ASP D 520 39.77 41.10 -22.93
N ASP D 521 40.63 40.21 -22.44
CA ASP D 521 40.73 38.86 -22.99
C ASP D 521 39.39 38.15 -22.90
N LEU D 522 38.74 38.25 -21.74
CA LEU D 522 37.45 37.60 -21.55
C LEU D 522 36.33 38.18 -22.42
N TYR D 523 36.32 39.51 -22.60
CA TYR D 523 35.30 40.16 -23.42
C TYR D 523 35.49 39.75 -24.87
N LYS D 524 36.75 39.60 -25.27
CA LYS D 524 37.09 39.20 -26.64
C LYS D 524 36.70 37.74 -26.89
N ALA D 525 36.93 36.89 -25.89
CA ALA D 525 36.59 35.49 -26.02
C ALA D 525 35.08 35.31 -26.12
N ALA D 526 34.33 36.09 -25.35
CA ALA D 526 32.88 36.01 -25.36
C ALA D 526 32.35 36.52 -26.71
N ASP D 527 33.01 37.55 -27.24
CA ASP D 527 32.63 38.11 -28.53
C ASP D 527 32.97 37.12 -29.63
N ARG D 528 34.06 36.39 -29.44
CA ARG D 528 34.50 35.37 -30.40
C ARG D 528 33.43 34.30 -30.47
N VAL D 529 33.15 33.70 -29.33
CA VAL D 529 32.13 32.65 -29.24
C VAL D 529 30.83 33.17 -29.83
N TYR D 530 30.56 34.45 -29.59
CA TYR D 530 29.34 35.07 -30.08
C TYR D 530 29.25 35.20 -31.58
N SER D 531 30.36 35.57 -32.21
CA SER D 531 30.38 35.73 -33.65
C SER D 531 30.39 34.34 -34.30
N LEU D 532 31.02 33.39 -33.63
CA LEU D 532 31.08 32.02 -34.12
C LEU D 532 29.68 31.42 -34.19
N ILE D 533 28.93 31.53 -33.10
CA ILE D 533 27.58 31.00 -33.08
C ILE D 533 26.74 31.61 -34.19
N ARG D 534 26.82 32.92 -34.34
CA ARG D 534 26.05 33.61 -35.37
C ARG D 534 26.45 33.07 -36.75
N ALA D 535 27.75 32.95 -36.97
CA ALA D 535 28.26 32.44 -38.23
C ALA D 535 27.60 31.09 -38.47
N TYR D 536 27.49 30.31 -37.39
CA TYR D 536 26.88 29.00 -37.49
C TYR D 536 25.44 29.09 -37.94
N TRP D 537 24.71 30.08 -37.43
CA TRP D 537 23.31 30.26 -37.82
C TRP D 537 23.18 30.60 -39.30
N VAL D 538 24.01 31.54 -39.76
CA VAL D 538 23.98 31.96 -41.17
C VAL D 538 24.36 30.79 -42.08
N ARG D 539 25.44 30.09 -41.72
CA ARG D 539 25.85 28.96 -42.52
C ARG D 539 24.74 27.91 -42.60
N GLU D 540 24.21 27.50 -41.45
CA GLU D 540 23.16 26.48 -41.42
C GLU D 540 21.82 26.92 -42.00
N PHE D 541 21.57 28.23 -42.05
CA PHE D 541 20.33 28.72 -42.62
C PHE D 541 20.59 28.93 -44.10
N ASN D 542 21.77 28.49 -44.51
CA ASN D 542 22.24 28.58 -45.89
C ASN D 542 22.27 29.98 -46.48
N GLY D 543 22.60 30.96 -45.64
CA GLY D 543 22.68 32.33 -46.13
C GLY D 543 21.40 33.12 -46.01
N LYS D 544 20.27 32.44 -45.83
CA LYS D 544 19.00 33.12 -45.69
C LYS D 544 19.01 33.75 -44.30
N TRP D 545 19.22 35.07 -44.24
CA TRP D 545 19.34 35.75 -42.97
C TRP D 545 19.38 37.27 -43.11
N ASP D 546 18.66 37.97 -42.23
CA ASP D 546 18.65 39.42 -42.22
C ASP D 546 18.40 39.93 -40.80
N ARG D 547 18.20 41.23 -40.66
CA ARG D 547 18.00 41.83 -39.35
C ARG D 547 16.75 41.35 -38.61
N LYS D 548 15.73 40.94 -39.36
CA LYS D 548 14.48 40.47 -38.76
C LYS D 548 14.60 39.20 -37.91
N MET D 549 15.77 38.55 -37.96
CA MET D 549 16.00 37.34 -37.16
C MET D 549 16.19 37.78 -35.70
N ASP D 550 16.67 39.01 -35.55
CA ASP D 550 16.95 39.63 -34.25
C ASP D 550 15.84 40.56 -33.75
N TYR D 551 14.60 40.32 -34.20
CA TYR D 551 13.46 41.13 -33.82
C TYR D 551 12.62 40.42 -32.75
N PRO D 552 12.10 41.17 -31.77
CA PRO D 552 11.28 40.56 -30.73
C PRO D 552 9.89 40.23 -31.30
N PRO D 553 9.12 39.42 -30.59
CA PRO D 553 7.77 39.04 -31.03
C PRO D 553 6.93 40.22 -31.52
N LYS D 554 6.28 40.04 -32.67
CA LYS D 554 5.44 41.08 -33.26
C LYS D 554 4.28 41.64 -32.40
N ARG D 555 3.92 40.95 -31.31
CA ARG D 555 2.83 41.42 -30.46
C ARG D 555 3.25 42.62 -29.62
N TRP D 556 4.53 42.73 -29.33
CA TRP D 556 5.01 43.87 -28.53
C TRP D 556 5.00 45.20 -29.31
N PHE D 557 4.64 45.11 -30.60
CA PHE D 557 4.58 46.29 -31.46
C PHE D 557 3.15 46.64 -31.83
N THR D 558 2.33 45.63 -32.10
CA THR D 558 0.94 45.88 -32.50
C THR D 558 -0.07 45.90 -31.36
N GLU D 559 0.39 45.63 -30.15
CA GLU D 559 -0.48 45.62 -28.99
C GLU D 559 0.27 46.27 -27.85
N GLY D 560 -0.45 46.69 -26.82
CA GLY D 560 0.16 47.33 -25.68
C GLY D 560 -0.35 46.68 -24.40
N LEU D 561 0.12 47.15 -23.26
CA LEU D 561 -0.32 46.60 -21.99
C LEU D 561 -1.83 46.78 -21.93
N LYS D 562 -2.51 45.88 -21.23
CA LYS D 562 -3.96 45.96 -21.16
C LYS D 562 -4.45 46.64 -19.87
N SER D 563 -3.51 46.99 -18.99
CA SER D 563 -3.86 47.61 -17.74
C SER D 563 -2.72 48.36 -17.04
N GLY D 564 -3.08 49.19 -16.08
CA GLY D 564 -2.09 49.94 -15.34
C GLY D 564 -1.83 51.33 -15.92
N PRO D 565 -0.99 52.13 -15.23
CA PRO D 565 -0.65 53.49 -15.68
C PRO D 565 -0.01 53.49 -17.07
N HIS D 566 0.53 52.35 -17.46
CA HIS D 566 1.16 52.22 -18.76
C HIS D 566 0.26 51.51 -19.76
N LYS D 567 -1.04 51.50 -19.47
CA LYS D 567 -1.99 50.81 -20.36
C LYS D 567 -1.95 51.35 -21.79
N GLY D 568 -1.94 50.44 -22.76
CA GLY D 568 -1.92 50.81 -24.16
C GLY D 568 -0.55 51.00 -24.77
N GLU D 569 0.46 51.14 -23.93
CA GLU D 569 1.85 51.35 -24.36
C GLU D 569 2.56 50.12 -24.93
N HIS D 570 3.37 50.36 -25.97
CA HIS D 570 4.11 49.30 -26.63
C HIS D 570 5.45 49.80 -27.18
N LEU D 571 6.09 48.95 -27.99
CA LEU D 571 7.39 49.27 -28.59
C LEU D 571 7.24 49.97 -29.94
N ASP D 572 8.23 50.78 -30.30
CA ASP D 572 8.23 51.49 -31.57
C ASP D 572 9.13 50.72 -32.54
N GLU D 573 8.52 50.26 -33.63
CA GLU D 573 9.25 49.49 -34.64
C GLU D 573 10.51 50.21 -35.11
N LYS D 574 10.36 51.46 -35.51
CA LYS D 574 11.48 52.26 -36.01
C LYS D 574 12.55 52.50 -34.97
N LYS D 575 12.13 52.97 -33.79
CA LYS D 575 13.10 53.25 -32.73
C LYS D 575 13.83 51.98 -32.33
N TYR D 576 13.16 50.84 -32.42
CA TYR D 576 13.81 49.57 -32.08
C TYR D 576 14.83 49.28 -33.17
N ASP D 577 14.41 49.39 -34.41
CA ASP D 577 15.30 49.13 -35.53
C ASP D 577 16.61 49.88 -35.37
N GLU D 578 16.55 51.10 -34.82
CA GLU D 578 17.74 51.91 -34.61
C GLU D 578 18.59 51.42 -33.44
N LEU D 579 17.92 50.83 -32.45
CA LEU D 579 18.63 50.30 -31.30
C LEU D 579 19.35 49.04 -31.80
N LEU D 580 18.77 48.39 -32.81
CA LEU D 580 19.37 47.18 -33.38
C LEU D 580 20.65 47.49 -34.16
N SER D 581 20.57 48.47 -35.06
CA SER D 581 21.72 48.87 -35.85
C SER D 581 22.90 49.24 -34.93
N GLU D 582 22.58 49.73 -33.73
CA GLU D 582 23.60 50.13 -32.77
C GLU D 582 24.26 48.91 -32.14
N TYR D 583 23.47 47.85 -31.94
CA TYR D 583 23.96 46.61 -31.36
C TYR D 583 24.97 46.03 -32.37
N TYR D 584 24.60 46.06 -33.64
CA TYR D 584 25.45 45.57 -34.73
C TYR D 584 26.74 46.37 -34.77
N ARG D 585 26.61 47.69 -34.69
CA ARG D 585 27.79 48.56 -34.73
C ARG D 585 28.75 48.10 -33.64
N ILE D 586 28.25 48.05 -32.40
CA ILE D 586 29.09 47.63 -31.28
C ILE D 586 29.69 46.24 -31.51
N ARG D 587 28.98 45.38 -32.23
CA ARG D 587 29.46 44.03 -32.46
C ARG D 587 30.40 43.84 -33.64
N GLY D 588 30.23 44.66 -34.68
CA GLY D 588 31.07 44.52 -35.85
C GLY D 588 30.32 43.70 -36.87
N TRP D 589 29.01 43.69 -36.75
CA TRP D 589 28.18 42.94 -37.67
C TRP D 589 27.56 43.95 -38.62
N ASP D 590 27.04 43.48 -39.74
CA ASP D 590 26.44 44.37 -40.74
C ASP D 590 24.92 44.46 -40.54
N GLU D 591 24.30 45.38 -41.27
CA GLU D 591 22.86 45.61 -41.15
C GLU D 591 21.97 44.39 -41.43
N ARG D 592 22.58 43.21 -41.56
CA ARG D 592 21.83 41.99 -41.80
C ARG D 592 21.96 41.08 -40.58
N GLY D 593 22.85 41.46 -39.67
CA GLY D 593 23.07 40.68 -38.47
C GLY D 593 24.21 39.70 -38.63
N ILE D 594 24.88 39.76 -39.77
CA ILE D 594 26.00 38.87 -40.08
C ILE D 594 27.34 39.53 -39.80
N PRO D 595 28.26 38.79 -39.16
CA PRO D 595 29.56 39.40 -38.86
C PRO D 595 30.31 39.85 -40.12
N LYS D 596 31.18 40.85 -39.94
CA LYS D 596 31.99 41.37 -41.04
C LYS D 596 33.30 40.61 -41.04
N LYS D 597 34.01 40.66 -42.17
CA LYS D 597 35.30 39.99 -42.31
C LYS D 597 36.33 40.55 -41.33
N GLU D 598 36.40 41.87 -41.19
CA GLU D 598 37.36 42.46 -40.28
C GLU D 598 37.11 42.04 -38.83
N THR D 599 35.84 41.83 -38.48
CA THR D 599 35.44 41.42 -37.13
C THR D 599 35.84 39.97 -36.91
N LEU D 600 35.52 39.14 -37.89
CA LEU D 600 35.87 37.73 -37.84
C LEU D 600 37.41 37.62 -37.69
N LYS D 601 38.13 38.32 -38.55
CA LYS D 601 39.60 38.32 -38.48
C LYS D 601 40.01 38.84 -37.09
N GLU D 602 39.42 39.96 -36.70
CA GLU D 602 39.66 40.58 -35.40
C GLU D 602 39.61 39.55 -34.27
N LEU D 603 38.54 38.75 -34.27
CA LEU D 603 38.35 37.75 -33.23
C LEU D 603 39.02 36.39 -33.45
N ASP D 604 39.87 36.30 -34.46
CA ASP D 604 40.57 35.05 -34.75
C ASP D 604 39.60 34.00 -35.30
N LEU D 605 38.74 34.39 -36.21
CA LEU D 605 37.79 33.45 -36.78
C LEU D 605 37.89 33.43 -38.30
N ASP D 606 39.09 33.69 -38.80
CA ASP D 606 39.33 33.71 -40.23
C ASP D 606 38.72 32.47 -40.87
N PHE D 607 38.89 31.33 -40.22
CA PHE D 607 38.38 30.06 -40.73
C PHE D 607 36.90 30.09 -41.04
N VAL D 608 36.19 31.10 -40.55
CA VAL D 608 34.75 31.22 -40.79
C VAL D 608 34.45 31.90 -42.13
N ILE D 609 35.30 32.83 -42.55
CA ILE D 609 35.09 33.56 -43.80
C ILE D 609 34.86 32.65 -45.01
N PRO D 610 35.85 31.82 -45.37
CA PRO D 610 35.66 30.94 -46.54
C PRO D 610 34.29 30.27 -46.54
N GLU D 611 33.87 29.80 -45.38
CA GLU D 611 32.59 29.11 -45.22
C GLU D 611 31.33 29.98 -45.31
N LEU D 612 31.39 31.23 -44.85
CA LEU D 612 30.23 32.09 -44.92
C LEU D 612 30.08 32.67 -46.33
N GLU D 613 31.23 32.79 -47.02
CA GLU D 613 31.24 33.32 -48.37
C GLU D 613 30.58 32.37 -49.35
N LYS D 614 30.39 31.11 -48.95
CA LYS D 614 29.73 30.13 -49.81
C LYS D 614 28.21 30.25 -49.80
N VAL D 615 27.67 30.89 -48.76
CA VAL D 615 26.22 31.02 -48.66
C VAL D 615 25.71 32.45 -48.92
N THR D 616 26.55 33.44 -48.66
CA THR D 616 26.21 34.85 -48.93
C THR D 616 27.46 35.67 -49.11
N ASN D 617 27.28 36.99 -49.15
CA ASN D 617 28.38 37.93 -49.31
C ASN D 617 28.67 38.54 -47.95
N LEU D 618 29.96 38.72 -47.66
CA LEU D 618 30.37 39.30 -46.38
C LEU D 618 30.70 40.79 -46.52
N GLU D 619 31.09 41.40 -45.41
CA GLU D 619 31.47 42.82 -45.42
C GLU D 619 32.62 43.07 -44.46
CA CA E . 15.11 -24.67 -7.21
FE1 SF4 F . 15.16 -27.71 -16.03
FE2 SF4 F . 15.60 -30.29 -16.41
FE3 SF4 F . 13.56 -29.52 -14.93
FE4 SF4 F . 13.55 -29.14 -17.60
S1 SF4 F . 13.48 -31.17 -16.53
S2 SF4 F . 12.87 -27.62 -16.01
S3 SF4 F . 15.73 -28.68 -18.02
S4 SF4 F . 15.75 -29.19 -14.42
C1 GUA G . 18.23 -37.49 -10.60
C2 GUA G . 16.81 -37.78 -10.17
C3 GUA G . 16.29 -36.78 -9.16
C4 GUA G . 17.16 -36.77 -7.93
C5 GUA G . 16.47 -36.15 -6.74
O1 GUA G . 19.09 -37.17 -9.74
O2 GUA G . 18.50 -37.59 -11.81
O3 GUA G . 17.12 -35.31 -6.08
O4 GUA G . 15.30 -36.49 -6.49
C1 PTE H . 22.39 -29.63 -7.26
C2 PTE H . 21.41 -29.72 -6.08
C3 PTE H . 19.96 -30.34 -6.03
S3 PTE H . 19.69 -31.69 -7.11
C4 PTE H . 18.86 -29.63 -5.45
S4 PTE H . 17.23 -29.84 -6.01
W1 PTE H . 17.33 -31.92 -7.43
C5 PTE H . 19.12 -28.22 -4.89
N6 PTE H . 18.87 -26.97 -5.67
C7 PTE H . 18.88 -25.77 -5.06
C8 PTE H . 17.89 -24.74 -5.16
O8 PTE H . 16.81 -24.99 -5.97
N9 PTE H . 17.99 -23.60 -4.41
C10 PTE H . 18.99 -23.42 -3.49
N10 PTE H . 19.20 -22.28 -2.84
N11 PTE H . 19.86 -24.46 -3.24
C12 PTE H . 19.86 -25.58 -4.01
N13 PTE H . 20.53 -26.68 -3.59
C14 PTE H . 20.59 -27.94 -4.38
O2 PTE H . 21.41 -28.52 -5.37
C21 PTE H . 17.99 -28.27 -10.81
C22 PTE H . 17.36 -29.54 -11.36
C23 PTE H . 17.57 -30.51 -10.18
S23 PTE H . 16.24 -30.60 -9.09
C24 PTE H . 18.39 -31.63 -10.47
S24 PTE H . 18.43 -32.94 -9.40
C25 PTE H . 19.07 -31.96 -11.81
N26 PTE H . 20.49 -31.55 -11.87
C27 PTE H . 21.24 -31.48 -13.03
C28 PTE H . 22.64 -31.37 -13.06
O28 PTE H . 23.38 -31.44 -11.90
N29 PTE H . 23.24 -31.25 -14.27
C30 PTE H . 22.63 -31.37 -15.49
N30 PTE H . 23.38 -31.60 -16.57
N31 PTE H . 21.26 -31.30 -15.50
C32 PTE H . 20.55 -31.43 -14.32
N33 PTE H . 19.18 -31.55 -14.26
C34 PTE H . 18.42 -31.23 -13.01
O22 PTE H . 18.07 -29.95 -12.51
P1 PTE H . 24.14 -27.90 -8.11
O1P PTE H . 22.92 -26.82 -8.24
O2P PTE H . 25.49 -27.35 -7.46
O3P PTE H . 24.43 -28.41 -9.48
O4P PTE H . 23.64 -28.95 -7.02
P2 PTE H . 18.73 -25.97 -11.36
O5P PTE H . 20.29 -26.23 -11.25
O6P PTE H . 18.35 -24.96 -12.56
O7P PTE H . 18.27 -25.52 -10.02
O8P PTE H . 17.97 -27.29 -11.83
MG1 PTE H . 21.59 -26.41 -9.71
CA CA I . -16.46 -23.24 8.17
FE1 SF4 J . -16.97 -26.11 16.80
FE2 SF4 J . -17.66 -28.66 17.27
FE3 SF4 J . -15.47 -28.07 15.78
FE4 SF4 J . -15.51 -27.64 18.45
S1 SF4 J . -15.63 -29.71 17.42
S2 SF4 J . -14.67 -26.19 16.86
S3 SF4 J . -17.65 -26.98 18.82
S4 SF4 J . -17.65 -27.59 15.21
C1 GUA K . -20.95 -35.81 11.36
C2 GUA K . -19.51 -36.22 11.06
C3 GUA K . -18.82 -35.29 10.07
C4 GUA K . -19.61 -35.21 8.77
C5 GUA K . -18.80 -34.65 7.63
O1 GUA K . -21.69 -35.42 10.44
O2 GUA K . -21.33 -35.88 12.55
O3 GUA K . -19.32 -33.77 6.91
O4 GUA K . -17.65 -35.11 7.46
C1 PTE L . -24.05 -27.87 7.86
C2 PTE L . -23.12 -27.89 6.67
C3 PTE L . -21.77 -28.35 7.30
S3 PTE L . -21.59 -30.03 7.73
C4 PTE L . -20.62 -27.73 6.74
S4 PTE L . -19.10 -28.45 6.76
W1 PTE L . -19.32 -30.40 8.29
C5 PTE L . -20.64 -26.75 5.56
N6 PTE L . -20.18 -25.59 6.37
C7 PTE L . -20.23 -24.35 5.83
C8 PTE L . -19.19 -23.37 5.92
O8 PTE L . -18.11 -23.61 6.79
N9 PTE L . -19.34 -22.20 5.21
C10 PTE L . -20.28 -22.05 4.22
N10 PTE L . -20.20 -21.10 3.29
N11 PTE L . -21.28 -22.95 4.10
C12 PTE L . -21.31 -24.05 4.89
N13 PTE L . -22.32 -24.96 4.78
C14 PTE L . -22.08 -26.39 5.02
O2 PTE L . -23.06 -26.64 5.99
C21 PTE L . -19.75 -26.62 11.45
C22 PTE L . -19.27 -27.87 12.19
C23 PTE L . -19.37 -28.94 11.09
S23 PTE L . -18.06 -29.23 9.99
C24 PTE L . -20.20 -30.03 11.43
S24 PTE L . -20.34 -31.30 10.31
C25 PTE L . -20.97 -30.28 12.75
N26 PTE L . -22.33 -29.68 12.65
C27 PTE L . -23.20 -29.59 13.71
C28 PTE L . -24.63 -29.38 13.65
O28 PTE L . -25.29 -29.17 12.41
N29 PTE L . -25.30 -29.31 14.84
C30 PTE L . -24.75 -29.42 16.09
N30 PTE L . -25.58 -29.52 17.16
N31 PTE L . -23.39 -29.46 16.19
C32 PTE L . -22.62 -29.57 15.05
N33 PTE L . -21.26 -29.59 15.05
C34 PTE L . -20.39 -29.37 13.88
O22 PTE L . -19.96 -28.10 13.42
P1 PTE L . -25.72 -26.03 8.66
O1P PTE L . -24.45 -25.10 9.00
O2P PTE L . -26.98 -25.44 7.85
O3P PTE L . -26.11 -26.74 9.91
O4P PTE L . -25.23 -27.11 7.55
P2 PTE L . -20.39 -24.21 12.06
O5P PTE L . -21.94 -24.65 12.16
O6P PTE L . -19.79 -23.28 13.19
O7P PTE L . -20.05 -23.71 10.73
O8P PTE L . -19.55 -25.51 12.34
MG1 PTE L . -23.16 -24.84 10.54
CA CA M . -12.51 24.63 11.15
FE1 SF4 N . -20.57 27.65 7.84
FE2 SF4 N . -21.09 30.24 8.20
FE3 SF4 N . -18.90 29.51 6.81
FE4 SF4 N . -21.37 29.15 5.80
S1 SF4 N . -20.36 31.18 6.21
S2 SF4 N . -19.64 27.62 5.73
S3 SF4 N . -22.62 28.63 7.67
S4 SF4 N . -19.29 29.10 9.06
C1 GUA O . -16.92 37.53 12.96
C2 GUA O . -15.98 37.86 11.82
C3 GUA O . -14.84 36.86 11.69
C4 GUA O . -14.05 36.78 12.96
C5 GUA O . -12.70 36.19 12.75
O1 GUA O . -16.44 37.20 14.06
O2 GUA O . -18.14 37.61 12.76
O3 GUA O . -12.29 35.34 13.56
O4 GUA O . -12.04 36.56 11.74
C1 PTE P . -15.43 29.52 18.06
C2 PTE P . -13.94 29.50 17.70
C3 PTE P . -13.46 30.15 16.35
S3 PTE P . -14.32 31.49 15.66
C4 PTE P . -12.48 29.50 15.58
S4 PTE P . -12.27 29.83 13.90
W1 PTE P . -13.52 31.88 13.41
C5 PTE P . -11.96 28.13 16.04
N6 PTE P . -12.55 26.88 15.48
C7 PTE P . -11.89 25.70 15.62
C8 PTE P . -11.73 24.67 14.64
O8 PTE P . -12.02 24.90 13.29
N9 PTE P . -11.31 23.43 15.11
C10 PTE P . -10.59 23.24 16.28
N10 PTE P . -9.92 22.11 16.56
N11 PTE P . -10.55 24.31 17.14
C12 PTE P . -11.27 25.47 16.91
N13 PTE P . -11.35 26.49 17.83
C14 PTE P . -11.92 27.82 17.59
O2 PTE P . -13.06 28.46 18.05
C21 PTE P . -16.84 28.39 12.64
C22 PTE P . -17.28 29.64 11.87
C23 PTE P . -16.32 30.58 12.57
S23 PTE P . -14.81 30.67 11.77
C24 PTE P . -16.81 31.72 13.17
S24 PTE P . -15.67 32.96 13.39
C25 PTE P . -18.27 32.17 13.19
N26 PTE P . -18.79 31.61 14.47
C27 PTE P . -20.13 31.43 14.76
C28 PTE P . -20.75 31.34 16.05
O28 PTE P . -19.96 31.37 17.20
N29 PTE P . -22.13 31.17 16.13
C30 PTE P . -22.95 31.30 15.06
N30 PTE P . -24.26 31.36 15.21
N31 PTE P . -22.43 31.37 13.81
C32 PTE P . -21.07 31.41 13.63
N33 PTE P . -20.53 31.53 12.38
C34 PTE P . -19.09 31.41 12.10
O22 PTE P . -18.61 30.09 11.99
P1 PTE P . -16.95 27.86 19.24
O1P PTE P . -16.62 26.76 18.14
O2P PTE P . -16.90 27.14 20.67
O3P PTE P . -18.22 28.54 18.95
O4P PTE P . -15.67 28.74 19.21
P2 PTE P . -17.73 26.02 13.02
O5P PTE P . -18.31 26.39 14.48
O6P PTE P . -18.74 25.20 12.09
O7P PTE P . -16.34 25.51 13.08
O8P PTE P . -17.86 27.43 12.32
MG1 PTE P . -17.40 26.51 16.29
CA CA Q . 14.05 23.35 -11.55
FE1 SF4 R . 22.41 26.16 -8.49
FE2 SF4 R . 23.08 28.70 -8.91
FE3 SF4 R . 20.90 28.09 -7.46
FE4 SF4 R . 23.37 27.63 -6.45
S1 SF4 R . 22.46 29.70 -6.92
S2 SF4 R . 21.56 26.19 -6.34
S3 SF4 R . 24.54 27.02 -8.34
S4 SF4 R . 21.20 27.65 -9.72
C1 GUA S . 19.24 36.05 -14.05
C2 GUA S . 18.32 36.60 -12.97
C3 GUA S . 17.17 35.68 -12.63
C4 GUA S . 16.38 35.35 -13.87
C5 GUA S . 15.03 34.82 -13.54
O1 GUA S . 18.75 35.50 -15.07
O2 GUA S . 20.48 36.18 -13.88
O3 GUA S . 14.62 33.81 -14.17
O4 GUA S . 14.36 35.40 -12.66
C1 PTE T . 17.10 27.87 -18.58
C2 PTE T . 15.63 27.82 -18.21
C3 PTE T . 15.42 28.40 -16.78
S3 PTE T . 15.98 29.99 -16.45
C4 PTE T . 14.45 27.88 -15.88
S4 PTE T . 14.09 28.55 -14.31
W1 PTE T . 15.56 30.51 -14.08
C5 PTE T . 13.62 26.64 -16.30
N6 PTE T . 14.23 25.41 -15.73
C7 PTE T . 13.59 24.24 -15.94
C8 PTE T . 13.29 23.24 -14.98
O8 PTE T . 13.54 23.60 -13.66
N9 PTE T . 12.70 22.06 -15.42
C10 PTE T . 12.15 21.88 -16.67
N10 PTE T . 11.40 20.84 -17.04
N11 PTE T . 12.31 22.87 -17.57
C12 PTE T . 13.03 23.99 -17.27
N13 PTE T . 13.08 25.03 -18.15
C14 PTE T . 13.57 26.38 -17.83
O2 PTE T . 14.88 26.66 -18.29
C21 PTE T . 18.57 26.72 -13.24
C22 PTE T . 19.12 27.98 -12.57
C23 PTE T . 18.22 29.17 -12.99
S23 PTE T . 16.70 29.36 -12.27
C24 PTE T . 18.78 30.33 -13.57
S24 PTE T . 17.74 31.56 -14.14
C25 PTE T . 20.28 30.43 -13.86
N26 PTE T . 20.70 29.73 -15.11
C27 PTE T . 22.02 29.65 -15.46
C28 PTE T . 22.53 29.51 -16.78
O28 PTE T . 21.54 29.58 -17.76
N29 PTE T . 23.87 29.27 -16.95
C30 PTE T . 24.82 29.37 -15.91
N30 PTE T . 26.14 29.51 -16.03
N31 PTE T . 24.35 29.43 -14.64
C32 PTE T . 23.02 29.59 -14.40
N33 PTE T . 22.53 29.55 -13.12
C34 PTE T . 21.10 29.62 -12.77
O22 PTE T . 20.47 28.36 -12.69
P1 PTE T . 18.54 26.07 -19.86
O1P PTE T . 18.31 24.98 -18.71
O2P PTE T . 18.25 25.46 -21.31
O3P PTE T . 19.84 26.72 -19.67
O4P PTE T . 17.37 27.17 -19.79
P2 PTE T . 19.48 24.31 -13.64
O5P PTE T . 20.06 24.77 -15.06
O6P PTE T . 20.33 23.52 -12.56
O7P PTE T . 18.11 23.79 -13.82
O8P PTE T . 19.47 25.69 -12.84
MG1 PTE T . 19.08 24.83 -16.85
#